data_9HKM
#
_entry.id   9HKM
#
_cell.length_a   1.00
_cell.length_b   1.00
_cell.length_c   1.00
_cell.angle_alpha   90.00
_cell.angle_beta   90.00
_cell.angle_gamma   90.00
#
_symmetry.space_group_name_H-M   'P 1'
#
loop_
_entity.id
_entity.type
_entity.pdbx_description
1 polymer 'Glycine betaine transporter BetP'
2 non-polymer '(1S)-2-{[{[(2R)-2,3-DIHYDROXYPROPYL]OXY}(HYDROXY)PHOSPHORYL]OXY}-1-[(PALMITOYLOXY)METHYL]ETHYL STEARATE'
3 non-polymer 'GAMMA-AMINO-BUTANOIC ACID'
4 non-polymer DODECYL-BETA-D-MALTOSIDE
#
_entity_poly.entity_id   1
_entity_poly.type   'polypeptide(L)'
_entity_poly.pdbx_seq_one_letter_code
;WSHPQFEKMTTSDPNPKPIVEDAQPEQITATEELAGLLENPTNLEGKLADAEEEIILEGEDTQASLNWSVIVPALVIVLA
TVVWGIGFKDSFTNFASSALSAVVDNLGWAFILFGTVFVFFIVVIAASKFGTIRLGRIDEAPEFRTVSWISMMFAAGEGI
GLMFYGTTEPLTFYRNGVPGHDEHNVGVAMSTTMFHWTLHPWAIYAIVGLAIAYSTFRVGRKQLLSSAFVPLIGEKGAEG
WLGKLIDILAIIATVFGTACSLGLGALQIGAGLSAANIIEDPSDWTIVGIVSVLTLAFIFSAISGVGKGIQYLSNANMVL
AALLAIFVFVVGPTVSILNLLPGSIGNYLSNFFQMAGRTAMSADGTAGEWLGSWTIFYWAWWISWSPFVGMFLARISRGR
SIREFILGVLLVPAGVSTVWFSIFGGTAIVFEQNGESIWGDGAAEEQLFGLLHALPGGQIMGIIAMILLGTFFITSADSA
STVMGTMSQHGQLEANKWVTAAWGVATAAIGLTLLLSGGDNALSNLQNVTIVAATPFLFVVIGLMFALVKDLSNDVIYLE
YREQQRFNARLARERRVHNEHRKRELAAKRRRERKASGAGKRR
;
_entity_poly.pdbx_strand_id   A,B,C
#
# COMPACT_ATOMS: atom_id res chain seq x y z
N ALA A 64 -42.59 -21.48 -17.07
CA ALA A 64 -42.40 -20.07 -17.35
C ALA A 64 -42.40 -19.82 -18.86
N SER A 65 -43.31 -18.96 -19.30
CA SER A 65 -43.41 -18.62 -20.72
C SER A 65 -42.17 -17.85 -21.17
N LEU A 66 -41.85 -17.98 -22.45
CA LEU A 66 -40.71 -17.29 -23.01
C LEU A 66 -40.96 -15.78 -23.06
N ASN A 67 -39.90 -15.02 -22.81
CA ASN A 67 -39.98 -13.56 -22.79
C ASN A 67 -39.63 -13.03 -24.17
N TRP A 68 -40.61 -13.08 -25.07
CA TRP A 68 -40.39 -12.63 -26.44
C TRP A 68 -40.09 -11.13 -26.51
N SER A 69 -40.49 -10.37 -25.49
CA SER A 69 -40.17 -8.94 -25.47
C SER A 69 -38.69 -8.70 -25.22
N VAL A 70 -37.99 -9.68 -24.65
CA VAL A 70 -36.55 -9.57 -24.43
C VAL A 70 -35.77 -10.30 -25.51
N ILE A 71 -36.27 -11.45 -25.98
CA ILE A 71 -35.54 -12.22 -26.97
C ILE A 71 -35.38 -11.43 -28.26
N VAL A 72 -36.47 -10.84 -28.75
CA VAL A 72 -36.42 -10.16 -30.05
C VAL A 72 -35.43 -9.01 -30.05
N PRO A 73 -35.51 -8.03 -29.14
CA PRO A 73 -34.52 -6.93 -29.18
C PRO A 73 -33.09 -7.42 -29.11
N ALA A 74 -32.81 -8.44 -28.30
CA ALA A 74 -31.46 -8.99 -28.24
C ALA A 74 -31.14 -9.85 -29.45
N LEU A 75 -32.16 -10.46 -30.06
CA LEU A 75 -31.93 -11.36 -31.18
C LEU A 75 -31.61 -10.61 -32.47
N VAL A 76 -32.38 -9.56 -32.77
CA VAL A 76 -32.15 -8.84 -34.03
C VAL A 76 -30.81 -8.12 -34.01
N ILE A 77 -30.38 -7.63 -32.84
CA ILE A 77 -29.05 -7.03 -32.76
C ILE A 77 -28.00 -8.08 -33.06
N VAL A 78 -28.17 -9.29 -32.53
CA VAL A 78 -27.27 -10.38 -32.87
C VAL A 78 -27.37 -10.71 -34.36
N LEU A 79 -28.60 -10.85 -34.87
CA LEU A 79 -28.78 -11.19 -36.28
C LEU A 79 -28.27 -10.06 -37.18
N ALA A 80 -28.51 -8.82 -36.79
CA ALA A 80 -28.04 -7.70 -37.61
C ALA A 80 -26.53 -7.68 -37.71
N THR A 81 -25.83 -8.03 -36.63
CA THR A 81 -24.37 -8.06 -36.66
C THR A 81 -23.87 -9.11 -37.65
N VAL A 82 -24.52 -10.27 -37.69
CA VAL A 82 -24.08 -11.34 -38.58
C VAL A 82 -24.21 -10.91 -40.04
N VAL A 83 -25.38 -10.40 -40.43
CA VAL A 83 -25.58 -9.99 -41.81
C VAL A 83 -24.66 -8.84 -42.17
N TRP A 84 -24.53 -7.86 -41.27
CA TRP A 84 -23.67 -6.72 -41.54
C TRP A 84 -22.21 -7.15 -41.67
N GLY A 85 -21.76 -8.06 -40.81
CA GLY A 85 -20.35 -8.43 -40.80
C GLY A 85 -19.95 -9.46 -41.83
N ILE A 86 -20.91 -10.11 -42.47
CA ILE A 86 -20.59 -11.14 -43.47
C ILE A 86 -20.65 -10.57 -44.88
N GLY A 87 -21.73 -9.87 -45.22
CA GLY A 87 -21.90 -9.37 -46.56
C GLY A 87 -21.23 -8.03 -46.81
N PHE A 88 -20.85 -7.34 -45.74
CA PHE A 88 -20.29 -6.00 -45.79
C PHE A 88 -19.08 -5.88 -44.90
N LYS A 89 -18.14 -6.82 -45.06
CA LYS A 89 -16.96 -6.86 -44.20
C LYS A 89 -16.26 -5.50 -44.15
N ASP A 90 -16.15 -4.83 -45.31
CA ASP A 90 -15.42 -3.57 -45.34
C ASP A 90 -16.11 -2.52 -44.48
N SER A 91 -17.44 -2.43 -44.57
CA SER A 91 -18.16 -1.44 -43.78
C SER A 91 -18.15 -1.79 -42.30
N PHE A 92 -18.27 -3.08 -41.98
CA PHE A 92 -18.31 -3.49 -40.58
C PHE A 92 -17.00 -3.14 -39.87
N THR A 93 -15.87 -3.44 -40.50
CA THR A 93 -14.58 -3.14 -39.87
C THR A 93 -14.39 -1.64 -39.70
N ASN A 94 -14.82 -0.85 -40.67
CA ASN A 94 -14.68 0.60 -40.57
C ASN A 94 -15.50 1.15 -39.41
N PHE A 95 -16.72 0.66 -39.23
CA PHE A 95 -17.53 1.10 -38.10
C PHE A 95 -16.92 0.67 -36.77
N ALA A 96 -16.43 -0.56 -36.70
CA ALA A 96 -15.85 -1.06 -35.46
C ALA A 96 -14.63 -0.24 -35.06
N SER A 97 -13.78 0.09 -36.03
CA SER A 97 -12.62 0.94 -35.75
C SER A 97 -13.04 2.34 -35.36
N SER A 98 -13.99 2.93 -36.10
CA SER A 98 -14.47 4.27 -35.76
C SER A 98 -15.15 4.28 -34.40
N ALA A 99 -16.00 3.29 -34.13
CA ALA A 99 -16.69 3.23 -32.85
C ALA A 99 -15.74 2.90 -31.71
N LEU A 100 -14.70 2.10 -31.99
CA LEU A 100 -13.73 1.78 -30.96
C LEU A 100 -12.98 3.03 -30.51
N SER A 101 -12.59 3.89 -31.46
CA SER A 101 -11.90 5.12 -31.11
C SER A 101 -12.77 6.03 -30.27
N ALA A 102 -14.06 6.14 -30.63
CA ALA A 102 -14.97 6.98 -29.86
C ALA A 102 -15.15 6.46 -28.45
N VAL A 103 -15.28 5.13 -28.30
CA VAL A 103 -15.47 4.56 -26.96
C VAL A 103 -14.20 4.68 -26.14
N VAL A 104 -13.06 4.34 -26.73
CA VAL A 104 -11.80 4.37 -25.97
C VAL A 104 -11.44 5.80 -25.58
N ASP A 105 -11.58 6.74 -26.52
CA ASP A 105 -11.21 8.12 -26.23
C ASP A 105 -12.12 8.73 -25.18
N ASN A 106 -13.43 8.58 -25.34
CA ASN A 106 -14.38 9.32 -24.52
C ASN A 106 -14.80 8.59 -23.26
N LEU A 107 -14.62 7.26 -23.20
CA LEU A 107 -15.04 6.48 -22.04
C LEU A 107 -13.94 5.62 -21.49
N GLY A 108 -12.72 5.71 -22.01
CA GLY A 108 -11.63 4.94 -21.45
C GLY A 108 -11.37 5.29 -19.99
N TRP A 109 -11.60 6.54 -19.62
CA TRP A 109 -11.48 6.94 -18.22
C TRP A 109 -12.49 6.21 -17.35
N ALA A 110 -13.72 6.04 -17.85
CA ALA A 110 -14.76 5.39 -17.07
C ALA A 110 -14.43 3.93 -16.80
N PHE A 111 -13.91 3.23 -17.80
CA PHE A 111 -13.49 1.86 -17.60
C PHE A 111 -12.38 1.77 -16.57
N ILE A 112 -11.41 2.68 -16.65
CA ILE A 112 -10.26 2.65 -15.75
C ILE A 112 -10.65 3.13 -14.35
N LEU A 113 -11.45 4.19 -14.27
CA LEU A 113 -11.86 4.69 -12.96
C LEU A 113 -12.64 3.64 -12.18
N PHE A 114 -13.65 3.05 -12.79
CA PHE A 114 -14.57 2.18 -12.08
C PHE A 114 -14.08 0.75 -12.02
N GLY A 115 -13.09 0.37 -12.82
CA GLY A 115 -12.49 -0.94 -12.66
C GLY A 115 -11.87 -1.11 -11.28
N THR A 116 -11.22 -0.06 -10.78
CA THR A 116 -10.60 -0.08 -9.46
C THR A 116 -11.56 0.31 -8.35
N VAL A 117 -12.64 1.02 -8.67
CA VAL A 117 -13.70 1.25 -7.69
C VAL A 117 -14.44 -0.05 -7.38
N PHE A 118 -14.57 -0.96 -8.34
CA PHE A 118 -15.16 -2.26 -8.06
C PHE A 118 -14.31 -3.05 -7.06
N VAL A 119 -12.99 -2.97 -7.18
CA VAL A 119 -12.12 -3.71 -6.27
C VAL A 119 -12.26 -3.18 -4.86
N PHE A 120 -12.27 -1.85 -4.71
CA PHE A 120 -12.45 -1.25 -3.38
C PHE A 120 -13.83 -1.54 -2.83
N PHE A 121 -14.86 -1.42 -3.66
CA PHE A 121 -16.23 -1.62 -3.20
C PHE A 121 -16.42 -3.03 -2.66
N ILE A 122 -15.95 -4.04 -3.40
CA ILE A 122 -16.20 -5.42 -3.00
C ILE A 122 -15.38 -5.79 -1.78
N VAL A 123 -14.19 -5.21 -1.63
CA VAL A 123 -13.40 -5.46 -0.42
C VAL A 123 -14.04 -4.78 0.77
N VAL A 124 -14.55 -3.55 0.59
CA VAL A 124 -15.21 -2.82 1.67
C VAL A 124 -16.52 -3.46 2.09
N ILE A 125 -17.17 -4.21 1.21
CA ILE A 125 -18.40 -4.91 1.55
C ILE A 125 -18.12 -6.18 2.34
N ALA A 126 -17.05 -6.90 2.00
CA ALA A 126 -16.72 -8.12 2.73
C ALA A 126 -16.26 -7.80 4.15
N ALA A 127 -15.52 -6.70 4.34
CA ALA A 127 -15.01 -6.35 5.65
C ALA A 127 -16.02 -5.61 6.52
N SER A 128 -17.16 -5.22 5.97
CA SER A 128 -18.14 -4.45 6.71
C SER A 128 -19.05 -5.40 7.49
N LYS A 129 -20.12 -4.86 8.07
CA LYS A 129 -21.09 -5.68 8.79
C LYS A 129 -21.86 -6.60 7.86
N PHE A 130 -21.85 -6.32 6.55
CA PHE A 130 -22.54 -7.18 5.59
C PHE A 130 -21.84 -8.51 5.39
N GLY A 131 -20.55 -8.60 5.74
CA GLY A 131 -19.81 -9.82 5.53
C GLY A 131 -20.41 -11.03 6.21
N THR A 132 -21.22 -10.82 7.25
CA THR A 132 -21.82 -11.91 8.00
C THR A 132 -23.17 -12.35 7.44
N ILE A 133 -23.75 -11.59 6.50
CA ILE A 133 -25.03 -11.97 5.93
C ILE A 133 -24.87 -13.26 5.14
N ARG A 134 -25.86 -14.14 5.24
CA ARG A 134 -25.85 -15.43 4.58
C ARG A 134 -26.69 -15.38 3.31
N LEU A 135 -26.18 -15.99 2.24
CA LEU A 135 -26.87 -16.03 0.95
C LEU A 135 -27.89 -17.16 0.98
N GLY A 136 -29.04 -16.86 1.56
CA GLY A 136 -30.09 -17.84 1.73
C GLY A 136 -30.85 -17.55 3.01
N ARG A 137 -31.81 -18.43 3.29
CA ARG A 137 -32.53 -18.31 4.55
C ARG A 137 -31.55 -18.42 5.70
N ILE A 138 -31.82 -17.68 6.78
CA ILE A 138 -30.88 -17.66 7.89
C ILE A 138 -30.63 -19.08 8.39
N ASP A 139 -29.48 -19.26 9.04
CA ASP A 139 -29.04 -20.56 9.54
C ASP A 139 -29.13 -21.64 8.46
N GLU A 140 -28.73 -21.28 7.25
CA GLU A 140 -28.69 -22.21 6.13
C GLU A 140 -27.25 -22.64 5.86
N ALA A 141 -27.09 -23.91 5.46
CA ALA A 141 -25.78 -24.44 5.18
C ALA A 141 -25.58 -24.64 3.68
N PRO A 142 -24.41 -24.29 3.14
CA PRO A 142 -24.18 -24.51 1.71
C PRO A 142 -24.28 -25.99 1.35
N GLU A 143 -24.86 -26.26 0.19
CA GLU A 143 -25.02 -27.63 -0.27
C GLU A 143 -23.74 -28.23 -0.85
N PHE A 144 -22.74 -27.40 -1.11
CA PHE A 144 -21.46 -27.86 -1.65
C PHE A 144 -20.37 -27.62 -0.62
N ARG A 145 -19.53 -28.62 -0.41
CA ARG A 145 -18.40 -28.45 0.49
C ARG A 145 -17.47 -27.37 -0.03
N THR A 146 -16.72 -26.75 0.88
CA THR A 146 -15.80 -25.70 0.46
C THR A 146 -14.80 -26.21 -0.55
N VAL A 147 -14.40 -27.48 -0.45
CA VAL A 147 -13.51 -28.06 -1.46
C VAL A 147 -14.24 -28.18 -2.79
N SER A 148 -15.50 -28.63 -2.75
CA SER A 148 -16.27 -28.74 -3.99
C SER A 148 -16.60 -27.36 -4.54
N TRP A 149 -17.06 -26.45 -3.69
CA TRP A 149 -17.38 -25.10 -4.12
C TRP A 149 -16.18 -24.44 -4.78
N ILE A 150 -14.98 -24.66 -4.25
CA ILE A 150 -13.78 -24.10 -4.85
C ILE A 150 -13.50 -24.76 -6.20
N SER A 151 -13.78 -26.07 -6.30
CA SER A 151 -13.53 -26.77 -7.56
C SER A 151 -14.41 -26.24 -8.69
N MET A 152 -15.67 -25.95 -8.40
CA MET A 152 -16.57 -25.44 -9.44
C MET A 152 -16.21 -24.02 -9.85
N MET A 153 -15.40 -23.32 -9.06
CA MET A 153 -14.98 -21.98 -9.45
C MET A 153 -14.17 -22.00 -10.73
N PHE A 154 -13.43 -23.10 -10.97
CA PHE A 154 -12.60 -23.17 -12.16
C PHE A 154 -13.44 -23.13 -13.43
N ALA A 155 -14.59 -23.79 -13.43
CA ALA A 155 -15.60 -23.50 -14.44
C ALA A 155 -16.06 -22.06 -14.30
N ALA A 156 -16.42 -21.45 -15.42
CA ALA A 156 -16.70 -20.02 -15.57
C ALA A 156 -15.41 -19.21 -15.57
N GLY A 157 -14.25 -19.82 -15.38
CA GLY A 157 -13.01 -19.17 -15.73
C GLY A 157 -12.90 -19.07 -17.25
N GLU A 158 -11.96 -18.24 -17.70
CA GLU A 158 -11.85 -18.01 -19.14
C GLU A 158 -11.54 -19.31 -19.87
N GLY A 159 -10.43 -19.95 -19.53
CA GLY A 159 -10.02 -21.14 -20.23
C GLY A 159 -9.42 -20.81 -21.58
N ILE A 160 -10.24 -20.35 -22.52
CA ILE A 160 -9.71 -19.94 -23.82
C ILE A 160 -8.92 -18.65 -23.69
N GLY A 161 -9.37 -17.73 -22.84
CA GLY A 161 -8.61 -16.51 -22.61
C GLY A 161 -7.26 -16.79 -21.98
N LEU A 162 -7.23 -17.70 -20.99
CA LEU A 162 -5.97 -18.07 -20.37
C LEU A 162 -5.07 -18.80 -21.36
N MET A 163 -5.64 -19.69 -22.16
CA MET A 163 -4.84 -20.40 -23.16
C MET A 163 -4.31 -19.45 -24.22
N PHE A 164 -5.13 -18.50 -24.66
CA PHE A 164 -4.70 -17.57 -25.70
C PHE A 164 -3.63 -16.61 -25.18
N TYR A 165 -3.85 -16.01 -24.02
CA TYR A 165 -2.97 -14.99 -23.48
C TYR A 165 -2.03 -15.51 -22.41
N GLY A 166 -1.99 -16.82 -22.19
CA GLY A 166 -1.08 -17.36 -21.20
C GLY A 166 0.37 -17.08 -21.55
N THR A 167 0.71 -17.16 -22.84
CA THR A 167 2.06 -16.92 -23.34
C THR A 167 2.19 -15.56 -24.00
N THR A 168 1.18 -15.12 -24.74
CA THR A 168 1.30 -13.92 -25.54
C THR A 168 1.42 -12.67 -24.67
N GLU A 169 0.65 -12.60 -23.58
CA GLU A 169 0.57 -11.34 -22.83
C GLU A 169 1.85 -11.06 -22.06
N PRO A 170 2.28 -11.90 -21.13
CA PRO A 170 3.55 -11.61 -20.43
C PRO A 170 4.74 -11.54 -21.35
N LEU A 171 4.76 -12.31 -22.44
CA LEU A 171 5.85 -12.23 -23.40
C LEU A 171 5.84 -10.90 -24.14
N THR A 172 4.65 -10.38 -24.46
CA THR A 172 4.54 -9.11 -25.17
C THR A 172 5.06 -7.96 -24.33
N PHE A 173 4.70 -7.93 -23.04
CA PHE A 173 5.13 -6.84 -22.18
C PHE A 173 6.63 -6.89 -21.92
N TYR A 174 7.18 -8.08 -21.76
CA TYR A 174 8.62 -8.21 -21.57
C TYR A 174 9.37 -7.72 -22.81
N ARG A 175 8.92 -8.14 -23.99
CA ARG A 175 9.63 -7.80 -25.22
C ARG A 175 9.49 -6.33 -25.56
N ASN A 176 8.27 -5.80 -25.48
CA ASN A 176 7.99 -4.45 -25.91
C ASN A 176 7.84 -3.45 -24.77
N GLY A 177 7.64 -3.93 -23.55
CA GLY A 177 7.44 -3.04 -22.42
C GLY A 177 6.01 -2.53 -22.33
N VAL A 178 5.78 -1.72 -21.32
CA VAL A 178 4.48 -1.08 -21.11
C VAL A 178 4.73 0.41 -20.93
N PRO A 179 3.73 1.25 -21.20
CA PRO A 179 3.94 2.70 -21.04
C PRO A 179 4.39 3.04 -19.64
N GLY A 180 5.36 3.96 -19.56
CA GLY A 180 5.96 4.32 -18.30
C GLY A 180 7.07 3.41 -17.82
N HIS A 181 7.40 2.37 -18.58
CA HIS A 181 8.42 1.41 -18.18
C HIS A 181 9.21 0.97 -19.40
N ASP A 182 10.41 0.46 -19.15
CA ASP A 182 11.30 0.02 -20.21
C ASP A 182 11.12 -1.46 -20.48
N GLU A 183 11.74 -1.91 -21.57
CA GLU A 183 11.62 -3.30 -21.99
C GLU A 183 12.40 -4.22 -21.06
N HIS A 184 12.13 -5.52 -21.18
CA HIS A 184 12.86 -6.55 -20.45
C HIS A 184 12.75 -6.35 -18.94
N ASN A 185 11.55 -5.99 -18.49
CA ASN A 185 11.26 -5.83 -17.07
C ASN A 185 10.33 -6.99 -16.69
N VAL A 186 10.90 -7.99 -16.02
CA VAL A 186 10.13 -9.18 -15.68
C VAL A 186 9.05 -8.85 -14.67
N GLY A 187 9.37 -7.99 -13.70
CA GLY A 187 8.39 -7.63 -12.69
C GLY A 187 7.22 -6.87 -13.27
N VAL A 188 7.49 -5.96 -14.20
CA VAL A 188 6.42 -5.20 -14.83
C VAL A 188 5.63 -6.07 -15.80
N ALA A 189 6.31 -6.95 -16.53
CA ALA A 189 5.61 -7.83 -17.45
C ALA A 189 4.66 -8.76 -16.70
N MET A 190 5.09 -9.30 -15.56
CA MET A 190 4.25 -10.23 -14.82
C MET A 190 3.19 -9.52 -14.00
N SER A 191 3.50 -8.36 -13.43
CA SER A 191 2.49 -7.62 -12.69
C SER A 191 1.41 -7.06 -13.60
N THR A 192 1.79 -6.64 -14.82
CA THR A 192 0.79 -6.12 -15.75
C THR A 192 -0.18 -7.21 -16.18
N THR A 193 0.33 -8.44 -16.38
CA THR A 193 -0.54 -9.56 -16.67
C THR A 193 -1.43 -9.91 -15.50
N MET A 194 -0.89 -9.84 -14.28
CA MET A 194 -1.71 -10.07 -13.10
C MET A 194 -2.78 -9.01 -12.92
N PHE A 195 -2.50 -7.79 -13.38
CA PHE A 195 -3.48 -6.71 -13.29
C PHE A 195 -4.75 -7.04 -14.04
N HIS A 196 -4.61 -7.67 -15.21
CA HIS A 196 -5.73 -7.88 -16.12
C HIS A 196 -6.49 -9.17 -15.85
N TRP A 197 -6.04 -10.00 -14.91
CA TRP A 197 -6.57 -11.35 -14.78
C TRP A 197 -6.91 -11.80 -13.37
N THR A 198 -6.57 -11.06 -12.31
CA THR A 198 -6.68 -11.59 -10.96
C THR A 198 -7.76 -10.91 -10.12
N LEU A 199 -7.69 -9.60 -9.90
CA LEU A 199 -8.59 -8.92 -8.98
C LEU A 199 -9.65 -8.10 -9.68
N HIS A 200 -9.28 -7.35 -10.71
CA HIS A 200 -10.26 -6.52 -11.41
C HIS A 200 -11.36 -7.35 -12.07
N PRO A 201 -11.05 -8.40 -12.84
CA PRO A 201 -12.14 -9.22 -13.39
C PRO A 201 -13.05 -9.80 -12.32
N TRP A 202 -12.48 -10.36 -11.26
CA TRP A 202 -13.24 -11.10 -10.27
C TRP A 202 -13.87 -10.22 -9.21
N ALA A 203 -13.52 -8.95 -9.15
CA ALA A 203 -14.30 -8.00 -8.37
C ALA A 203 -15.58 -7.62 -9.10
N ILE A 204 -15.57 -7.64 -10.43
CA ILE A 204 -16.79 -7.44 -11.20
C ILE A 204 -17.71 -8.64 -11.07
N TYR A 205 -17.14 -9.84 -11.17
CA TYR A 205 -17.95 -11.05 -11.08
C TYR A 205 -18.54 -11.21 -9.68
N ALA A 206 -17.79 -10.83 -8.66
CA ALA A 206 -18.29 -10.90 -7.29
C ALA A 206 -19.42 -9.91 -7.06
N ILE A 207 -19.33 -8.72 -7.66
CA ILE A 207 -20.40 -7.73 -7.53
C ILE A 207 -21.67 -8.22 -8.20
N VAL A 208 -21.55 -8.70 -9.44
CA VAL A 208 -22.72 -9.16 -10.18
C VAL A 208 -23.25 -10.46 -9.59
N GLY A 209 -22.36 -11.38 -9.23
CA GLY A 209 -22.80 -12.62 -8.63
C GLY A 209 -23.43 -12.41 -7.27
N LEU A 210 -22.85 -11.52 -6.46
CA LEU A 210 -23.42 -11.24 -5.15
C LEU A 210 -24.79 -10.58 -5.26
N ALA A 211 -24.94 -9.65 -6.20
CA ALA A 211 -26.24 -8.99 -6.37
C ALA A 211 -27.31 -9.99 -6.81
N ILE A 212 -26.96 -10.91 -7.70
CA ILE A 212 -27.93 -11.92 -8.13
C ILE A 212 -28.20 -12.91 -7.01
N ALA A 213 -27.15 -13.34 -6.30
CA ALA A 213 -27.33 -14.31 -5.24
C ALA A 213 -28.20 -13.76 -4.12
N TYR A 214 -27.95 -12.51 -3.72
CA TYR A 214 -28.72 -11.93 -2.62
C TYR A 214 -30.21 -11.82 -2.98
N SER A 215 -30.52 -11.35 -4.18
CA SER A 215 -31.90 -11.11 -4.53
C SER A 215 -32.66 -12.41 -4.80
N THR A 216 -31.96 -13.46 -5.22
CA THR A 216 -32.64 -14.72 -5.53
C THR A 216 -32.88 -15.55 -4.28
N PHE A 217 -31.89 -15.63 -3.39
CA PHE A 217 -31.96 -16.50 -2.23
C PHE A 217 -32.45 -15.77 -0.98
N ARG A 218 -31.79 -14.68 -0.60
CA ARG A 218 -32.20 -13.95 0.59
C ARG A 218 -33.58 -13.32 0.40
N VAL A 219 -33.84 -12.73 -0.76
CA VAL A 219 -35.08 -11.99 -1.00
C VAL A 219 -36.11 -12.79 -1.78
N GLY A 220 -35.71 -13.88 -2.43
CA GLY A 220 -36.68 -14.70 -3.13
C GLY A 220 -37.21 -14.11 -4.42
N ARG A 221 -36.47 -13.21 -5.06
CA ARG A 221 -36.88 -12.67 -6.35
C ARG A 221 -36.55 -13.68 -7.44
N LYS A 222 -36.65 -13.26 -8.69
CA LYS A 222 -36.34 -14.13 -9.82
C LYS A 222 -34.84 -14.14 -10.10
N GLN A 223 -34.38 -15.22 -10.72
CA GLN A 223 -32.99 -15.38 -11.11
C GLN A 223 -32.74 -14.54 -12.37
N LEU A 224 -32.77 -13.22 -12.18
CA LEU A 224 -32.63 -12.27 -13.27
C LEU A 224 -31.78 -11.11 -12.81
N LEU A 225 -31.20 -10.39 -13.78
CA LEU A 225 -30.37 -9.25 -13.45
C LEU A 225 -31.22 -8.04 -13.06
N SER A 226 -32.35 -7.83 -13.74
CA SER A 226 -33.21 -6.70 -13.43
C SER A 226 -33.81 -6.81 -12.03
N SER A 227 -33.91 -8.02 -11.49
CA SER A 227 -34.42 -8.20 -10.13
C SER A 227 -33.49 -7.62 -9.08
N ALA A 228 -32.22 -7.43 -9.41
CA ALA A 228 -31.27 -6.83 -8.48
C ALA A 228 -31.38 -5.33 -8.39
N PHE A 229 -32.14 -4.70 -9.29
CA PHE A 229 -32.35 -3.25 -9.26
C PHE A 229 -33.65 -2.85 -8.59
N VAL A 230 -34.45 -3.81 -8.12
CA VAL A 230 -35.72 -3.53 -7.48
C VAL A 230 -35.54 -2.51 -6.36
N PRO A 231 -34.49 -2.59 -5.54
CA PRO A 231 -34.28 -1.53 -4.54
C PRO A 231 -34.16 -0.13 -5.14
N LEU A 232 -33.68 -0.01 -6.37
CA LEU A 232 -33.54 1.30 -7.01
C LEU A 232 -34.75 1.69 -7.86
N ILE A 233 -35.33 0.74 -8.61
CA ILE A 233 -36.39 1.04 -9.55
C ILE A 233 -37.69 0.34 -9.20
N GLY A 234 -37.77 -0.25 -8.00
CA GLY A 234 -38.99 -0.88 -7.54
C GLY A 234 -39.43 -2.06 -8.38
N GLU A 235 -40.44 -2.79 -7.90
CA GLU A 235 -40.91 -3.97 -8.63
C GLU A 235 -41.48 -3.58 -9.99
N LYS A 236 -42.20 -2.46 -10.05
CA LYS A 236 -42.75 -2.01 -11.32
C LYS A 236 -41.65 -1.72 -12.33
N GLY A 237 -40.56 -1.10 -11.88
CA GLY A 237 -39.47 -0.77 -12.80
C GLY A 237 -38.86 -1.98 -13.44
N ALA A 238 -38.64 -3.04 -12.66
CA ALA A 238 -38.02 -4.25 -13.20
C ALA A 238 -38.90 -4.90 -14.26
N GLU A 239 -40.20 -4.63 -14.24
CA GLU A 239 -41.11 -5.16 -15.24
C GLU A 239 -41.35 -4.19 -16.40
N GLY A 240 -40.88 -2.97 -16.30
CA GLY A 240 -41.05 -1.97 -17.34
C GLY A 240 -39.92 -1.96 -18.34
N TRP A 241 -39.81 -0.84 -19.05
CA TRP A 241 -38.76 -0.72 -20.06
C TRP A 241 -37.38 -0.80 -19.43
N LEU A 242 -37.19 -0.19 -18.26
CA LEU A 242 -35.87 -0.18 -17.64
C LEU A 242 -35.45 -1.59 -17.22
N GLY A 243 -36.39 -2.39 -16.70
CA GLY A 243 -36.07 -3.77 -16.38
C GLY A 243 -35.80 -4.60 -17.62
N LYS A 244 -36.60 -4.41 -18.67
CA LYS A 244 -36.36 -5.12 -19.92
C LYS A 244 -35.04 -4.70 -20.55
N LEU A 245 -34.70 -3.41 -20.46
CA LEU A 245 -33.45 -2.94 -21.04
C LEU A 245 -32.25 -3.61 -20.37
N ILE A 246 -32.29 -3.76 -19.05
CA ILE A 246 -31.18 -4.42 -18.36
C ILE A 246 -31.09 -5.88 -18.78
N ASP A 247 -32.24 -6.54 -19.00
CA ASP A 247 -32.23 -7.91 -19.48
C ASP A 247 -31.67 -8.00 -20.90
N ILE A 248 -32.06 -7.07 -21.77
CA ILE A 248 -31.57 -7.08 -23.15
C ILE A 248 -30.08 -6.81 -23.18
N LEU A 249 -29.62 -5.82 -22.42
CA LEU A 249 -28.19 -5.53 -22.36
C LEU A 249 -27.42 -6.70 -21.78
N ALA A 250 -27.98 -7.37 -20.77
CA ALA A 250 -27.29 -8.50 -20.15
C ALA A 250 -27.10 -9.64 -21.14
N ILE A 251 -28.11 -9.90 -21.98
CA ILE A 251 -27.97 -10.94 -23.00
C ILE A 251 -26.95 -10.52 -24.05
N ILE A 252 -27.06 -9.29 -24.55
CA ILE A 252 -26.16 -8.83 -25.59
C ILE A 252 -24.72 -8.85 -25.08
N ALA A 253 -24.50 -8.41 -23.85
CA ALA A 253 -23.16 -8.45 -23.28
C ALA A 253 -22.63 -9.88 -23.19
N THR A 254 -23.49 -10.81 -22.76
CA THR A 254 -23.06 -12.20 -22.64
C THR A 254 -22.75 -12.79 -24.01
N VAL A 255 -23.54 -12.45 -25.02
CA VAL A 255 -23.33 -13.01 -26.36
C VAL A 255 -21.99 -12.55 -26.93
N PHE A 256 -21.69 -11.26 -26.80
CA PHE A 256 -20.44 -10.72 -27.34
C PHE A 256 -19.24 -11.06 -26.47
N GLY A 257 -19.42 -11.12 -25.15
CA GLY A 257 -18.34 -11.62 -24.31
C GLY A 257 -18.04 -13.08 -24.59
N THR A 258 -19.08 -13.87 -24.87
CA THR A 258 -18.87 -15.28 -25.19
C THR A 258 -18.35 -15.47 -26.61
N ALA A 259 -18.84 -14.66 -27.55
CA ALA A 259 -18.36 -14.76 -28.92
C ALA A 259 -16.87 -14.48 -29.01
N CYS A 260 -16.38 -13.52 -28.22
CA CYS A 260 -14.96 -13.21 -28.23
C CYS A 260 -14.13 -14.40 -27.79
N SER A 261 -14.53 -15.07 -26.70
CA SER A 261 -13.80 -16.25 -26.25
C SER A 261 -13.87 -17.37 -27.28
N LEU A 262 -15.04 -17.58 -27.89
CA LEU A 262 -15.15 -18.58 -28.94
C LEU A 262 -14.32 -18.21 -30.15
N GLY A 263 -14.30 -16.92 -30.52
CA GLY A 263 -13.49 -16.50 -31.64
C GLY A 263 -12.00 -16.68 -31.39
N LEU A 264 -11.55 -16.39 -30.16
CA LEU A 264 -10.16 -16.66 -29.82
C LEU A 264 -9.87 -18.15 -29.87
N GLY A 265 -10.84 -18.98 -29.47
CA GLY A 265 -10.61 -20.42 -29.49
C GLY A 265 -10.44 -20.98 -30.89
N ALA A 266 -11.28 -20.55 -31.82
CA ALA A 266 -11.15 -21.02 -33.20
C ALA A 266 -9.92 -20.45 -33.88
N LEU A 267 -9.52 -19.23 -33.51
CA LEU A 267 -8.28 -18.67 -34.04
C LEU A 267 -7.07 -19.49 -33.61
N GLN A 268 -7.04 -19.92 -32.35
CA GLN A 268 -5.91 -20.70 -31.87
C GLN A 268 -5.93 -22.13 -32.39
N ILE A 269 -7.12 -22.73 -32.55
CA ILE A 269 -7.19 -24.08 -33.10
C ILE A 269 -6.65 -24.11 -34.51
N GLY A 270 -7.02 -23.12 -35.32
CA GLY A 270 -6.46 -23.04 -36.67
C GLY A 270 -4.95 -22.92 -36.65
N ALA A 271 -4.40 -22.16 -35.71
CA ALA A 271 -2.96 -22.05 -35.57
C ALA A 271 -2.35 -23.39 -35.14
N GLY A 272 -3.01 -24.10 -34.23
CA GLY A 272 -2.50 -25.38 -33.80
C GLY A 272 -2.47 -26.41 -34.92
N LEU A 273 -3.50 -26.41 -35.76
CA LEU A 273 -3.54 -27.36 -36.88
C LEU A 273 -2.38 -27.12 -37.83
N SER A 274 -2.13 -25.85 -38.17
CA SER A 274 -0.99 -25.53 -39.03
C SER A 274 0.33 -25.89 -38.35
N ALA A 275 0.45 -25.60 -37.07
CA ALA A 275 1.68 -25.91 -36.35
C ALA A 275 1.94 -27.39 -36.26
N ALA A 276 0.90 -28.22 -36.27
CA ALA A 276 1.05 -29.67 -36.26
C ALA A 276 1.12 -30.27 -37.66
N ASN A 277 1.16 -29.44 -38.70
CA ASN A 277 1.28 -29.85 -40.09
C ASN A 277 0.06 -30.62 -40.57
N ILE A 278 -1.04 -30.59 -39.83
CA ILE A 278 -2.25 -31.27 -40.27
C ILE A 278 -2.80 -30.61 -41.52
N ILE A 279 -2.77 -29.27 -41.56
CA ILE A 279 -3.22 -28.49 -42.71
C ILE A 279 -2.11 -27.52 -43.09
N GLU A 280 -2.12 -27.12 -44.37
CA GLU A 280 -1.10 -26.20 -44.87
C GLU A 280 -1.17 -24.85 -44.17
N ASP A 281 -2.37 -24.28 -44.06
CA ASP A 281 -2.56 -22.97 -43.46
C ASP A 281 -4.01 -22.83 -43.05
N PRO A 282 -4.32 -21.93 -42.11
CA PRO A 282 -5.72 -21.71 -41.66
C PRO A 282 -6.48 -20.73 -42.55
N SER A 283 -6.96 -21.23 -43.69
CA SER A 283 -7.71 -20.40 -44.61
C SER A 283 -9.03 -19.96 -43.97
N ASP A 284 -9.78 -19.14 -44.70
CA ASP A 284 -11.07 -18.70 -44.20
C ASP A 284 -12.02 -19.87 -44.02
N TRP A 285 -12.01 -20.81 -44.96
CA TRP A 285 -12.87 -21.99 -44.82
C TRP A 285 -12.41 -22.90 -43.70
N THR A 286 -11.12 -22.90 -43.36
CA THR A 286 -10.64 -23.70 -42.24
C THR A 286 -11.27 -23.23 -40.94
N ILE A 287 -11.38 -21.91 -40.74
CA ILE A 287 -12.01 -21.39 -39.53
C ILE A 287 -13.50 -21.74 -39.51
N VAL A 288 -14.14 -21.74 -40.68
CA VAL A 288 -15.54 -22.15 -40.74
C VAL A 288 -15.70 -23.60 -40.32
N GLY A 289 -14.80 -24.47 -40.79
CA GLY A 289 -14.89 -25.87 -40.42
C GLY A 289 -14.73 -26.09 -38.93
N ILE A 290 -13.80 -25.36 -38.30
CA ILE A 290 -13.60 -25.50 -36.86
C ILE A 290 -14.85 -25.10 -36.10
N VAL A 291 -15.44 -23.96 -36.46
CA VAL A 291 -16.62 -23.47 -35.73
C VAL A 291 -17.82 -24.36 -36.00
N SER A 292 -17.97 -24.82 -37.25
CA SER A 292 -19.09 -25.69 -37.58
C SER A 292 -18.99 -27.02 -36.83
N VAL A 293 -17.80 -27.60 -36.76
CA VAL A 293 -17.65 -28.88 -36.08
C VAL A 293 -17.91 -28.74 -34.59
N LEU A 294 -17.36 -27.69 -33.97
CA LEU A 294 -17.52 -27.53 -32.53
C LEU A 294 -18.91 -27.06 -32.15
N THR A 295 -19.55 -26.22 -32.97
CA THR A 295 -20.91 -25.79 -32.64
C THR A 295 -21.90 -26.94 -32.81
N LEU A 296 -21.68 -27.83 -33.78
CA LEU A 296 -22.52 -29.01 -33.91
C LEU A 296 -22.41 -29.90 -32.67
N ALA A 297 -21.19 -30.11 -32.18
CA ALA A 297 -21.02 -30.94 -30.99
C ALA A 297 -21.72 -30.33 -29.80
N PHE A 298 -21.73 -28.99 -29.70
CA PHE A 298 -22.48 -28.34 -28.63
C PHE A 298 -23.98 -28.61 -28.78
N ILE A 299 -24.48 -28.61 -30.01
CA ILE A 299 -25.90 -28.84 -30.24
C ILE A 299 -26.29 -30.23 -29.77
N PHE A 300 -25.49 -31.24 -30.12
CA PHE A 300 -25.84 -32.62 -29.79
C PHE A 300 -26.02 -32.80 -28.28
N SER A 301 -25.12 -32.22 -27.50
CA SER A 301 -25.22 -32.35 -26.05
C SER A 301 -26.51 -31.72 -25.53
N ALA A 302 -26.88 -30.55 -26.06
CA ALA A 302 -28.08 -29.87 -25.59
C ALA A 302 -29.34 -30.58 -26.06
N ILE A 303 -29.39 -30.95 -27.34
CA ILE A 303 -30.60 -31.58 -27.88
C ILE A 303 -30.82 -32.95 -27.25
N SER A 304 -29.77 -33.77 -27.18
CA SER A 304 -29.95 -35.13 -26.71
C SER A 304 -30.52 -35.20 -25.31
N GLY A 305 -30.33 -34.17 -24.50
CA GLY A 305 -30.79 -34.17 -23.14
C GLY A 305 -29.95 -34.96 -22.17
N VAL A 306 -28.82 -35.52 -22.63
CA VAL A 306 -27.92 -36.29 -21.79
C VAL A 306 -26.88 -35.33 -21.24
N GLY A 307 -27.03 -34.96 -19.97
CA GLY A 307 -26.04 -34.11 -19.33
C GLY A 307 -24.74 -34.80 -19.02
N LYS A 308 -24.70 -36.14 -19.12
CA LYS A 308 -23.46 -36.87 -18.90
C LYS A 308 -22.36 -36.37 -19.83
N GLY A 309 -22.72 -35.97 -21.05
CA GLY A 309 -21.72 -35.54 -22.01
C GLY A 309 -20.99 -34.28 -21.57
N ILE A 310 -21.74 -33.28 -21.11
CA ILE A 310 -21.11 -32.01 -20.76
C ILE A 310 -20.29 -32.15 -19.48
N GLN A 311 -20.84 -32.81 -18.46
CA GLN A 311 -20.08 -32.98 -17.23
C GLN A 311 -18.81 -33.78 -17.49
N TYR A 312 -18.86 -34.73 -18.42
CA TYR A 312 -17.66 -35.45 -18.81
C TYR A 312 -16.67 -34.51 -19.50
N LEU A 313 -17.19 -33.59 -20.33
CA LEU A 313 -16.33 -32.59 -20.95
C LEU A 313 -15.76 -31.62 -19.93
N SER A 314 -16.58 -31.21 -18.96
CA SER A 314 -16.11 -30.25 -17.96
C SER A 314 -14.97 -30.84 -17.14
N ASN A 315 -15.05 -32.13 -16.80
CA ASN A 315 -13.95 -32.78 -16.09
C ASN A 315 -12.70 -32.85 -16.96
N ALA A 316 -12.86 -33.15 -18.24
CA ALA A 316 -11.71 -33.20 -19.14
C ALA A 316 -11.01 -31.85 -19.20
N ASN A 317 -11.75 -30.75 -19.07
CA ASN A 317 -11.13 -29.44 -19.09
C ASN A 317 -10.14 -29.29 -17.93
N MET A 318 -10.54 -29.70 -16.73
CA MET A 318 -9.65 -29.61 -15.59
C MET A 318 -8.47 -30.58 -15.74
N VAL A 319 -8.74 -31.79 -16.22
CA VAL A 319 -7.68 -32.78 -16.37
C VAL A 319 -6.68 -32.33 -17.43
N LEU A 320 -7.18 -31.86 -18.58
CA LEU A 320 -6.29 -31.47 -19.66
C LEU A 320 -5.58 -30.16 -19.37
N ALA A 321 -6.27 -29.23 -18.70
CA ALA A 321 -5.63 -27.96 -18.33
C ALA A 321 -4.53 -28.18 -17.31
N ALA A 322 -4.81 -28.97 -16.28
CA ALA A 322 -3.79 -29.27 -15.28
C ALA A 322 -2.67 -30.12 -15.86
N LEU A 323 -3.00 -31.02 -16.78
CA LEU A 323 -1.98 -31.81 -17.45
C LEU A 323 -1.06 -30.92 -18.28
N LEU A 324 -1.64 -29.98 -19.03
CA LEU A 324 -0.82 -29.07 -19.83
C LEU A 324 0.07 -28.21 -18.94
N ALA A 325 -0.48 -27.69 -17.85
CA ALA A 325 0.29 -26.81 -16.97
C ALA A 325 1.42 -27.57 -16.29
N ILE A 326 1.16 -28.80 -15.84
CA ILE A 326 2.18 -29.59 -15.18
C ILE A 326 3.30 -29.97 -16.15
N PHE A 327 2.95 -30.23 -17.40
CA PHE A 327 3.96 -30.60 -18.39
C PHE A 327 4.94 -29.46 -18.60
N VAL A 328 4.44 -28.23 -18.75
CA VAL A 328 5.32 -27.08 -18.92
C VAL A 328 6.08 -26.80 -17.63
N PHE A 329 5.44 -27.00 -16.49
CA PHE A 329 6.09 -26.76 -15.21
C PHE A 329 7.28 -27.70 -15.04
N VAL A 330 7.12 -28.96 -15.41
CA VAL A 330 8.15 -29.96 -15.17
C VAL A 330 9.22 -29.91 -16.25
N VAL A 331 8.80 -29.89 -17.51
CA VAL A 331 9.77 -29.90 -18.62
C VAL A 331 10.35 -28.52 -18.87
N GLY A 332 9.70 -27.45 -18.40
CA GLY A 332 10.22 -26.12 -18.57
C GLY A 332 11.17 -25.73 -17.45
N PRO A 333 11.50 -24.45 -17.35
CA PRO A 333 12.40 -24.00 -16.29
C PRO A 333 11.70 -23.94 -14.94
N THR A 334 11.64 -25.08 -14.25
CA THR A 334 10.82 -25.16 -13.03
C THR A 334 11.23 -24.12 -12.00
N VAL A 335 12.53 -23.98 -11.76
CA VAL A 335 12.99 -23.07 -10.72
C VAL A 335 12.63 -21.63 -11.07
N SER A 336 12.81 -21.24 -12.34
CA SER A 336 12.45 -19.89 -12.76
C SER A 336 10.95 -19.67 -12.63
N ILE A 337 10.15 -20.68 -12.94
CA ILE A 337 8.70 -20.56 -12.80
C ILE A 337 8.33 -20.32 -11.34
N LEU A 338 9.00 -21.01 -10.42
CA LEU A 338 8.73 -20.83 -9.00
C LEU A 338 9.19 -19.48 -8.50
N ASN A 339 10.26 -18.92 -9.09
CA ASN A 339 10.71 -17.59 -8.71
C ASN A 339 9.63 -16.55 -9.01
N LEU A 340 8.93 -16.71 -10.14
CA LEU A 340 7.96 -15.73 -10.57
C LEU A 340 6.69 -15.76 -9.75
N LEU A 341 6.52 -16.74 -8.85
CA LEU A 341 5.34 -16.75 -8.00
C LEU A 341 5.38 -15.62 -7.00
N PRO A 342 6.36 -15.56 -6.09
CA PRO A 342 6.51 -14.35 -5.27
C PRO A 342 6.84 -13.12 -6.09
N GLY A 343 7.54 -13.27 -7.21
CA GLY A 343 7.90 -12.12 -8.02
C GLY A 343 6.69 -11.47 -8.66
N SER A 344 5.75 -12.27 -9.16
CA SER A 344 4.56 -11.71 -9.79
C SER A 344 3.60 -11.16 -8.75
N ILE A 345 3.44 -11.85 -7.62
CA ILE A 345 2.54 -11.36 -6.57
C ILE A 345 3.10 -10.11 -5.91
N GLY A 346 4.40 -10.11 -5.61
CA GLY A 346 5.00 -8.94 -4.98
C GLY A 346 4.99 -7.73 -5.88
N ASN A 347 5.40 -7.90 -7.14
CA ASN A 347 5.39 -6.79 -8.08
C ASN A 347 3.97 -6.37 -8.44
N TYR A 348 3.00 -7.26 -8.27
CA TYR A 348 1.61 -6.90 -8.51
C TYR A 348 1.10 -5.94 -7.45
N LEU A 349 1.37 -6.24 -6.18
CA LEU A 349 0.94 -5.37 -5.10
C LEU A 349 1.72 -4.08 -5.08
N SER A 350 2.98 -4.11 -5.51
CA SER A 350 3.76 -2.88 -5.60
C SER A 350 3.19 -1.91 -6.62
N ASN A 351 2.83 -2.42 -7.80
CA ASN A 351 2.43 -1.58 -8.92
C ASN A 351 0.94 -1.39 -9.03
N PHE A 352 0.13 -1.96 -8.14
CA PHE A 352 -1.31 -2.00 -8.34
C PHE A 352 -1.87 -0.63 -8.66
N PHE A 353 -1.52 0.38 -7.86
CA PHE A 353 -2.06 1.72 -8.05
C PHE A 353 -1.39 2.46 -9.20
N GLN A 354 -0.14 2.10 -9.54
CA GLN A 354 0.48 2.70 -10.71
C GLN A 354 -0.25 2.28 -11.98
N MET A 355 -0.66 1.02 -12.06
CA MET A 355 -1.42 0.53 -13.20
C MET A 355 -2.89 0.98 -13.15
N ALA A 356 -3.45 1.10 -11.95
CA ALA A 356 -4.80 1.60 -11.81
C ALA A 356 -4.91 3.06 -12.22
N GLY A 357 -3.83 3.82 -12.11
CA GLY A 357 -3.80 5.21 -12.52
C GLY A 357 -3.32 5.44 -13.93
N ARG A 358 -3.09 4.39 -14.72
CA ARG A 358 -2.60 4.55 -16.07
C ARG A 358 -3.76 4.87 -17.01
N THR A 359 -3.67 6.00 -17.69
CA THR A 359 -4.71 6.45 -18.59
C THR A 359 -4.03 6.89 -19.89
N ALA A 360 -4.82 7.48 -20.79
CA ALA A 360 -4.25 8.02 -22.02
C ALA A 360 -3.38 9.24 -21.77
N MET A 361 -3.41 9.81 -20.57
CA MET A 361 -2.53 10.91 -20.22
C MET A 361 -1.19 10.45 -19.66
N SER A 362 -1.02 9.16 -19.46
CA SER A 362 0.24 8.64 -18.95
C SER A 362 1.27 8.54 -20.07
N ALA A 363 2.54 8.41 -19.67
CA ALA A 363 3.66 8.41 -20.60
C ALA A 363 3.67 9.69 -21.44
N ASP A 364 3.34 10.81 -20.79
CA ASP A 364 3.27 12.11 -21.47
C ASP A 364 2.26 12.08 -22.62
N GLY A 365 1.12 11.43 -22.38
CA GLY A 365 0.05 11.38 -23.36
C GLY A 365 0.34 10.45 -24.52
N THR A 366 0.83 9.24 -24.23
CA THR A 366 1.13 8.29 -25.28
C THR A 366 0.64 6.87 -24.97
N ALA A 367 -0.07 6.66 -23.88
CA ALA A 367 -0.53 5.34 -23.49
C ALA A 367 -1.91 5.00 -24.07
N GLY A 368 -2.49 5.89 -24.88
CA GLY A 368 -3.85 5.65 -25.36
C GLY A 368 -3.95 4.43 -26.26
N GLU A 369 -3.03 4.31 -27.21
CA GLU A 369 -3.08 3.16 -28.13
C GLU A 369 -2.85 1.86 -27.37
N TRP A 370 -1.90 1.84 -26.46
CA TRP A 370 -1.64 0.63 -25.69
C TRP A 370 -2.85 0.24 -24.84
N LEU A 371 -3.49 1.23 -24.20
CA LEU A 371 -4.64 0.93 -23.35
C LEU A 371 -5.78 0.32 -24.15
N GLY A 372 -6.07 0.89 -25.32
CA GLY A 372 -7.17 0.37 -26.12
C GLY A 372 -6.98 -1.07 -26.52
N SER A 373 -5.73 -1.48 -26.73
CA SER A 373 -5.45 -2.86 -27.11
C SER A 373 -5.44 -3.81 -25.93
N TRP A 374 -4.99 -3.36 -24.76
CA TRP A 374 -4.73 -4.26 -23.64
C TRP A 374 -5.66 -4.03 -22.46
N THR A 375 -5.70 -2.83 -21.87
CA THR A 375 -6.39 -2.69 -20.60
C THR A 375 -7.88 -2.40 -20.80
N ILE A 376 -8.22 -1.51 -21.74
CA ILE A 376 -9.62 -1.20 -21.95
C ILE A 376 -10.33 -2.36 -22.62
N PHE A 377 -9.61 -3.21 -23.36
CA PHE A 377 -10.23 -4.40 -23.91
C PHE A 377 -10.56 -5.40 -22.81
N TYR A 378 -9.62 -5.65 -21.90
CA TYR A 378 -9.87 -6.61 -20.84
C TYR A 378 -10.99 -6.13 -19.92
N TRP A 379 -11.01 -4.84 -19.59
CA TRP A 379 -12.08 -4.32 -18.76
C TRP A 379 -13.43 -4.46 -19.45
N ALA A 380 -13.49 -4.20 -20.74
CA ALA A 380 -14.72 -4.41 -21.50
C ALA A 380 -15.07 -5.89 -21.58
N TRP A 381 -14.07 -6.75 -21.77
CA TRP A 381 -14.32 -8.18 -21.88
C TRP A 381 -14.88 -8.74 -20.58
N TRP A 382 -14.33 -8.33 -19.44
CA TRP A 382 -14.85 -8.80 -18.16
C TRP A 382 -16.25 -8.27 -17.88
N ILE A 383 -16.53 -7.04 -18.31
CA ILE A 383 -17.87 -6.50 -18.14
C ILE A 383 -18.87 -7.27 -18.98
N SER A 384 -18.45 -7.81 -20.12
CA SER A 384 -19.34 -8.63 -20.93
C SER A 384 -19.58 -9.99 -20.29
N TRP A 385 -18.54 -10.60 -19.72
CA TRP A 385 -18.69 -11.88 -19.05
C TRP A 385 -19.47 -11.78 -17.76
N SER A 386 -19.76 -10.57 -17.29
CA SER A 386 -20.34 -10.40 -15.95
C SER A 386 -21.66 -11.13 -15.78
N PRO A 387 -22.64 -11.00 -16.66
CA PRO A 387 -23.92 -11.69 -16.44
C PRO A 387 -23.76 -13.20 -16.31
N PHE A 388 -22.87 -13.82 -17.08
CA PHE A 388 -22.71 -15.26 -17.00
C PHE A 388 -21.99 -15.66 -15.72
N VAL A 389 -20.79 -15.12 -15.49
CA VAL A 389 -20.05 -15.49 -14.30
C VAL A 389 -20.82 -15.07 -13.05
N GLY A 390 -21.64 -14.04 -13.15
CA GLY A 390 -22.48 -13.66 -12.02
C GLY A 390 -23.51 -14.72 -11.68
N MET A 391 -24.21 -15.24 -12.69
CA MET A 391 -25.19 -16.28 -12.44
C MET A 391 -24.52 -17.60 -12.06
N PHE A 392 -23.41 -17.94 -12.71
CA PHE A 392 -22.72 -19.17 -12.36
C PHE A 392 -22.28 -19.17 -10.92
N LEU A 393 -21.70 -18.07 -10.45
CA LEU A 393 -21.22 -18.00 -9.07
C LEU A 393 -22.36 -18.05 -8.08
N ALA A 394 -23.46 -17.37 -8.38
CA ALA A 394 -24.61 -17.38 -7.49
C ALA A 394 -25.20 -18.78 -7.35
N ARG A 395 -25.24 -19.53 -8.45
CA ARG A 395 -25.87 -20.85 -8.42
C ARG A 395 -25.11 -21.80 -7.49
N ILE A 396 -23.78 -21.72 -7.48
CA ILE A 396 -22.98 -22.64 -6.67
C ILE A 396 -22.66 -22.07 -5.29
N SER A 397 -23.08 -20.85 -4.98
CA SER A 397 -22.70 -20.17 -3.76
C SER A 397 -23.90 -19.93 -2.85
N ARG A 398 -24.81 -20.90 -2.76
CA ARG A 398 -25.96 -20.78 -1.88
C ARG A 398 -25.56 -21.14 -0.45
N GLY A 399 -26.06 -20.37 0.51
CA GLY A 399 -25.78 -20.61 1.91
C GLY A 399 -24.45 -20.08 2.40
N ARG A 400 -23.69 -19.40 1.56
CA ARG A 400 -22.41 -18.89 1.93
C ARG A 400 -22.55 -17.47 2.42
N SER A 401 -21.74 -17.05 3.36
CA SER A 401 -21.80 -15.67 3.82
C SER A 401 -21.25 -14.74 2.75
N ILE A 402 -21.54 -13.45 2.89
CA ILE A 402 -21.00 -12.46 1.97
C ILE A 402 -19.47 -12.50 2.01
N ARG A 403 -18.90 -12.52 3.22
CA ARG A 403 -17.46 -12.53 3.36
C ARG A 403 -16.84 -13.77 2.75
N GLU A 404 -17.45 -14.94 2.95
CA GLU A 404 -16.93 -16.15 2.33
C GLU A 404 -16.96 -16.06 0.81
N PHE A 405 -18.07 -15.53 0.26
CA PHE A 405 -18.21 -15.45 -1.18
C PHE A 405 -17.16 -14.52 -1.78
N ILE A 406 -16.98 -13.34 -1.19
CA ILE A 406 -16.03 -12.38 -1.74
C ILE A 406 -14.61 -12.92 -1.66
N LEU A 407 -14.24 -13.48 -0.50
CA LEU A 407 -12.88 -13.99 -0.33
C LEU A 407 -12.62 -15.18 -1.24
N GLY A 408 -13.56 -16.10 -1.35
CA GLY A 408 -13.37 -17.25 -2.21
C GLY A 408 -13.30 -16.86 -3.68
N VAL A 409 -14.18 -15.97 -4.11
CA VAL A 409 -14.22 -15.58 -5.52
C VAL A 409 -13.00 -14.75 -5.89
N LEU A 410 -12.54 -13.89 -4.99
CA LEU A 410 -11.40 -13.04 -5.31
C LEU A 410 -10.08 -13.80 -5.29
N LEU A 411 -9.87 -14.65 -4.30
CA LEU A 411 -8.54 -15.20 -4.05
C LEU A 411 -8.27 -16.50 -4.79
N VAL A 412 -9.25 -17.38 -4.91
CA VAL A 412 -9.03 -18.69 -5.54
C VAL A 412 -8.70 -18.47 -7.01
N PRO A 413 -9.54 -17.77 -7.79
CA PRO A 413 -9.17 -17.50 -9.18
C PRO A 413 -7.89 -16.67 -9.35
N ALA A 414 -7.58 -15.79 -8.40
CA ALA A 414 -6.31 -15.07 -8.46
C ALA A 414 -5.14 -16.02 -8.30
N GLY A 415 -5.30 -17.05 -7.47
CA GLY A 415 -4.24 -18.03 -7.30
C GLY A 415 -3.99 -18.85 -8.55
N VAL A 416 -5.08 -19.24 -9.23
CA VAL A 416 -4.92 -20.03 -10.45
C VAL A 416 -4.26 -19.20 -11.54
N SER A 417 -4.67 -17.94 -11.69
CA SER A 417 -4.11 -17.09 -12.74
C SER A 417 -2.63 -16.83 -12.48
N THR A 418 -2.26 -16.59 -11.23
CA THR A 418 -0.85 -16.35 -10.92
C THR A 418 0.00 -17.56 -11.29
N VAL A 419 -0.49 -18.76 -11.03
CA VAL A 419 0.24 -19.97 -11.39
C VAL A 419 0.24 -20.17 -12.91
N TRP A 420 -0.88 -19.88 -13.56
CA TRP A 420 -0.97 -20.13 -14.99
C TRP A 420 -0.01 -19.25 -15.78
N PHE A 421 -0.01 -17.95 -15.49
CA PHE A 421 0.85 -17.03 -16.23
C PHE A 421 2.31 -17.17 -15.84
N SER A 422 2.57 -17.67 -14.63
CA SER A 422 3.96 -17.95 -14.24
C SER A 422 4.53 -19.13 -15.00
N ILE A 423 3.71 -20.16 -15.24
CA ILE A 423 4.18 -21.33 -15.96
C ILE A 423 4.40 -21.00 -17.43
N PHE A 424 3.41 -20.39 -18.07
CA PHE A 424 3.47 -20.14 -19.51
C PHE A 424 4.10 -18.79 -19.83
N GLY A 425 3.79 -17.77 -19.05
CA GLY A 425 4.49 -16.49 -19.22
C GLY A 425 5.93 -16.56 -18.79
N GLY A 426 6.21 -17.23 -17.68
CA GLY A 426 7.58 -17.35 -17.22
C GLY A 426 8.44 -18.19 -18.13
N THR A 427 7.88 -19.28 -18.66
CA THR A 427 8.62 -20.10 -19.61
C THR A 427 8.93 -19.33 -20.88
N ALA A 428 7.95 -18.56 -21.38
CA ALA A 428 8.18 -17.78 -22.59
C ALA A 428 9.24 -16.71 -22.37
N ILE A 429 9.24 -16.07 -21.21
CA ILE A 429 10.23 -15.04 -20.92
C ILE A 429 11.61 -15.67 -20.74
N VAL A 430 11.68 -16.84 -20.11
CA VAL A 430 12.97 -17.49 -19.91
C VAL A 430 13.59 -17.85 -21.26
N PHE A 431 12.77 -18.24 -22.24
CA PHE A 431 13.29 -18.52 -23.57
C PHE A 431 13.86 -17.25 -24.20
N GLU A 432 13.18 -16.11 -24.00
CA GLU A 432 13.70 -14.86 -24.55
C GLU A 432 15.06 -14.52 -23.95
N GLN A 433 15.22 -14.71 -22.65
CA GLN A 433 16.49 -14.37 -22.00
C GLN A 433 17.63 -15.23 -22.50
N ASN A 434 17.39 -16.52 -22.69
CA ASN A 434 18.45 -17.47 -23.02
C ASN A 434 18.91 -17.37 -24.47
N GLY A 435 18.26 -16.56 -25.30
CA GLY A 435 18.60 -16.43 -26.70
C GLY A 435 17.64 -17.10 -27.64
N GLU A 436 16.87 -18.07 -27.17
CA GLU A 436 15.73 -18.55 -27.92
C GLU A 436 14.63 -17.50 -27.93
N SER A 437 13.63 -17.70 -28.77
CA SER A 437 12.49 -16.81 -28.83
C SER A 437 11.37 -17.52 -29.54
N ILE A 438 10.26 -17.75 -28.84
CA ILE A 438 9.10 -18.39 -29.42
C ILE A 438 8.21 -17.33 -30.04
N TRP A 439 8.71 -16.10 -30.11
CA TRP A 439 7.93 -15.02 -30.71
C TRP A 439 7.62 -15.32 -32.17
N GLY A 440 8.62 -15.79 -32.92
CA GLY A 440 8.39 -16.13 -34.31
C GLY A 440 7.90 -14.93 -35.09
N ASP A 441 6.79 -15.12 -35.80
CA ASP A 441 6.22 -14.05 -36.61
C ASP A 441 5.56 -12.97 -35.78
N GLY A 442 5.38 -13.19 -34.48
CA GLY A 442 4.64 -12.27 -33.64
C GLY A 442 3.16 -12.51 -33.57
N ALA A 443 2.65 -13.53 -34.26
CA ALA A 443 1.22 -13.83 -34.22
C ALA A 443 0.83 -14.34 -32.84
N ALA A 444 -0.25 -13.79 -32.29
CA ALA A 444 -0.62 -14.10 -30.92
C ALA A 444 -1.21 -15.50 -30.78
N GLU A 445 -1.76 -16.06 -31.85
CA GLU A 445 -2.41 -17.35 -31.77
C GLU A 445 -1.46 -18.52 -31.95
N GLU A 446 -0.18 -18.27 -32.24
CA GLU A 446 0.80 -19.31 -32.48
C GLU A 446 1.89 -19.37 -31.42
N GLN A 447 1.73 -18.61 -30.33
CA GLN A 447 2.80 -18.52 -29.35
C GLN A 447 2.77 -19.68 -28.36
N LEU A 448 1.59 -20.18 -28.03
CA LEU A 448 1.49 -21.35 -27.17
C LEU A 448 2.09 -22.57 -27.87
N PHE A 449 1.79 -22.75 -29.14
CA PHE A 449 2.32 -23.89 -29.89
C PHE A 449 3.80 -23.72 -30.21
N GLY A 450 4.27 -22.48 -30.33
CA GLY A 450 5.70 -22.26 -30.39
C GLY A 450 6.38 -22.63 -29.07
N LEU A 451 5.74 -22.31 -27.95
CA LEU A 451 6.31 -22.64 -26.65
C LEU A 451 6.36 -24.16 -26.45
N LEU A 452 5.31 -24.86 -26.83
CA LEU A 452 5.25 -26.31 -26.61
C LEU A 452 6.27 -27.03 -27.46
N HIS A 453 6.36 -26.70 -28.75
CA HIS A 453 7.29 -27.37 -29.63
C HIS A 453 8.74 -27.13 -29.26
N ALA A 454 9.01 -26.15 -28.40
CA ALA A 454 10.35 -25.92 -27.88
C ALA A 454 10.71 -26.85 -26.73
N LEU A 455 9.77 -27.68 -26.27
CA LEU A 455 10.00 -28.60 -25.18
C LEU A 455 9.83 -30.05 -25.65
N PRO A 456 10.64 -30.98 -25.15
CA PRO A 456 10.51 -32.38 -25.58
C PRO A 456 9.14 -32.94 -25.22
N GLY A 457 8.55 -33.67 -26.17
CA GLY A 457 7.19 -34.13 -26.01
C GLY A 457 6.14 -33.06 -26.24
N GLY A 458 6.53 -31.91 -26.78
CA GLY A 458 5.59 -30.84 -27.04
C GLY A 458 4.78 -31.00 -28.31
N GLN A 459 5.16 -31.93 -29.19
CA GLN A 459 4.33 -32.20 -30.36
C GLN A 459 3.07 -32.96 -29.99
N ILE A 460 3.19 -33.97 -29.13
CA ILE A 460 2.01 -34.66 -28.64
C ILE A 460 1.21 -33.75 -27.72
N MET A 461 1.91 -32.96 -26.91
CA MET A 461 1.23 -32.01 -26.04
C MET A 461 0.61 -30.86 -26.82
N GLY A 462 1.07 -30.61 -28.04
CA GLY A 462 0.41 -29.63 -28.88
C GLY A 462 -0.98 -30.06 -29.27
N ILE A 463 -1.17 -31.37 -29.52
CA ILE A 463 -2.51 -31.88 -29.81
C ILE A 463 -3.42 -31.72 -28.61
N ILE A 464 -2.92 -32.03 -27.41
CA ILE A 464 -3.73 -31.91 -26.21
C ILE A 464 -4.18 -30.47 -26.01
N ALA A 465 -3.33 -29.50 -26.36
CA ALA A 465 -3.72 -28.11 -26.27
C ALA A 465 -4.89 -27.81 -27.18
N MET A 466 -4.90 -28.39 -28.38
CA MET A 466 -6.02 -28.18 -29.30
C MET A 466 -7.29 -28.84 -28.79
N ILE A 467 -7.19 -30.09 -28.32
CA ILE A 467 -8.37 -30.77 -27.79
C ILE A 467 -8.91 -30.01 -26.59
N LEU A 468 -8.02 -29.50 -25.75
CA LEU A 468 -8.45 -28.69 -24.61
C LEU A 468 -9.17 -27.44 -25.06
N LEU A 469 -8.69 -26.80 -26.14
CA LEU A 469 -9.39 -25.65 -26.69
C LEU A 469 -10.78 -26.03 -27.16
N GLY A 470 -10.91 -27.17 -27.82
CA GLY A 470 -12.21 -27.61 -28.31
C GLY A 470 -13.20 -27.87 -27.19
N THR A 471 -12.75 -28.54 -26.12
CA THR A 471 -13.64 -28.80 -25.00
C THR A 471 -14.05 -27.51 -24.31
N PHE A 472 -13.11 -26.55 -24.19
CA PHE A 472 -13.47 -25.24 -23.68
C PHE A 472 -14.49 -24.57 -24.60
N PHE A 473 -14.34 -24.76 -25.91
CA PHE A 473 -15.29 -24.21 -26.86
C PHE A 473 -16.69 -24.76 -26.63
N ILE A 474 -16.79 -26.07 -26.40
CA ILE A 474 -18.10 -26.69 -26.22
C ILE A 474 -18.73 -26.24 -24.90
N THR A 475 -17.95 -26.26 -23.82
CA THR A 475 -18.49 -25.97 -22.51
C THR A 475 -18.70 -24.47 -22.29
N SER A 476 -17.84 -23.63 -22.87
CA SER A 476 -18.08 -22.19 -22.79
C SER A 476 -19.37 -21.81 -23.48
N ALA A 477 -19.65 -22.42 -24.64
CA ALA A 477 -20.88 -22.15 -25.35
C ALA A 477 -22.09 -22.66 -24.56
N ASP A 478 -21.98 -23.87 -24.02
CA ASP A 478 -23.11 -24.46 -23.30
C ASP A 478 -23.33 -23.75 -21.96
N SER A 479 -22.25 -23.42 -21.25
CA SER A 479 -22.40 -22.73 -19.97
C SER A 479 -23.03 -21.37 -20.13
N ALA A 480 -22.62 -20.62 -21.16
CA ALA A 480 -23.17 -19.28 -21.36
C ALA A 480 -24.59 -19.34 -21.89
N SER A 481 -24.85 -20.24 -22.85
CA SER A 481 -26.18 -20.32 -23.43
C SER A 481 -27.22 -20.74 -22.40
N THR A 482 -26.82 -21.53 -21.40
CA THR A 482 -27.73 -21.88 -20.32
C THR A 482 -28.15 -20.64 -19.54
N VAL A 483 -27.19 -19.76 -19.24
CA VAL A 483 -27.52 -18.51 -18.55
C VAL A 483 -28.41 -17.64 -19.44
N MET A 484 -28.10 -17.57 -20.73
CA MET A 484 -28.90 -16.77 -21.65
C MET A 484 -30.32 -17.33 -21.77
N GLY A 485 -30.44 -18.66 -21.81
CA GLY A 485 -31.77 -19.26 -21.82
C GLY A 485 -32.54 -18.98 -20.54
N THR A 486 -31.84 -18.99 -19.41
CA THR A 486 -32.48 -18.66 -18.14
C THR A 486 -33.01 -17.24 -18.14
N MET A 487 -32.22 -16.29 -18.63
CA MET A 487 -32.57 -14.88 -18.55
C MET A 487 -33.49 -14.43 -19.68
N SER A 488 -33.83 -15.31 -20.62
CA SER A 488 -34.86 -15.06 -21.61
C SER A 488 -36.12 -15.89 -21.35
N GLN A 489 -36.24 -16.48 -20.17
CA GLN A 489 -37.39 -17.28 -19.77
C GLN A 489 -37.80 -16.95 -18.34
N HIS A 490 -37.76 -15.66 -17.99
CA HIS A 490 -38.21 -15.20 -16.67
C HIS A 490 -37.46 -15.89 -15.55
N GLY A 491 -36.15 -16.07 -15.71
CA GLY A 491 -35.33 -16.59 -14.63
C GLY A 491 -35.54 -18.05 -14.32
N GLN A 492 -36.03 -18.85 -15.27
CA GLN A 492 -36.19 -20.28 -15.04
C GLN A 492 -34.83 -20.93 -14.86
N LEU A 493 -34.72 -21.80 -13.86
CA LEU A 493 -33.43 -22.43 -13.57
C LEU A 493 -32.99 -23.33 -14.71
N GLU A 494 -33.90 -24.10 -15.29
CA GLU A 494 -33.59 -25.00 -16.40
C GLU A 494 -34.53 -24.67 -17.56
N ALA A 495 -34.06 -23.85 -18.49
CA ALA A 495 -34.86 -23.44 -19.63
C ALA A 495 -34.89 -24.55 -20.67
N ASN A 496 -35.72 -24.34 -21.70
CA ASN A 496 -35.87 -25.34 -22.74
C ASN A 496 -34.55 -25.55 -23.49
N LYS A 497 -34.26 -26.81 -23.80
CA LYS A 497 -33.01 -27.12 -24.49
C LYS A 497 -32.96 -26.48 -25.87
N TRP A 498 -34.10 -26.31 -26.53
CA TRP A 498 -34.10 -25.68 -27.85
C TRP A 498 -33.71 -24.22 -27.77
N VAL A 499 -34.19 -23.50 -26.76
CA VAL A 499 -33.82 -22.11 -26.59
C VAL A 499 -32.36 -21.99 -26.17
N THR A 500 -31.88 -22.94 -25.35
CA THR A 500 -30.46 -22.95 -25.01
C THR A 500 -29.60 -23.20 -26.24
N ALA A 501 -30.03 -24.10 -27.12
CA ALA A 501 -29.26 -24.37 -28.33
C ALA A 501 -29.27 -23.17 -29.26
N ALA A 502 -30.38 -22.44 -29.33
CA ALA A 502 -30.46 -21.29 -30.22
C ALA A 502 -29.48 -20.20 -29.83
N TRP A 503 -29.32 -19.95 -28.53
CA TRP A 503 -28.40 -18.91 -28.09
C TRP A 503 -26.95 -19.31 -28.30
N GLY A 504 -26.64 -20.59 -28.16
CA GLY A 504 -25.27 -21.04 -28.43
C GLY A 504 -24.89 -20.93 -29.89
N VAL A 505 -25.84 -21.22 -30.79
CA VAL A 505 -25.58 -21.06 -32.22
C VAL A 505 -25.39 -19.59 -32.56
N ALA A 506 -26.20 -18.71 -31.99
CA ALA A 506 -26.05 -17.29 -32.24
C ALA A 506 -24.70 -16.78 -31.76
N THR A 507 -24.23 -17.28 -30.61
CA THR A 507 -22.92 -16.89 -30.11
C THR A 507 -21.82 -17.33 -31.07
N ALA A 508 -21.94 -18.53 -31.63
CA ALA A 508 -20.92 -19.02 -32.56
C ALA A 508 -20.93 -18.23 -33.87
N ALA A 509 -22.10 -17.77 -34.30
CA ALA A 509 -22.19 -17.03 -35.55
C ALA A 509 -21.43 -15.71 -35.46
N ILE A 510 -21.55 -15.01 -34.32
CA ILE A 510 -20.81 -13.77 -34.15
C ILE A 510 -19.31 -14.03 -34.08
N GLY A 511 -18.91 -15.03 -33.30
CA GLY A 511 -17.49 -15.36 -33.23
C GLY A 511 -16.90 -15.66 -34.58
N LEU A 512 -17.64 -16.40 -35.41
CA LEU A 512 -17.20 -16.63 -36.78
C LEU A 512 -17.25 -15.34 -37.60
N THR A 513 -18.32 -14.55 -37.44
CA THR A 513 -18.46 -13.33 -38.24
C THR A 513 -17.33 -12.35 -37.95
N LEU A 514 -16.98 -12.17 -36.68
CA LEU A 514 -15.89 -11.26 -36.34
C LEU A 514 -14.58 -11.74 -36.94
N LEU A 515 -14.32 -13.04 -36.88
CA LEU A 515 -13.10 -13.59 -37.44
C LEU A 515 -13.05 -13.44 -38.95
N LEU A 516 -14.17 -13.73 -39.63
CA LEU A 516 -14.21 -13.64 -41.08
C LEU A 516 -14.10 -12.20 -41.54
N SER A 517 -14.80 -11.28 -40.86
CA SER A 517 -14.77 -9.88 -41.26
C SER A 517 -13.38 -9.27 -41.08
N GLY A 518 -12.72 -9.61 -39.98
CA GLY A 518 -11.43 -9.00 -39.70
C GLY A 518 -10.36 -9.38 -40.70
N GLY A 519 -10.37 -10.62 -41.17
CA GLY A 519 -9.36 -11.10 -42.08
C GLY A 519 -7.99 -11.19 -41.44
N ASP A 520 -7.00 -10.51 -42.01
CA ASP A 520 -5.67 -10.52 -41.44
C ASP A 520 -5.61 -9.84 -40.07
N ASN A 521 -6.65 -9.09 -39.71
CA ASN A 521 -6.77 -8.43 -38.42
C ASN A 521 -7.94 -9.00 -37.64
N ALA A 522 -8.06 -10.33 -37.65
CA ALA A 522 -9.19 -10.98 -36.98
C ALA A 522 -9.17 -10.70 -35.49
N LEU A 523 -8.00 -10.77 -34.86
CA LEU A 523 -7.91 -10.50 -33.43
C LEU A 523 -8.30 -9.07 -33.10
N SER A 524 -7.86 -8.11 -33.94
CA SER A 524 -8.20 -6.72 -33.69
C SER A 524 -9.69 -6.48 -33.81
N ASN A 525 -10.36 -7.15 -34.77
CA ASN A 525 -11.79 -6.98 -34.93
C ASN A 525 -12.55 -7.50 -33.71
N LEU A 526 -12.10 -8.62 -33.14
CA LEU A 526 -12.75 -9.16 -31.95
C LEU A 526 -12.69 -8.16 -30.80
N GLN A 527 -11.54 -7.52 -30.61
CA GLN A 527 -11.39 -6.60 -29.48
C GLN A 527 -12.22 -5.34 -29.69
N ASN A 528 -12.25 -4.82 -30.91
CA ASN A 528 -13.00 -3.59 -31.17
C ASN A 528 -14.49 -3.81 -30.93
N VAL A 529 -15.03 -4.93 -31.36
CA VAL A 529 -16.46 -5.21 -31.20
C VAL A 529 -16.78 -5.50 -29.74
N THR A 530 -15.88 -6.17 -29.03
CA THR A 530 -16.11 -6.48 -27.62
C THR A 530 -16.18 -5.20 -26.79
N ILE A 531 -15.33 -4.22 -27.10
CA ILE A 531 -15.33 -2.98 -26.33
C ILE A 531 -16.63 -2.21 -26.56
N VAL A 532 -17.14 -2.22 -27.80
CA VAL A 532 -18.37 -1.49 -28.09
C VAL A 532 -19.57 -2.15 -27.43
N ALA A 533 -19.60 -3.48 -27.42
CA ALA A 533 -20.76 -4.18 -26.86
C ALA A 533 -20.83 -4.05 -25.35
N ALA A 534 -19.69 -3.97 -24.66
CA ALA A 534 -19.68 -3.88 -23.22
C ALA A 534 -19.90 -2.46 -22.70
N THR A 535 -19.80 -1.45 -23.56
CA THR A 535 -19.93 -0.08 -23.08
C THR A 535 -21.27 0.20 -22.44
N PRO A 536 -22.42 -0.20 -23.03
CA PRO A 536 -23.68 0.00 -22.31
C PRO A 536 -23.74 -0.71 -20.98
N PHE A 537 -23.13 -1.90 -20.87
CA PHE A 537 -23.19 -2.67 -19.63
C PHE A 537 -22.23 -2.19 -18.56
N LEU A 538 -21.28 -1.31 -18.90
CA LEU A 538 -20.43 -0.74 -17.86
C LEU A 538 -21.23 0.03 -16.84
N PHE A 539 -22.35 0.62 -17.25
CA PHE A 539 -23.18 1.41 -16.35
C PHE A 539 -24.17 0.57 -15.58
N VAL A 540 -24.55 -0.60 -16.08
CA VAL A 540 -25.37 -1.51 -15.30
C VAL A 540 -24.61 -2.02 -14.10
N VAL A 541 -23.32 -2.34 -14.27
CA VAL A 541 -22.50 -2.78 -13.16
C VAL A 541 -22.22 -1.62 -12.20
N ILE A 542 -22.06 -0.40 -12.73
CA ILE A 542 -21.86 0.75 -11.86
C ILE A 542 -23.08 0.97 -10.98
N GLY A 543 -24.27 0.91 -11.56
CA GLY A 543 -25.50 1.06 -10.78
C GLY A 543 -25.81 -0.13 -9.91
N LEU A 544 -25.24 -1.29 -10.21
CA LEU A 544 -25.45 -2.47 -9.39
C LEU A 544 -24.77 -2.35 -8.04
N MET A 545 -23.76 -1.49 -7.94
CA MET A 545 -23.15 -1.19 -6.65
C MET A 545 -24.08 -0.39 -5.76
N PHE A 546 -24.77 0.60 -6.35
CA PHE A 546 -25.73 1.40 -5.60
C PHE A 546 -26.98 0.62 -5.24
N ALA A 547 -27.34 -0.38 -6.02
CA ALA A 547 -28.50 -1.23 -5.70
C ALA A 547 -28.14 -2.31 -4.69
N LEU A 548 -26.92 -2.82 -4.73
CA LEU A 548 -26.52 -3.86 -3.78
C LEU A 548 -26.40 -3.31 -2.37
N VAL A 549 -25.80 -2.13 -2.22
CA VAL A 549 -25.70 -1.53 -0.89
C VAL A 549 -27.08 -1.23 -0.33
N LYS A 550 -27.97 -0.68 -1.15
CA LYS A 550 -29.31 -0.38 -0.68
C LYS A 550 -30.03 -1.66 -0.26
N ASP A 551 -29.90 -2.73 -1.05
CA ASP A 551 -30.56 -3.98 -0.70
C ASP A 551 -29.97 -4.59 0.57
N LEU A 552 -28.64 -4.58 0.71
CA LEU A 552 -28.03 -5.15 1.90
C LEU A 552 -28.41 -4.38 3.15
N SER A 553 -28.45 -3.05 3.06
CA SER A 553 -28.79 -2.24 4.22
C SER A 553 -30.17 -2.59 4.75
N ASN A 554 -31.12 -2.85 3.85
CA ASN A 554 -32.46 -3.25 4.29
C ASN A 554 -32.42 -4.57 5.06
N ASP A 555 -31.37 -5.37 4.87
CA ASP A 555 -31.24 -6.60 5.64
C ASP A 555 -30.81 -6.33 7.08
N VAL A 556 -29.90 -5.36 7.29
CA VAL A 556 -29.47 -5.04 8.64
C VAL A 556 -30.60 -4.41 9.44
N ILE A 557 -31.50 -3.69 8.76
CA ILE A 557 -32.76 -3.33 9.38
C ILE A 557 -33.52 -4.60 9.75
N TYR A 558 -33.53 -5.58 8.84
CA TYR A 558 -33.98 -6.92 9.19
C TYR A 558 -33.04 -7.55 10.22
N LEU A 559 -31.82 -7.03 10.32
CA LEU A 559 -30.77 -7.48 11.24
C LEU A 559 -30.18 -8.80 10.79
N GLU A 560 -30.49 -9.26 9.59
CA GLU A 560 -29.92 -10.49 9.05
C GLU A 560 -30.06 -11.63 10.05
N ALA B 64 14.34 -33.60 36.23
CA ALA B 64 15.54 -33.12 35.58
C ALA B 64 16.03 -34.13 34.55
N SER B 65 15.09 -34.68 33.78
CA SER B 65 15.43 -35.64 32.75
C SER B 65 16.00 -34.94 31.52
N LEU B 66 16.91 -35.63 30.84
CA LEU B 66 17.57 -35.11 29.65
C LEU B 66 17.09 -35.89 28.43
N ASN B 67 16.64 -35.17 27.41
CA ASN B 67 16.14 -35.79 26.18
C ASN B 67 17.34 -36.19 25.33
N TRP B 68 17.99 -37.28 25.74
CA TRP B 68 19.20 -37.72 25.06
C TRP B 68 18.92 -38.05 23.60
N SER B 69 17.69 -38.44 23.28
CA SER B 69 17.33 -38.69 21.88
C SER B 69 17.29 -37.42 21.06
N VAL B 70 17.24 -36.25 21.70
CA VAL B 70 17.26 -34.98 20.99
C VAL B 70 18.65 -34.36 21.10
N ILE B 71 19.37 -34.69 22.17
CA ILE B 71 20.73 -34.19 22.32
C ILE B 71 21.67 -34.84 21.32
N VAL B 72 21.64 -36.17 21.25
CA VAL B 72 22.63 -36.88 20.43
C VAL B 72 22.52 -36.52 18.96
N PRO B 73 21.34 -36.53 18.33
CA PRO B 73 21.27 -36.10 16.93
C PRO B 73 21.80 -34.69 16.72
N ALA B 74 21.27 -33.71 17.45
CA ALA B 74 21.70 -32.33 17.27
C ALA B 74 23.18 -32.16 17.62
N LEU B 75 23.62 -32.82 18.69
CA LEU B 75 25.02 -32.71 19.09
C LEU B 75 25.94 -33.32 18.07
N VAL B 76 25.60 -34.50 17.55
CA VAL B 76 26.47 -35.18 16.59
C VAL B 76 26.67 -34.32 15.36
N ILE B 77 25.62 -33.65 14.89
CA ILE B 77 25.75 -32.80 13.71
C ILE B 77 26.73 -31.66 13.96
N VAL B 78 26.77 -31.15 15.19
CA VAL B 78 27.68 -30.04 15.51
C VAL B 78 29.12 -30.50 15.44
N LEU B 79 29.45 -31.62 16.10
CA LEU B 79 30.83 -32.11 16.07
C LEU B 79 31.27 -32.46 14.66
N ALA B 80 30.38 -33.04 13.86
CA ALA B 80 30.76 -33.34 12.48
C ALA B 80 31.12 -32.06 11.73
N THR B 81 30.35 -30.99 11.95
CA THR B 81 30.69 -29.71 11.33
C THR B 81 32.02 -29.18 11.85
N VAL B 82 32.27 -29.31 13.15
CA VAL B 82 33.51 -28.80 13.73
C VAL B 82 34.69 -29.61 13.22
N VAL B 83 34.57 -30.94 13.23
CA VAL B 83 35.66 -31.79 12.73
C VAL B 83 35.88 -31.53 11.25
N TRP B 84 34.79 -31.43 10.48
CA TRP B 84 34.91 -31.28 9.04
C TRP B 84 35.56 -29.96 8.67
N GLY B 85 35.21 -28.88 9.37
CA GLY B 85 35.71 -27.56 9.03
C GLY B 85 37.10 -27.24 9.53
N ILE B 86 37.74 -28.17 10.22
CA ILE B 86 39.09 -27.94 10.76
C ILE B 86 40.10 -28.69 9.93
N GLY B 87 39.96 -30.02 9.83
CA GLY B 87 40.93 -30.81 9.11
C GLY B 87 40.74 -30.82 7.60
N PHE B 88 39.58 -30.38 7.12
CA PHE B 88 39.22 -30.47 5.71
C PHE B 88 38.62 -29.14 5.25
N LYS B 89 39.31 -28.06 5.60
CA LYS B 89 38.81 -26.72 5.27
C LYS B 89 38.45 -26.62 3.79
N ASP B 90 39.27 -27.22 2.92
CA ASP B 90 39.00 -27.17 1.48
C ASP B 90 37.71 -27.92 1.15
N SER B 91 37.57 -29.14 1.64
CA SER B 91 36.37 -29.93 1.36
C SER B 91 35.14 -29.27 1.97
N PHE B 92 35.24 -28.77 3.21
CA PHE B 92 34.11 -28.11 3.83
C PHE B 92 33.72 -26.85 3.08
N THR B 93 34.72 -26.07 2.65
CA THR B 93 34.43 -24.84 1.92
C THR B 93 33.75 -25.14 0.59
N ASN B 94 34.17 -26.20 -0.10
CA ASN B 94 33.54 -26.57 -1.36
C ASN B 94 32.10 -27.01 -1.16
N PHE B 95 31.84 -27.84 -0.16
CA PHE B 95 30.48 -28.32 0.08
C PHE B 95 29.55 -27.17 0.42
N ALA B 96 29.98 -26.26 1.30
CA ALA B 96 29.14 -25.14 1.66
C ALA B 96 28.85 -24.25 0.46
N SER B 97 29.86 -24.02 -0.38
CA SER B 97 29.63 -23.25 -1.60
C SER B 97 28.71 -23.99 -2.55
N SER B 98 28.91 -25.30 -2.70
CA SER B 98 28.04 -26.10 -3.57
C SER B 98 26.63 -26.18 -3.01
N ALA B 99 26.51 -26.47 -1.71
CA ALA B 99 25.18 -26.56 -1.10
C ALA B 99 24.49 -25.21 -1.11
N LEU B 100 25.25 -24.13 -0.92
CA LEU B 100 24.65 -22.80 -0.98
C LEU B 100 24.00 -22.56 -2.33
N SER B 101 24.68 -22.96 -3.42
CA SER B 101 24.12 -22.77 -4.75
C SER B 101 22.84 -23.57 -4.93
N ALA B 102 22.82 -24.82 -4.45
CA ALA B 102 21.62 -25.64 -4.62
C ALA B 102 20.44 -25.06 -3.88
N VAL B 103 20.65 -24.58 -2.65
CA VAL B 103 19.55 -24.05 -1.85
C VAL B 103 19.06 -22.73 -2.42
N VAL B 104 19.98 -21.84 -2.79
CA VAL B 104 19.58 -20.51 -3.23
C VAL B 104 18.82 -20.59 -4.55
N ASP B 105 19.19 -21.53 -5.42
CA ASP B 105 18.49 -21.67 -6.70
C ASP B 105 17.15 -22.38 -6.51
N ASN B 106 17.18 -23.57 -5.92
CA ASN B 106 16.00 -24.43 -5.87
C ASN B 106 15.04 -24.07 -4.74
N LEU B 107 15.46 -23.26 -3.77
CA LEU B 107 14.57 -22.90 -2.67
C LEU B 107 14.59 -21.42 -2.33
N GLY B 108 15.26 -20.58 -3.13
CA GLY B 108 15.23 -19.16 -2.85
C GLY B 108 13.82 -18.59 -2.91
N TRP B 109 12.99 -19.12 -3.80
CA TRP B 109 11.60 -18.69 -3.88
C TRP B 109 10.86 -19.00 -2.58
N ALA B 110 11.19 -20.12 -1.95
CA ALA B 110 10.49 -20.51 -0.72
C ALA B 110 10.81 -19.56 0.43
N PHE B 111 12.07 -19.15 0.54
CA PHE B 111 12.43 -18.13 1.52
C PHE B 111 11.75 -16.81 1.21
N ILE B 112 11.79 -16.40 -0.06
CA ILE B 112 11.21 -15.11 -0.44
C ILE B 112 9.69 -15.15 -0.36
N LEU B 113 9.09 -16.22 -0.85
CA LEU B 113 7.63 -16.32 -0.84
C LEU B 113 7.10 -16.35 0.59
N PHE B 114 7.66 -17.23 1.42
CA PHE B 114 7.15 -17.40 2.77
C PHE B 114 7.70 -16.37 3.74
N GLY B 115 8.72 -15.62 3.36
CA GLY B 115 9.15 -14.50 4.19
C GLY B 115 8.06 -13.47 4.36
N THR B 116 7.36 -13.14 3.26
CA THR B 116 6.29 -12.15 3.31
C THR B 116 4.96 -12.75 3.74
N VAL B 117 4.78 -14.07 3.59
CA VAL B 117 3.56 -14.70 4.09
C VAL B 117 3.52 -14.60 5.61
N PHE B 118 4.69 -14.68 6.26
CA PHE B 118 4.74 -14.55 7.71
C PHE B 118 4.28 -13.17 8.16
N VAL B 119 4.66 -12.13 7.42
CA VAL B 119 4.27 -10.77 7.79
C VAL B 119 2.76 -10.60 7.67
N PHE B 120 2.19 -11.08 6.57
CA PHE B 120 0.74 -11.04 6.41
C PHE B 120 0.04 -11.90 7.46
N PHE B 121 0.57 -13.09 7.72
CA PHE B 121 -0.10 -14.01 8.62
C PHE B 121 -0.19 -13.45 10.04
N ILE B 122 0.87 -12.80 10.51
CA ILE B 122 0.87 -12.32 11.89
C ILE B 122 0.04 -11.05 12.01
N VAL B 123 -0.04 -10.24 10.96
CA VAL B 123 -0.89 -9.06 11.01
C VAL B 123 -2.37 -9.45 10.99
N VAL B 124 -2.72 -10.47 10.20
CA VAL B 124 -4.09 -10.96 10.19
C VAL B 124 -4.46 -11.52 11.55
N ILE B 125 -3.56 -12.27 12.18
CA ILE B 125 -3.85 -12.87 13.47
C ILE B 125 -4.10 -11.80 14.52
N ALA B 126 -3.30 -10.73 14.51
CA ALA B 126 -3.46 -9.68 15.50
C ALA B 126 -4.77 -8.92 15.29
N ALA B 127 -5.18 -8.71 14.05
CA ALA B 127 -6.39 -7.96 13.75
C ALA B 127 -7.66 -8.81 13.79
N SER B 128 -7.54 -10.11 13.93
CA SER B 128 -8.70 -11.00 13.92
C SER B 128 -9.25 -11.17 15.33
N LYS B 129 -10.26 -12.03 15.47
CA LYS B 129 -10.82 -12.31 16.80
C LYS B 129 -9.78 -12.89 17.74
N PHE B 130 -8.74 -13.52 17.20
CA PHE B 130 -7.71 -14.12 18.04
C PHE B 130 -6.89 -13.08 18.78
N GLY B 131 -6.90 -11.83 18.33
CA GLY B 131 -6.11 -10.82 19.01
C GLY B 131 -6.53 -10.63 20.46
N THR B 132 -7.83 -10.77 20.73
CA THR B 132 -8.33 -10.58 22.08
C THR B 132 -7.88 -11.67 23.04
N ILE B 133 -7.49 -12.83 22.53
CA ILE B 133 -7.08 -13.92 23.40
C ILE B 133 -5.89 -13.47 24.24
N ARG B 134 -5.89 -13.89 25.51
CA ARG B 134 -4.88 -13.50 26.47
C ARG B 134 -3.98 -14.68 26.80
N LEU B 135 -2.67 -14.48 26.67
CA LEU B 135 -1.71 -15.57 26.82
C LEU B 135 -1.59 -15.91 28.30
N GLY B 136 -2.40 -16.86 28.75
CA GLY B 136 -2.46 -17.30 30.11
C GLY B 136 -3.89 -17.41 30.57
N ARG B 137 -4.08 -17.46 31.88
CA ARG B 137 -5.43 -17.49 32.43
C ARG B 137 -6.15 -16.20 32.06
N ILE B 138 -7.47 -16.32 31.86
CA ILE B 138 -8.25 -15.14 31.56
C ILE B 138 -8.10 -14.16 32.71
N ASP B 139 -8.18 -12.86 32.39
CA ASP B 139 -8.04 -11.79 33.38
C ASP B 139 -6.80 -11.99 34.25
N GLU B 140 -5.71 -12.44 33.63
CA GLU B 140 -4.45 -12.63 34.32
C GLU B 140 -3.58 -11.40 34.13
N ALA B 141 -3.11 -10.84 35.23
CA ALA B 141 -2.25 -9.66 35.16
C ALA B 141 -0.92 -10.04 34.51
N PRO B 142 -0.40 -9.23 33.59
CA PRO B 142 0.94 -9.49 33.05
C PRO B 142 1.98 -9.51 34.15
N GLU B 143 2.94 -10.42 34.03
CA GLU B 143 3.98 -10.57 35.05
C GLU B 143 4.90 -9.35 35.09
N PHE B 144 4.97 -8.58 34.01
CA PHE B 144 5.87 -7.43 33.91
C PHE B 144 5.10 -6.22 33.41
N ARG B 145 5.57 -5.05 33.81
CA ARG B 145 4.97 -3.81 33.34
C ARG B 145 5.22 -3.63 31.85
N THR B 146 4.42 -2.74 31.24
CA THR B 146 4.58 -2.50 29.81
C THR B 146 5.95 -1.91 29.49
N VAL B 147 6.41 -0.96 30.30
CA VAL B 147 7.71 -0.36 30.06
C VAL B 147 8.82 -1.35 30.34
N SER B 148 8.68 -2.17 31.39
CA SER B 148 9.67 -3.21 31.64
C SER B 148 9.63 -4.27 30.54
N TRP B 149 8.44 -4.64 30.08
CA TRP B 149 8.34 -5.62 29.00
C TRP B 149 8.96 -5.08 27.72
N ILE B 150 8.76 -3.80 27.44
CA ILE B 150 9.35 -3.19 26.24
C ILE B 150 10.87 -3.18 26.35
N SER B 151 11.40 -2.83 27.53
CA SER B 151 12.84 -2.77 27.71
C SER B 151 13.51 -4.13 27.55
N MET B 152 12.78 -5.22 27.77
CA MET B 152 13.38 -6.54 27.68
C MET B 152 13.56 -7.01 26.26
N MET B 153 12.71 -6.57 25.32
CA MET B 153 12.88 -7.00 23.94
C MET B 153 14.23 -6.58 23.37
N PHE B 154 14.88 -5.58 23.98
CA PHE B 154 16.20 -5.20 23.52
C PHE B 154 17.20 -6.34 23.67
N ALA B 155 17.00 -7.16 24.70
CA ALA B 155 17.80 -8.38 24.86
C ALA B 155 17.47 -9.44 23.82
N ALA B 156 16.30 -9.35 23.17
CA ALA B 156 15.97 -10.21 22.05
C ALA B 156 16.62 -9.77 20.75
N GLY B 157 17.01 -8.50 20.65
CA GLY B 157 17.56 -8.00 19.43
C GLY B 157 18.88 -8.65 19.08
N GLU B 158 19.30 -8.44 17.83
CA GLU B 158 20.58 -8.92 17.35
C GLU B 158 21.57 -7.76 17.46
N GLY B 159 22.27 -7.69 18.59
CA GLY B 159 23.20 -6.62 18.84
C GLY B 159 24.51 -6.72 18.12
N ILE B 160 24.95 -7.92 17.75
CA ILE B 160 26.16 -8.08 16.96
C ILE B 160 25.90 -7.87 15.48
N GLY B 161 24.73 -8.24 14.98
CA GLY B 161 24.37 -7.97 13.60
C GLY B 161 24.09 -6.51 13.37
N LEU B 162 23.47 -5.85 14.35
CA LEU B 162 23.25 -4.41 14.24
C LEU B 162 24.57 -3.66 14.25
N MET B 163 25.52 -4.08 15.09
CA MET B 163 26.83 -3.46 15.11
C MET B 163 27.63 -3.81 13.87
N PHE B 164 27.51 -5.04 13.36
CA PHE B 164 28.25 -5.43 12.18
C PHE B 164 27.70 -4.78 10.92
N TYR B 165 26.38 -4.76 10.75
CA TYR B 165 25.75 -4.24 9.56
C TYR B 165 25.18 -2.84 9.76
N GLY B 166 25.41 -2.23 10.92
CA GLY B 166 24.87 -0.90 11.17
C GLY B 166 25.35 0.11 10.17
N THR B 167 26.64 0.05 9.82
CA THR B 167 27.24 0.94 8.81
C THR B 167 27.41 0.27 7.46
N THR B 168 27.80 -1.00 7.44
CA THR B 168 28.15 -1.64 6.18
C THR B 168 26.95 -1.76 5.25
N GLU B 169 25.81 -2.21 5.77
CA GLU B 169 24.70 -2.55 4.87
C GLU B 169 24.18 -1.33 4.13
N PRO B 170 23.70 -0.28 4.80
CA PRO B 170 23.21 0.89 4.04
C PRO B 170 24.28 1.55 3.19
N LEU B 171 25.56 1.40 3.55
CA LEU B 171 26.61 2.02 2.76
C LEU B 171 26.88 1.28 1.46
N THR B 172 26.90 -0.06 1.51
CA THR B 172 27.11 -0.82 0.27
C THR B 172 25.94 -0.63 -0.69
N PHE B 173 24.71 -0.60 -0.19
CA PHE B 173 23.57 -0.35 -1.05
C PHE B 173 23.65 1.03 -1.67
N TYR B 174 24.14 2.01 -0.91
CA TYR B 174 24.32 3.35 -1.46
C TYR B 174 25.43 3.38 -2.49
N ARG B 175 26.59 2.78 -2.16
CA ARG B 175 27.73 2.83 -3.07
C ARG B 175 27.47 1.99 -4.32
N ASN B 176 26.97 0.77 -4.15
CA ASN B 176 26.82 -0.17 -5.25
C ASN B 176 25.41 -0.24 -5.81
N GLY B 177 24.40 0.14 -5.04
CA GLY B 177 23.02 -0.01 -5.48
C GLY B 177 22.50 -1.40 -5.22
N VAL B 178 21.23 -1.60 -5.57
CA VAL B 178 20.58 -2.90 -5.43
C VAL B 178 19.92 -3.24 -6.75
N PRO B 179 19.65 -4.52 -6.99
CA PRO B 179 19.06 -4.92 -8.28
C PRO B 179 17.78 -4.15 -8.56
N GLY B 180 17.68 -3.62 -9.78
CA GLY B 180 16.56 -2.80 -10.17
C GLY B 180 16.67 -1.35 -9.81
N HIS B 181 17.79 -0.92 -9.23
CA HIS B 181 17.97 0.47 -8.84
C HIS B 181 19.42 0.88 -9.12
N ASP B 182 19.62 2.18 -9.26
CA ASP B 182 20.93 2.75 -9.55
C ASP B 182 21.70 3.01 -8.26
N GLU B 183 22.97 3.37 -8.42
CA GLU B 183 23.81 3.69 -7.28
C GLU B 183 23.42 5.03 -6.67
N HIS B 184 23.90 5.27 -5.47
CA HIS B 184 23.74 6.55 -4.79
C HIS B 184 22.27 6.94 -4.65
N ASN B 185 21.46 5.98 -4.23
CA ASN B 185 20.05 6.21 -3.93
C ASN B 185 19.86 6.04 -2.43
N VAL B 186 19.68 7.15 -1.73
CA VAL B 186 19.60 7.10 -0.27
C VAL B 186 18.34 6.36 0.17
N GLY B 187 17.22 6.62 -0.50
CA GLY B 187 15.98 5.97 -0.11
C GLY B 187 16.01 4.46 -0.30
N VAL B 188 16.61 4.01 -1.39
CA VAL B 188 16.74 2.58 -1.63
C VAL B 188 17.75 1.97 -0.65
N ALA B 189 18.80 2.71 -0.31
CA ALA B 189 19.77 2.21 0.65
C ALA B 189 19.14 1.99 2.02
N MET B 190 18.38 2.97 2.50
CA MET B 190 17.77 2.85 3.82
C MET B 190 16.55 1.94 3.81
N SER B 191 15.78 1.95 2.73
CA SER B 191 14.60 1.10 2.66
C SER B 191 14.98 -0.38 2.55
N THR B 192 16.06 -0.68 1.82
CA THR B 192 16.50 -2.07 1.71
C THR B 192 17.06 -2.59 3.02
N THR B 193 17.73 -1.74 3.78
CA THR B 193 18.21 -2.14 5.10
C THR B 193 17.05 -2.40 6.05
N MET B 194 16.04 -1.53 6.04
CA MET B 194 14.88 -1.73 6.89
C MET B 194 14.11 -2.99 6.50
N PHE B 195 14.21 -3.41 5.25
CA PHE B 195 13.55 -4.64 4.82
C PHE B 195 14.08 -5.84 5.59
N HIS B 196 15.38 -5.92 5.76
CA HIS B 196 16.04 -7.09 6.35
C HIS B 196 16.03 -7.07 7.87
N TRP B 197 15.55 -5.99 8.49
CA TRP B 197 15.80 -5.79 9.91
C TRP B 197 14.59 -5.37 10.74
N THR B 198 13.43 -5.09 10.15
CA THR B 198 12.33 -4.51 10.91
C THR B 198 11.12 -5.44 11.04
N LEU B 199 10.49 -5.84 9.94
CA LEU B 199 9.23 -6.57 10.00
C LEU B 199 9.35 -8.04 9.65
N HIS B 200 10.10 -8.37 8.60
CA HIS B 200 10.29 -9.78 8.25
C HIS B 200 10.95 -10.55 9.37
N PRO B 201 12.05 -10.09 9.98
CA PRO B 201 12.60 -10.85 11.13
C PRO B 201 11.63 -11.01 12.28
N TRP B 202 10.86 -9.97 12.60
CA TRP B 202 10.03 -9.96 13.80
C TRP B 202 8.63 -10.49 13.57
N ALA B 203 8.27 -10.77 12.32
CA ALA B 203 7.09 -11.59 12.07
C ALA B 203 7.38 -13.06 12.30
N ILE B 204 8.59 -13.51 11.98
CA ILE B 204 8.97 -14.89 12.24
C ILE B 204 9.09 -15.13 13.74
N TYR B 205 9.67 -14.18 14.47
CA TYR B 205 9.81 -14.32 15.91
C TYR B 205 8.46 -14.27 16.61
N ALA B 206 7.54 -13.46 16.09
CA ALA B 206 6.20 -13.40 16.66
C ALA B 206 5.46 -14.71 16.46
N ILE B 207 5.61 -15.33 15.29
CA ILE B 207 4.93 -16.61 15.04
C ILE B 207 5.42 -17.66 16.01
N VAL B 208 6.74 -17.78 16.17
CA VAL B 208 7.28 -18.80 17.07
C VAL B 208 7.00 -18.42 18.53
N GLY B 209 7.21 -17.15 18.88
CA GLY B 209 6.89 -16.72 20.23
C GLY B 209 5.42 -16.91 20.55
N LEU B 210 4.55 -16.63 19.59
CA LEU B 210 3.12 -16.80 19.81
C LEU B 210 2.74 -18.27 19.95
N ALA B 211 3.36 -19.13 19.15
CA ALA B 211 3.05 -20.57 19.24
C ALA B 211 3.45 -21.15 20.59
N ILE B 212 4.65 -20.81 21.07
CA ILE B 212 5.10 -21.31 22.38
C ILE B 212 4.31 -20.66 23.50
N ALA B 213 4.03 -19.36 23.38
CA ALA B 213 3.30 -18.68 24.45
C ALA B 213 1.92 -19.29 24.64
N TYR B 214 1.18 -19.47 23.55
CA TYR B 214 -0.17 -20.03 23.66
C TYR B 214 -0.14 -21.46 24.18
N SER B 215 0.77 -22.28 23.66
CA SER B 215 0.82 -23.68 24.09
C SER B 215 1.18 -23.80 25.55
N THR B 216 2.14 -23.00 26.03
CA THR B 216 2.62 -23.15 27.41
C THR B 216 1.70 -22.49 28.42
N PHE B 217 1.10 -21.35 28.09
CA PHE B 217 0.33 -20.56 29.04
C PHE B 217 -1.17 -20.80 28.91
N ARG B 218 -1.73 -20.65 27.71
CA ARG B 218 -3.17 -20.82 27.55
C ARG B 218 -3.57 -22.29 27.57
N VAL B 219 -2.68 -23.18 27.14
CA VAL B 219 -2.99 -24.60 27.09
C VAL B 219 -2.21 -25.41 28.13
N GLY B 220 -1.17 -24.86 28.73
CA GLY B 220 -0.43 -25.58 29.75
C GLY B 220 0.42 -26.71 29.23
N ARG B 221 0.80 -26.67 27.96
CA ARG B 221 1.61 -27.72 27.37
C ARG B 221 3.08 -27.50 27.67
N LYS B 222 3.90 -28.48 27.32
CA LYS B 222 5.33 -28.37 27.55
C LYS B 222 5.93 -27.25 26.71
N GLN B 223 6.95 -26.59 27.27
CA GLN B 223 7.62 -25.49 26.58
C GLN B 223 8.62 -26.10 25.58
N LEU B 224 8.12 -26.37 24.38
CA LEU B 224 8.93 -26.97 23.33
C LEU B 224 8.38 -26.53 21.99
N LEU B 225 9.19 -26.68 20.95
CA LEU B 225 8.71 -26.42 19.59
C LEU B 225 7.74 -27.49 19.13
N SER B 226 7.94 -28.74 19.56
CA SER B 226 7.06 -29.81 19.13
C SER B 226 5.70 -29.73 19.80
N SER B 227 5.63 -29.12 20.99
CA SER B 227 4.35 -28.96 21.67
C SER B 227 3.40 -28.07 20.88
N ALA B 228 3.95 -27.15 20.07
CA ALA B 228 3.10 -26.29 19.26
C ALA B 228 2.45 -27.04 18.12
N PHE B 229 2.97 -28.22 17.77
CA PHE B 229 2.43 -29.03 16.68
C PHE B 229 1.43 -30.07 17.15
N VAL B 230 1.08 -30.07 18.44
CA VAL B 230 0.10 -31.02 18.94
C VAL B 230 -1.22 -30.91 18.18
N PRO B 231 -1.70 -29.73 17.80
CA PRO B 231 -2.95 -29.68 17.02
C PRO B 231 -2.90 -30.49 15.74
N LEU B 232 -1.77 -30.51 15.03
CA LEU B 232 -1.68 -31.23 13.77
C LEU B 232 -1.37 -32.72 13.96
N ILE B 233 -0.43 -33.05 14.85
CA ILE B 233 0.04 -34.42 15.01
C ILE B 233 -0.31 -35.01 16.37
N GLY B 234 -0.97 -34.26 17.25
CA GLY B 234 -1.38 -34.79 18.52
C GLY B 234 -0.19 -35.09 19.42
N GLU B 235 -0.47 -35.78 20.52
CA GLU B 235 0.58 -36.17 21.45
C GLU B 235 1.40 -37.35 20.96
N LYS B 236 0.82 -38.25 20.16
CA LYS B 236 1.61 -39.36 19.64
C LYS B 236 2.75 -38.87 18.75
N GLY B 237 2.48 -37.87 17.91
CA GLY B 237 3.53 -37.31 17.09
C GLY B 237 4.48 -36.41 17.86
N ALA B 238 3.97 -35.68 18.85
CA ALA B 238 4.82 -34.77 19.61
C ALA B 238 5.88 -35.54 20.38
N GLU B 239 5.50 -36.66 20.98
CA GLU B 239 6.48 -37.54 21.62
C GLU B 239 7.03 -38.61 20.69
N GLY B 240 6.54 -38.67 19.46
CA GLY B 240 6.99 -39.64 18.48
C GLY B 240 8.17 -39.12 17.68
N TRP B 241 8.42 -39.79 16.55
CA TRP B 241 9.58 -39.44 15.74
C TRP B 241 9.48 -38.04 15.19
N LEU B 242 8.28 -37.61 14.79
CA LEU B 242 8.14 -36.30 14.17
C LEU B 242 8.35 -35.19 15.18
N GLY B 243 7.81 -35.33 16.38
CA GLY B 243 8.02 -34.31 17.40
C GLY B 243 9.49 -34.17 17.77
N LYS B 244 10.20 -35.29 17.87
CA LYS B 244 11.63 -35.23 18.17
C LYS B 244 12.41 -34.57 17.04
N LEU B 245 12.03 -34.84 15.79
CA LEU B 245 12.70 -34.21 14.67
C LEU B 245 12.53 -32.70 14.71
N ILE B 246 11.32 -32.23 15.02
CA ILE B 246 11.09 -30.79 15.08
C ILE B 246 11.94 -30.16 16.18
N ASP B 247 12.11 -30.87 17.29
CA ASP B 247 12.96 -30.36 18.38
C ASP B 247 14.44 -30.45 18.04
N ILE B 248 14.85 -31.48 17.29
CA ILE B 248 16.24 -31.56 16.85
C ILE B 248 16.57 -30.42 15.90
N LEU B 249 15.68 -30.15 14.94
CA LEU B 249 15.93 -29.07 14.00
C LEU B 249 15.95 -27.71 14.68
N ALA B 250 15.22 -27.57 15.79
CA ALA B 250 15.24 -26.31 16.52
C ALA B 250 16.59 -26.07 17.18
N ILE B 251 17.19 -27.11 17.76
CA ILE B 251 18.50 -26.97 18.38
C ILE B 251 19.56 -26.71 17.33
N ILE B 252 19.52 -27.43 16.21
CA ILE B 252 20.49 -27.22 15.14
C ILE B 252 20.38 -25.81 14.59
N ALA B 253 19.15 -25.34 14.36
CA ALA B 253 18.98 -23.99 13.85
C ALA B 253 19.53 -22.95 14.83
N THR B 254 19.27 -23.13 16.12
CA THR B 254 19.77 -22.19 17.11
C THR B 254 21.29 -22.16 17.16
N VAL B 255 21.92 -23.33 17.04
CA VAL B 255 23.39 -23.38 17.08
C VAL B 255 23.98 -22.61 15.91
N PHE B 256 23.44 -22.84 14.71
CA PHE B 256 23.97 -22.18 13.53
C PHE B 256 23.48 -20.74 13.41
N GLY B 257 22.28 -20.44 13.89
CA GLY B 257 21.84 -19.06 13.95
C GLY B 257 22.63 -18.23 14.94
N THR B 258 22.92 -18.81 16.11
CA THR B 258 23.73 -18.11 17.10
C THR B 258 25.20 -18.09 16.70
N ALA B 259 25.69 -19.18 16.12
CA ALA B 259 27.09 -19.24 15.73
C ALA B 259 27.45 -18.16 14.72
N CYS B 260 26.49 -17.79 13.87
CA CYS B 260 26.76 -16.75 12.88
C CYS B 260 27.02 -15.41 13.56
N SER B 261 26.20 -15.06 14.56
CA SER B 261 26.42 -13.80 15.27
C SER B 261 27.71 -13.81 16.06
N LEU B 262 28.04 -14.95 16.68
CA LEU B 262 29.30 -15.05 17.40
C LEU B 262 30.48 -14.91 16.45
N GLY B 263 30.40 -15.52 15.26
CA GLY B 263 31.46 -15.37 14.29
C GLY B 263 31.58 -13.96 13.77
N LEU B 264 30.44 -13.28 13.53
CA LEU B 264 30.48 -11.89 13.12
C LEU B 264 31.11 -11.02 14.20
N GLY B 265 30.72 -11.23 15.45
CA GLY B 265 31.28 -10.44 16.53
C GLY B 265 32.78 -10.64 16.68
N ALA B 266 33.22 -11.89 16.67
CA ALA B 266 34.65 -12.16 16.75
C ALA B 266 35.40 -11.50 15.60
N LEU B 267 34.81 -11.52 14.40
CA LEU B 267 35.44 -10.89 13.24
C LEU B 267 35.57 -9.38 13.44
N GLN B 268 34.53 -8.74 13.96
CA GLN B 268 34.55 -7.28 14.11
C GLN B 268 35.46 -6.84 15.26
N ILE B 269 35.46 -7.57 16.37
CA ILE B 269 36.39 -7.24 17.45
C ILE B 269 37.82 -7.35 16.96
N GLY B 270 38.12 -8.38 16.17
CA GLY B 270 39.45 -8.50 15.61
C GLY B 270 39.85 -7.31 14.76
N ALA B 271 38.88 -6.76 14.02
CA ALA B 271 39.16 -5.55 13.24
C ALA B 271 39.31 -4.33 14.13
N GLY B 272 38.56 -4.29 15.24
CA GLY B 272 38.66 -3.17 16.16
C GLY B 272 39.94 -3.14 16.95
N LEU B 273 40.61 -4.28 17.09
CA LEU B 273 41.88 -4.36 17.80
C LEU B 273 43.06 -3.93 16.93
N SER B 274 42.81 -3.52 15.68
CA SER B 274 43.88 -3.05 14.83
C SER B 274 44.68 -1.95 15.51
N ALA B 275 44.01 -1.09 16.28
CA ALA B 275 44.71 -0.07 17.04
C ALA B 275 45.65 -0.69 18.07
N ALA B 276 45.19 -1.75 18.75
CA ALA B 276 46.01 -2.38 19.78
C ALA B 276 47.10 -3.25 19.19
N ASN B 277 46.72 -4.13 18.26
CA ASN B 277 47.64 -5.07 17.65
C ASN B 277 47.24 -5.31 16.20
N ILE B 278 48.20 -5.78 15.40
CA ILE B 278 47.88 -6.19 14.05
C ILE B 278 47.07 -7.49 14.08
N ILE B 279 46.23 -7.67 13.08
CA ILE B 279 45.32 -8.82 13.03
C ILE B 279 46.05 -10.02 12.42
N GLU B 280 45.64 -11.21 12.84
CA GLU B 280 46.15 -12.46 12.32
C GLU B 280 45.11 -13.54 12.58
N ASP B 281 45.27 -14.69 11.94
CA ASP B 281 44.31 -15.78 12.17
C ASP B 281 44.25 -16.19 13.63
N PRO B 282 45.37 -16.40 14.34
CA PRO B 282 45.26 -16.77 15.76
C PRO B 282 44.60 -15.71 16.63
N SER B 283 44.77 -14.43 16.30
CA SER B 283 44.15 -13.39 17.10
C SER B 283 42.63 -13.54 17.11
N ASP B 284 42.04 -13.75 15.94
CA ASP B 284 40.61 -13.98 15.85
C ASP B 284 40.27 -15.41 16.28
N TRP B 285 41.20 -16.34 16.08
CA TRP B 285 40.88 -17.75 16.27
C TRP B 285 40.82 -18.11 17.74
N THR B 286 41.93 -17.94 18.46
CA THR B 286 41.97 -18.36 19.85
C THR B 286 41.62 -17.19 20.77
N ILE B 287 42.34 -16.08 20.66
CA ILE B 287 42.23 -15.02 21.66
C ILE B 287 40.77 -14.58 21.83
N VAL B 288 40.18 -13.99 20.79
CA VAL B 288 38.81 -13.49 20.92
C VAL B 288 37.85 -14.63 21.25
N GLY B 289 37.95 -15.74 20.52
CA GLY B 289 37.05 -16.86 20.71
C GLY B 289 37.13 -17.48 22.10
N ILE B 290 38.33 -17.85 22.54
CA ILE B 290 38.45 -18.54 23.82
C ILE B 290 38.18 -17.59 24.96
N VAL B 291 38.68 -16.36 24.88
CA VAL B 291 38.55 -15.42 26.00
C VAL B 291 37.07 -15.09 26.24
N SER B 292 36.35 -14.72 25.18
CA SER B 292 34.95 -14.35 25.34
C SER B 292 34.10 -15.56 25.71
N VAL B 293 34.49 -16.75 25.24
CA VAL B 293 33.70 -17.94 25.52
C VAL B 293 34.07 -18.54 26.86
N LEU B 294 35.34 -18.45 27.25
CA LEU B 294 35.78 -19.12 28.47
C LEU B 294 35.71 -18.21 29.70
N THR B 295 36.49 -17.13 29.69
CA THR B 295 36.63 -16.32 30.89
C THR B 295 35.28 -15.80 31.37
N LEU B 296 34.32 -15.66 30.45
CA LEU B 296 33.06 -15.00 30.74
C LEU B 296 31.85 -15.91 30.60
N ALA B 297 31.68 -16.60 29.45
CA ALA B 297 30.47 -17.39 29.27
C ALA B 297 30.42 -18.58 30.23
N PHE B 298 31.49 -19.37 30.29
CA PHE B 298 31.49 -20.55 31.16
C PHE B 298 31.43 -20.14 32.62
N ILE B 299 32.23 -19.16 33.02
CA ILE B 299 32.33 -18.80 34.43
C ILE B 299 30.98 -18.34 34.95
N PHE B 300 30.31 -17.45 34.21
CA PHE B 300 28.99 -16.99 34.63
C PHE B 300 27.99 -18.14 34.66
N SER B 301 28.00 -19.00 33.65
CA SER B 301 27.06 -20.10 33.62
C SER B 301 27.38 -21.14 34.68
N ALA B 302 28.65 -21.49 34.82
CA ALA B 302 29.03 -22.54 35.77
C ALA B 302 28.72 -22.13 37.21
N ILE B 303 28.94 -20.85 37.54
CA ILE B 303 28.77 -20.40 38.92
C ILE B 303 27.33 -20.64 39.37
N SER B 304 26.37 -20.27 38.53
CA SER B 304 24.96 -20.49 38.84
C SER B 304 24.15 -20.18 37.58
N GLY B 305 22.87 -20.57 37.62
CA GLY B 305 21.99 -20.27 36.49
C GLY B 305 21.85 -18.77 36.26
N VAL B 306 21.69 -18.01 37.33
CA VAL B 306 21.73 -16.55 37.27
C VAL B 306 23.01 -16.11 37.97
N GLY B 307 24.09 -15.95 37.20
CA GLY B 307 25.40 -15.72 37.79
C GLY B 307 25.60 -14.33 38.36
N LYS B 308 24.64 -13.44 38.15
CA LYS B 308 24.69 -12.03 38.56
C LYS B 308 25.56 -11.23 37.61
N GLY B 309 26.16 -11.86 36.60
CA GLY B 309 26.92 -11.15 35.59
C GLY B 309 26.10 -10.84 34.36
N ILE B 310 25.27 -11.80 33.95
CA ILE B 310 24.47 -11.60 32.75
C ILE B 310 23.47 -10.46 32.95
N GLN B 311 22.91 -10.34 34.15
CA GLN B 311 22.03 -9.22 34.43
C GLN B 311 22.81 -7.91 34.44
N TYR B 312 24.01 -7.92 35.02
CA TYR B 312 24.86 -6.73 34.96
C TYR B 312 25.30 -6.43 33.53
N LEU B 313 25.70 -7.45 32.78
CA LEU B 313 26.16 -7.21 31.41
C LEU B 313 25.01 -6.84 30.49
N SER B 314 23.81 -7.36 30.76
CA SER B 314 22.66 -6.96 29.96
C SER B 314 22.36 -5.49 30.14
N ASN B 315 22.63 -4.95 31.34
CA ASN B 315 22.55 -3.50 31.54
C ASN B 315 23.63 -2.77 30.77
N ALA B 316 24.85 -3.31 30.76
CA ALA B 316 25.94 -2.68 30.03
C ALA B 316 25.67 -2.66 28.53
N ASN B 317 24.98 -3.67 28.00
CA ASN B 317 24.61 -3.66 26.60
C ASN B 317 23.67 -2.50 26.29
N MET B 318 22.71 -2.25 27.16
CA MET B 318 21.79 -1.13 26.95
C MET B 318 22.49 0.21 27.10
N VAL B 319 23.33 0.34 28.14
CA VAL B 319 23.98 1.62 28.40
C VAL B 319 25.02 1.92 27.33
N LEU B 320 25.86 0.94 27.00
CA LEU B 320 26.91 1.19 26.02
C LEU B 320 26.34 1.41 24.63
N ALA B 321 25.30 0.66 24.26
CA ALA B 321 24.68 0.85 22.95
C ALA B 321 24.07 2.23 22.82
N ALA B 322 23.37 2.69 23.85
CA ALA B 322 22.76 4.02 23.80
C ALA B 322 23.81 5.12 23.77
N LEU B 323 24.88 4.97 24.55
CA LEU B 323 25.95 5.96 24.52
C LEU B 323 26.65 5.99 23.17
N LEU B 324 26.87 4.81 22.57
CA LEU B 324 27.51 4.77 21.26
C LEU B 324 26.63 5.41 20.20
N ALA B 325 25.32 5.16 20.26
CA ALA B 325 24.40 5.80 19.34
C ALA B 325 24.35 7.31 19.55
N ILE B 326 24.32 7.74 20.81
CA ILE B 326 24.22 9.16 21.11
C ILE B 326 25.49 9.90 20.69
N PHE B 327 26.65 9.26 20.83
CA PHE B 327 27.89 9.90 20.42
C PHE B 327 27.89 10.16 18.92
N VAL B 328 27.50 9.17 18.12
CA VAL B 328 27.43 9.38 16.67
C VAL B 328 26.32 10.35 16.33
N PHE B 329 25.18 10.25 17.01
CA PHE B 329 24.07 11.16 16.74
C PHE B 329 24.44 12.61 17.04
N VAL B 330 25.09 12.84 18.19
CA VAL B 330 25.43 14.20 18.59
C VAL B 330 26.64 14.71 17.81
N VAL B 331 27.74 13.96 17.87
CA VAL B 331 28.98 14.41 17.24
C VAL B 331 28.93 14.27 15.72
N GLY B 332 28.02 13.47 15.19
CA GLY B 332 27.88 13.30 13.77
C GLY B 332 26.94 14.32 13.16
N PRO B 333 26.46 14.07 11.94
CA PRO B 333 25.52 15.00 11.31
C PRO B 333 24.12 14.88 11.86
N THR B 334 23.85 15.56 12.98
CA THR B 334 22.59 15.36 13.70
C THR B 334 21.40 15.59 12.78
N VAL B 335 21.40 16.69 12.03
CA VAL B 335 20.26 17.04 11.21
C VAL B 335 20.07 16.02 10.09
N SER B 336 21.16 15.57 9.47
CA SER B 336 21.04 14.58 8.41
C SER B 336 20.50 13.26 8.94
N ILE B 337 20.91 12.87 10.16
CA ILE B 337 20.40 11.65 10.76
C ILE B 337 18.90 11.78 11.01
N LEU B 338 18.46 12.93 11.50
CA LEU B 338 17.03 13.13 11.75
C LEU B 338 16.22 13.14 10.46
N ASN B 339 16.85 13.51 9.34
CA ASN B 339 16.16 13.44 8.06
C ASN B 339 15.91 12.00 7.63
N LEU B 340 16.83 11.09 7.96
CA LEU B 340 16.68 9.69 7.57
C LEU B 340 15.65 8.95 8.40
N LEU B 341 15.11 9.58 9.45
CA LEU B 341 14.06 8.91 10.23
C LEU B 341 12.78 8.79 9.41
N PRO B 342 12.13 9.87 8.97
CA PRO B 342 10.99 9.71 8.06
C PRO B 342 11.39 9.25 6.68
N GLY B 343 12.57 9.53 6.22
CA GLY B 343 13.01 9.09 4.95
C GLY B 343 13.15 7.62 4.83
N SER B 344 13.58 6.95 5.87
CA SER B 344 13.70 5.49 5.84
C SER B 344 12.34 4.82 6.05
N ILE B 345 11.49 5.38 6.90
CA ILE B 345 10.18 4.78 7.12
C ILE B 345 9.30 4.94 5.89
N GLY B 346 9.34 6.12 5.27
CA GLY B 346 8.55 6.34 4.07
C GLY B 346 9.01 5.50 2.90
N ASN B 347 10.28 5.39 2.68
CA ASN B 347 10.79 4.62 1.58
C ASN B 347 10.75 3.14 1.90
N TYR B 348 10.69 2.76 3.16
CA TYR B 348 10.47 1.36 3.50
C TYR B 348 9.06 0.92 3.13
N LEU B 349 8.07 1.77 3.42
CA LEU B 349 6.70 1.42 3.12
C LEU B 349 6.40 1.54 1.62
N SER B 350 7.09 2.45 0.93
CA SER B 350 6.89 2.58 -0.51
C SER B 350 7.39 1.37 -1.26
N ASN B 351 8.58 0.87 -0.91
CA ASN B 351 9.22 -0.20 -1.65
C ASN B 351 8.95 -1.58 -1.06
N PHE B 352 8.12 -1.66 -0.01
CA PHE B 352 7.99 -2.92 0.72
C PHE B 352 7.70 -4.10 -0.21
N PHE B 353 6.72 -3.96 -1.10
CA PHE B 353 6.35 -5.06 -1.97
C PHE B 353 7.29 -5.20 -3.17
N GLN B 354 7.94 -4.11 -3.57
CA GLN B 354 8.92 -4.19 -4.64
C GLN B 354 10.12 -5.04 -4.23
N MET B 355 10.47 -5.03 -2.95
CA MET B 355 11.53 -5.89 -2.43
C MET B 355 11.02 -7.26 -2.00
N ALA B 356 9.76 -7.36 -1.60
CA ALA B 356 9.19 -8.66 -1.32
C ALA B 356 9.08 -9.52 -2.58
N GLY B 357 8.94 -8.89 -3.74
CA GLY B 357 8.86 -9.56 -5.01
C GLY B 357 10.16 -9.63 -5.77
N ARG B 358 11.29 -9.36 -5.14
CA ARG B 358 12.59 -9.48 -5.80
C ARG B 358 13.10 -10.89 -5.68
N THR B 359 13.21 -11.59 -6.80
CA THR B 359 13.62 -12.97 -6.87
C THR B 359 14.83 -13.07 -7.80
N ALA B 360 15.28 -14.30 -8.04
CA ALA B 360 16.42 -14.50 -8.93
C ALA B 360 16.11 -14.11 -10.36
N MET B 361 14.84 -13.95 -10.71
CA MET B 361 14.44 -13.52 -12.03
C MET B 361 14.30 -12.00 -12.14
N SER B 362 14.56 -11.27 -11.06
CA SER B 362 14.53 -9.83 -11.10
C SER B 362 15.82 -9.28 -11.68
N ALA B 363 15.78 -8.02 -12.11
CA ALA B 363 16.90 -7.39 -12.79
C ALA B 363 17.30 -8.19 -14.02
N ASP B 364 16.30 -8.74 -14.71
CA ASP B 364 16.50 -9.52 -15.93
C ASP B 364 17.25 -10.82 -15.64
N GLY B 365 17.11 -11.36 -14.44
CA GLY B 365 17.72 -12.62 -14.07
C GLY B 365 19.05 -12.52 -13.39
N THR B 366 19.57 -11.32 -13.14
CA THR B 366 20.87 -11.12 -12.53
C THR B 366 20.80 -10.86 -11.04
N ALA B 367 19.62 -10.98 -10.43
CA ALA B 367 19.47 -10.68 -9.01
C ALA B 367 19.79 -11.86 -8.11
N GLY B 368 20.10 -13.04 -8.68
CA GLY B 368 20.32 -14.20 -7.86
C GLY B 368 21.55 -14.10 -6.97
N GLU B 369 22.66 -13.60 -7.53
CA GLU B 369 23.90 -13.53 -6.76
C GLU B 369 23.77 -12.54 -5.61
N TRP B 370 23.13 -11.40 -5.85
CA TRP B 370 22.90 -10.44 -4.78
C TRP B 370 22.02 -11.02 -3.69
N LEU B 371 20.96 -11.73 -4.07
CA LEU B 371 20.02 -12.25 -3.08
C LEU B 371 20.68 -13.25 -2.15
N GLY B 372 21.55 -14.11 -2.67
CA GLY B 372 22.22 -15.06 -1.81
C GLY B 372 23.09 -14.40 -0.77
N SER B 373 23.71 -13.27 -1.12
CA SER B 373 24.59 -12.59 -0.18
C SER B 373 23.80 -11.79 0.85
N TRP B 374 22.66 -11.22 0.46
CA TRP B 374 21.96 -10.27 1.32
C TRP B 374 20.60 -10.75 1.80
N THR B 375 19.65 -11.02 0.90
CA THR B 375 18.28 -11.24 1.35
C THR B 375 18.06 -12.68 1.81
N ILE B 376 18.51 -13.65 1.02
CA ILE B 376 18.31 -15.03 1.40
C ILE B 376 19.15 -15.39 2.62
N PHE B 377 20.29 -14.71 2.81
CA PHE B 377 21.07 -14.95 4.02
C PHE B 377 20.33 -14.45 5.25
N TYR B 378 19.76 -13.25 5.19
CA TYR B 378 19.05 -12.70 6.33
C TYR B 378 17.82 -13.54 6.66
N TRP B 379 17.07 -13.96 5.64
CA TRP B 379 15.90 -14.79 5.87
C TRP B 379 16.30 -16.11 6.52
N ALA B 380 17.38 -16.72 6.05
CA ALA B 380 17.88 -17.94 6.67
C ALA B 380 18.39 -17.66 8.08
N TRP B 381 19.01 -16.50 8.30
CA TRP B 381 19.50 -16.15 9.62
C TRP B 381 18.34 -15.92 10.59
N TRP B 382 17.31 -15.20 10.17
CA TRP B 382 16.15 -15.00 11.04
C TRP B 382 15.43 -16.31 11.34
N ILE B 383 15.30 -17.17 10.34
CA ILE B 383 14.60 -18.43 10.55
C ILE B 383 15.33 -19.28 11.58
N SER B 384 16.66 -19.23 11.58
CA SER B 384 17.43 -20.02 12.53
C SER B 384 17.44 -19.41 13.93
N TRP B 385 17.28 -18.12 14.08
CA TRP B 385 17.26 -17.49 15.36
C TRP B 385 15.86 -17.56 15.94
N SER B 386 14.87 -18.08 15.23
CA SER B 386 13.49 -18.05 15.72
C SER B 386 13.30 -18.86 16.98
N PRO B 387 13.81 -20.10 17.09
CA PRO B 387 13.58 -20.85 18.33
C PRO B 387 14.03 -20.12 19.58
N PHE B 388 15.18 -19.44 19.55
CA PHE B 388 15.62 -18.70 20.72
C PHE B 388 14.77 -17.46 20.95
N VAL B 389 14.55 -16.66 19.92
CA VAL B 389 13.84 -15.40 20.10
C VAL B 389 12.36 -15.67 20.39
N GLY B 390 11.80 -16.72 19.81
CA GLY B 390 10.44 -17.10 20.17
C GLY B 390 10.31 -17.50 21.62
N MET B 391 11.24 -18.31 22.12
CA MET B 391 11.23 -18.68 23.53
C MET B 391 11.46 -17.46 24.42
N PHE B 392 12.37 -16.58 24.03
CA PHE B 392 12.63 -15.40 24.85
C PHE B 392 11.41 -14.50 24.92
N LEU B 393 10.75 -14.25 23.78
CA LEU B 393 9.58 -13.40 23.78
C LEU B 393 8.40 -14.06 24.50
N ALA B 394 8.28 -15.38 24.39
CA ALA B 394 7.19 -16.07 25.07
C ALA B 394 7.29 -15.91 26.58
N ARG B 395 8.50 -16.00 27.13
CA ARG B 395 8.67 -15.96 28.58
C ARG B 395 8.24 -14.61 29.15
N ILE B 396 8.56 -13.52 28.46
CA ILE B 396 8.34 -12.18 29.00
C ILE B 396 6.96 -11.66 28.62
N SER B 397 6.11 -12.54 28.09
CA SER B 397 4.82 -12.12 27.55
C SER B 397 3.67 -12.94 28.13
N ARG B 398 3.83 -13.48 29.33
CA ARG B 398 2.73 -14.18 30.00
C ARG B 398 1.67 -13.18 30.43
N GLY B 399 0.42 -13.50 30.14
CA GLY B 399 -0.68 -12.62 30.47
C GLY B 399 -0.92 -11.50 29.49
N ARG B 400 -0.09 -11.38 28.46
CA ARG B 400 -0.29 -10.39 27.42
C ARG B 400 -1.29 -10.89 26.40
N SER B 401 -2.07 -9.98 25.83
CA SER B 401 -2.98 -10.36 24.77
C SER B 401 -2.20 -10.58 23.48
N ILE B 402 -2.79 -11.38 22.58
CA ILE B 402 -2.13 -11.68 21.31
C ILE B 402 -1.94 -10.41 20.50
N ARG B 403 -2.97 -9.56 20.45
CA ARG B 403 -2.85 -8.31 19.69
C ARG B 403 -1.76 -7.41 20.29
N GLU B 404 -1.74 -7.29 21.60
CA GLU B 404 -0.72 -6.45 22.24
C GLU B 404 0.66 -7.08 22.15
N PHE B 405 0.74 -8.41 22.21
CA PHE B 405 2.03 -9.09 22.06
C PHE B 405 2.60 -8.84 20.67
N ILE B 406 1.76 -8.96 19.63
CA ILE B 406 2.25 -8.77 18.27
C ILE B 406 2.59 -7.31 18.02
N LEU B 407 1.75 -6.39 18.47
CA LEU B 407 2.02 -4.97 18.24
C LEU B 407 3.33 -4.55 18.88
N GLY B 408 3.58 -4.99 20.11
CA GLY B 408 4.84 -4.66 20.77
C GLY B 408 6.04 -5.28 20.10
N VAL B 409 5.92 -6.56 19.73
CA VAL B 409 7.05 -7.27 19.13
C VAL B 409 7.35 -6.74 17.74
N LEU B 410 6.32 -6.37 16.98
CA LEU B 410 6.52 -5.91 15.62
C LEU B 410 7.06 -4.48 15.56
N LEU B 411 6.55 -3.58 16.41
CA LEU B 411 6.79 -2.15 16.25
C LEU B 411 7.96 -1.63 17.08
N VAL B 412 8.12 -2.08 18.32
CA VAL B 412 9.22 -1.57 19.14
C VAL B 412 10.57 -1.97 18.56
N PRO B 413 10.83 -3.24 18.24
CA PRO B 413 12.11 -3.58 17.57
C PRO B 413 12.28 -2.92 16.21
N ALA B 414 11.19 -2.70 15.48
CA ALA B 414 11.29 -1.97 14.22
C ALA B 414 11.73 -0.53 14.44
N GLY B 415 11.21 0.09 15.50
CA GLY B 415 11.59 1.47 15.79
C GLY B 415 13.05 1.61 16.18
N VAL B 416 13.57 0.64 16.93
CA VAL B 416 14.98 0.69 17.34
C VAL B 416 15.89 0.48 16.15
N SER B 417 15.55 -0.48 15.27
CA SER B 417 16.37 -0.73 14.10
C SER B 417 16.38 0.47 13.16
N THR B 418 15.22 1.13 13.01
CA THR B 418 15.16 2.33 12.17
C THR B 418 16.10 3.41 12.68
N VAL B 419 16.09 3.65 14.00
CA VAL B 419 16.93 4.69 14.57
C VAL B 419 18.40 4.30 14.49
N TRP B 420 18.70 3.03 14.69
CA TRP B 420 20.09 2.58 14.66
C TRP B 420 20.72 2.79 13.29
N PHE B 421 20.01 2.39 12.23
CA PHE B 421 20.58 2.47 10.89
C PHE B 421 20.59 3.90 10.37
N SER B 422 19.67 4.74 10.85
CA SER B 422 19.74 6.16 10.50
C SER B 422 20.98 6.82 11.07
N ILE B 423 21.32 6.51 12.32
CA ILE B 423 22.49 7.12 12.94
C ILE B 423 23.76 6.60 12.30
N PHE B 424 23.89 5.28 12.17
CA PHE B 424 25.13 4.70 11.68
C PHE B 424 25.16 4.57 10.16
N GLY B 425 24.04 4.13 9.57
CA GLY B 425 23.96 4.13 8.12
C GLY B 425 23.93 5.53 7.54
N GLY B 426 23.18 6.44 8.17
CA GLY B 426 23.10 7.79 7.68
C GLY B 426 24.41 8.55 7.81
N THR B 427 25.13 8.35 8.90
CA THR B 427 26.41 9.02 9.09
C THR B 427 27.41 8.59 8.03
N ALA B 428 27.45 7.30 7.72
CA ALA B 428 28.38 6.80 6.70
C ALA B 428 27.99 7.31 5.32
N ILE B 429 26.69 7.41 5.03
CA ILE B 429 26.25 7.93 3.74
C ILE B 429 26.59 9.41 3.62
N VAL B 430 26.42 10.17 4.71
CA VAL B 430 26.73 11.59 4.67
C VAL B 430 28.21 11.80 4.39
N PHE B 431 29.09 11.02 5.01
CA PHE B 431 30.51 11.10 4.71
C PHE B 431 30.76 10.81 3.24
N GLU B 432 30.15 9.74 2.71
CA GLU B 432 30.34 9.39 1.31
C GLU B 432 29.94 10.55 0.40
N GLN B 433 28.83 11.22 0.71
CA GLN B 433 28.37 12.31 -0.12
C GLN B 433 29.37 13.46 -0.13
N ASN B 434 29.97 13.76 1.02
CA ASN B 434 30.86 14.91 1.15
C ASN B 434 32.26 14.66 0.64
N GLY B 435 32.59 13.42 0.26
CA GLY B 435 33.90 13.12 -0.28
C GLY B 435 34.68 12.20 0.63
N GLU B 436 34.64 12.47 1.93
CA GLU B 436 35.27 11.56 2.88
C GLU B 436 34.58 10.21 2.85
N SER B 437 35.35 9.17 2.56
CA SER B 437 34.82 7.81 2.49
C SER B 437 35.43 6.99 3.61
N ILE B 438 34.56 6.42 4.45
CA ILE B 438 35.00 5.43 5.42
C ILE B 438 35.03 4.02 4.84
N TRP B 439 34.83 3.89 3.52
CA TRP B 439 34.85 2.58 2.90
C TRP B 439 36.20 1.90 3.07
N GLY B 440 37.29 2.66 2.89
CA GLY B 440 38.60 2.07 3.02
C GLY B 440 38.81 0.95 2.04
N ASP B 441 39.34 -0.17 2.53
CA ASP B 441 39.55 -1.33 1.67
C ASP B 441 38.24 -1.95 1.23
N GLY B 442 37.24 -1.96 2.11
CA GLY B 442 35.93 -2.49 1.80
C GLY B 442 35.47 -3.61 2.71
N ALA B 443 36.32 -4.08 3.62
CA ALA B 443 35.92 -5.15 4.52
C ALA B 443 34.78 -4.68 5.43
N ALA B 444 33.78 -5.56 5.60
CA ALA B 444 32.60 -5.19 6.37
C ALA B 444 32.87 -5.10 7.86
N GLU B 445 33.98 -5.67 8.34
CA GLU B 445 34.26 -5.75 9.76
C GLU B 445 35.00 -4.54 10.29
N GLU B 446 35.33 -3.58 9.43
CA GLU B 446 36.07 -2.39 9.84
C GLU B 446 35.42 -1.10 9.38
N GLN B 447 34.18 -1.15 8.89
CA GLN B 447 33.50 0.06 8.48
C GLN B 447 33.06 0.88 9.69
N LEU B 448 32.62 0.21 10.75
CA LEU B 448 32.21 0.93 11.95
C LEU B 448 33.37 1.70 12.55
N PHE B 449 34.50 1.03 12.76
CA PHE B 449 35.64 1.70 13.38
C PHE B 449 36.21 2.77 12.47
N GLY B 450 36.01 2.65 11.16
CA GLY B 450 36.31 3.76 10.26
C GLY B 450 35.39 4.94 10.50
N LEU B 451 34.10 4.67 10.74
CA LEU B 451 33.15 5.75 11.01
C LEU B 451 33.48 6.44 12.32
N LEU B 452 33.79 5.66 13.36
CA LEU B 452 34.09 6.24 14.66
C LEU B 452 35.38 7.05 14.63
N HIS B 453 36.42 6.52 13.98
CA HIS B 453 37.68 7.24 13.92
C HIS B 453 37.58 8.54 13.14
N ALA B 454 36.53 8.70 12.34
CA ALA B 454 36.33 9.92 11.56
C ALA B 454 35.62 11.02 12.33
N LEU B 455 35.25 10.78 13.58
CA LEU B 455 34.62 11.78 14.43
C LEU B 455 35.49 12.09 15.63
N PRO B 456 35.43 13.30 16.17
CA PRO B 456 36.24 13.61 17.35
C PRO B 456 35.87 12.71 18.52
N GLY B 457 36.89 12.28 19.26
CA GLY B 457 36.67 11.30 20.31
C GLY B 457 36.47 9.90 19.79
N GLY B 458 36.79 9.64 18.52
CA GLY B 458 36.56 8.32 17.96
C GLY B 458 37.42 7.24 18.59
N GLN B 459 38.65 7.56 18.98
CA GLN B 459 39.53 6.55 19.55
C GLN B 459 38.91 5.91 20.78
N ILE B 460 38.35 6.73 21.68
CA ILE B 460 37.77 6.20 22.90
C ILE B 460 36.50 5.42 22.59
N MET B 461 35.64 5.97 21.72
CA MET B 461 34.39 5.27 21.40
C MET B 461 34.64 4.04 20.55
N GLY B 462 35.74 4.01 19.79
CA GLY B 462 36.11 2.79 19.11
C GLY B 462 36.44 1.67 20.09
N ILE B 463 37.04 2.02 21.22
CA ILE B 463 37.29 1.04 22.27
C ILE B 463 35.99 0.62 22.93
N ILE B 464 35.06 1.56 23.11
CA ILE B 464 33.77 1.23 23.71
C ILE B 464 32.99 0.30 22.81
N ALA B 465 33.11 0.47 21.48
CA ALA B 465 32.45 -0.44 20.56
C ALA B 465 32.99 -1.86 20.69
N MET B 466 34.30 -2.00 20.91
CA MET B 466 34.87 -3.33 21.12
C MET B 466 34.34 -3.96 22.39
N ILE B 467 34.25 -3.18 23.47
CA ILE B 467 33.71 -3.71 24.72
C ILE B 467 32.23 -4.06 24.55
N LEU B 468 31.49 -3.23 23.82
CA LEU B 468 30.07 -3.53 23.59
C LEU B 468 29.92 -4.84 22.83
N LEU B 469 30.78 -5.08 21.83
CA LEU B 469 30.72 -6.35 21.10
C LEU B 469 31.01 -7.52 22.03
N GLY B 470 31.98 -7.36 22.92
CA GLY B 470 32.31 -8.44 23.84
C GLY B 470 31.16 -8.81 24.74
N THR B 471 30.39 -7.80 25.19
CA THR B 471 29.26 -8.07 26.07
C THR B 471 28.07 -8.64 25.30
N PHE B 472 27.97 -8.36 24.00
CA PHE B 472 26.96 -9.03 23.19
C PHE B 472 27.33 -10.48 22.95
N PHE B 473 28.62 -10.77 22.79
CA PHE B 473 29.06 -12.14 22.60
C PHE B 473 28.68 -13.01 23.81
N ILE B 474 28.95 -12.51 25.02
CA ILE B 474 28.61 -13.28 26.22
C ILE B 474 27.10 -13.30 26.42
N THR B 475 26.45 -12.16 26.28
CA THR B 475 25.00 -12.09 26.49
C THR B 475 24.25 -12.94 25.48
N SER B 476 24.66 -12.88 24.20
CA SER B 476 23.96 -13.65 23.18
C SER B 476 24.19 -15.14 23.38
N ALA B 477 25.40 -15.54 23.76
CA ALA B 477 25.67 -16.95 23.99
C ALA B 477 24.91 -17.47 25.21
N ASP B 478 24.85 -16.69 26.28
CA ASP B 478 24.14 -17.14 27.48
C ASP B 478 22.64 -17.21 27.24
N SER B 479 22.07 -16.23 26.54
CA SER B 479 20.64 -16.26 26.28
C SER B 479 20.26 -17.43 25.39
N ALA B 480 21.06 -17.72 24.37
CA ALA B 480 20.76 -18.83 23.48
C ALA B 480 20.99 -20.17 24.17
N SER B 481 22.12 -20.30 24.88
CA SER B 481 22.40 -21.56 25.58
C SER B 481 21.31 -21.91 26.56
N THR B 482 20.66 -20.90 27.14
CA THR B 482 19.57 -21.14 28.09
C THR B 482 18.38 -21.80 27.40
N VAL B 483 18.05 -21.34 26.19
CA VAL B 483 16.93 -21.93 25.46
C VAL B 483 17.29 -23.34 24.98
N MET B 484 18.52 -23.53 24.51
CA MET B 484 18.94 -24.85 24.07
C MET B 484 18.90 -25.86 25.22
N GLY B 485 19.22 -25.41 26.42
CA GLY B 485 19.09 -26.28 27.58
C GLY B 485 17.65 -26.63 27.87
N THR B 486 16.73 -25.69 27.67
CA THR B 486 15.31 -25.96 27.88
C THR B 486 14.82 -27.03 26.92
N MET B 487 15.22 -26.94 25.65
CA MET B 487 14.77 -27.91 24.65
C MET B 487 15.35 -29.29 24.92
N SER B 488 16.49 -29.38 25.59
CA SER B 488 17.10 -30.67 25.90
C SER B 488 16.61 -31.26 27.22
N GLN B 489 15.84 -30.51 28.01
CA GLN B 489 15.31 -30.99 29.27
C GLN B 489 13.79 -31.03 29.28
N HIS B 490 13.19 -31.37 28.14
CA HIS B 490 11.75 -31.54 28.04
C HIS B 490 11.01 -30.26 28.40
N GLY B 491 11.61 -29.12 28.04
CA GLY B 491 11.00 -27.84 28.28
C GLY B 491 11.18 -27.29 29.69
N GLN B 492 12.09 -27.85 30.48
CA GLN B 492 12.30 -27.36 31.83
C GLN B 492 12.83 -25.94 31.80
N LEU B 493 12.22 -25.06 32.61
CA LEU B 493 12.59 -23.65 32.58
C LEU B 493 14.00 -23.44 33.11
N GLU B 494 14.33 -24.04 34.25
CA GLU B 494 15.67 -23.95 34.83
C GLU B 494 16.46 -25.19 34.41
N ALA B 495 17.54 -24.96 33.67
CA ALA B 495 18.32 -26.06 33.10
C ALA B 495 19.62 -26.24 33.86
N ASN B 496 20.26 -27.38 33.61
CA ASN B 496 21.52 -27.68 34.28
C ASN B 496 22.58 -26.67 33.89
N LYS B 497 23.43 -26.30 34.85
CA LYS B 497 24.53 -25.41 34.53
C LYS B 497 25.46 -26.02 33.50
N TRP B 498 25.76 -27.30 33.63
CA TRP B 498 26.67 -27.95 32.69
C TRP B 498 26.05 -28.06 31.31
N VAL B 499 24.75 -28.35 31.24
CA VAL B 499 24.08 -28.47 29.95
C VAL B 499 24.07 -27.14 29.22
N THR B 500 23.81 -26.06 29.95
CA THR B 500 23.87 -24.73 29.34
C THR B 500 25.30 -24.36 28.92
N ALA B 501 26.28 -24.72 29.74
CA ALA B 501 27.66 -24.44 29.37
C ALA B 501 28.07 -25.19 28.11
N ALA B 502 27.67 -26.46 28.00
CA ALA B 502 28.06 -27.27 26.86
C ALA B 502 27.50 -26.70 25.56
N TRP B 503 26.25 -26.23 25.59
CA TRP B 503 25.65 -25.69 24.38
C TRP B 503 26.31 -24.38 23.97
N GLY B 504 26.78 -23.60 24.94
CA GLY B 504 27.53 -22.40 24.62
C GLY B 504 28.87 -22.71 23.97
N VAL B 505 29.54 -23.76 24.46
CA VAL B 505 30.83 -24.14 23.89
C VAL B 505 30.65 -24.57 22.44
N ALA B 506 29.65 -25.42 22.18
CA ALA B 506 29.43 -25.93 20.83
C ALA B 506 29.10 -24.81 19.86
N THR B 507 28.23 -23.88 20.28
CA THR B 507 27.89 -22.76 19.42
C THR B 507 29.10 -21.90 19.12
N ALA B 508 29.94 -21.65 20.13
CA ALA B 508 31.16 -20.87 19.90
C ALA B 508 32.14 -21.65 19.03
N ALA B 509 32.19 -22.97 19.19
CA ALA B 509 33.06 -23.78 18.35
C ALA B 509 32.62 -23.72 16.90
N ILE B 510 31.32 -23.72 16.64
CA ILE B 510 30.81 -23.63 15.28
C ILE B 510 31.13 -22.27 14.69
N GLY B 511 30.85 -21.20 15.43
CA GLY B 511 31.13 -19.87 14.92
C GLY B 511 32.60 -19.66 14.62
N LEU B 512 33.47 -20.27 15.44
CA LEU B 512 34.91 -20.19 15.18
C LEU B 512 35.31 -21.02 13.97
N THR B 513 34.75 -22.23 13.84
CA THR B 513 35.12 -23.10 12.73
C THR B 513 34.72 -22.48 11.39
N LEU B 514 33.59 -21.77 11.34
CA LEU B 514 33.20 -21.12 10.10
C LEU B 514 34.21 -20.07 9.70
N LEU B 515 34.79 -19.37 10.68
CA LEU B 515 35.79 -18.35 10.38
C LEU B 515 37.09 -18.99 9.89
N LEU B 516 37.55 -20.03 10.58
CA LEU B 516 38.82 -20.67 10.22
C LEU B 516 38.75 -21.27 8.82
N SER B 517 37.68 -21.99 8.50
CA SER B 517 37.59 -22.65 7.21
C SER B 517 37.56 -21.63 6.07
N GLY B 518 36.83 -20.52 6.25
CA GLY B 518 36.70 -19.56 5.18
C GLY B 518 38.02 -18.91 4.81
N GLY B 519 38.79 -18.49 5.82
CA GLY B 519 40.05 -17.82 5.57
C GLY B 519 39.86 -16.40 5.09
N ASP B 520 40.31 -16.12 3.86
CA ASP B 520 40.10 -14.79 3.29
C ASP B 520 38.62 -14.49 3.13
N ASN B 521 37.84 -15.46 2.68
CA ASN B 521 36.40 -15.34 2.56
C ASN B 521 35.69 -15.86 3.82
N ALA B 522 36.08 -15.33 4.98
CA ALA B 522 35.49 -15.77 6.23
C ALA B 522 34.01 -15.41 6.31
N LEU B 523 33.64 -14.20 5.87
CA LEU B 523 32.24 -13.79 5.94
C LEU B 523 31.38 -14.63 5.03
N SER B 524 31.87 -14.96 3.83
CA SER B 524 31.08 -15.76 2.90
C SER B 524 30.81 -17.16 3.47
N ASN B 525 31.84 -17.79 4.04
CA ASN B 525 31.63 -19.11 4.64
C ASN B 525 30.69 -19.03 5.83
N LEU B 526 30.72 -17.92 6.57
CA LEU B 526 29.76 -17.72 7.64
C LEU B 526 28.33 -17.65 7.11
N GLN B 527 28.14 -16.95 5.99
CA GLN B 527 26.81 -16.80 5.42
C GLN B 527 26.34 -18.04 4.69
N ASN B 528 27.23 -18.71 3.95
CA ASN B 528 26.82 -19.89 3.20
C ASN B 528 26.35 -21.00 4.13
N VAL B 529 27.06 -21.22 5.24
CA VAL B 529 26.70 -22.31 6.14
C VAL B 529 25.38 -22.03 6.83
N THR B 530 25.09 -20.77 7.15
CA THR B 530 23.84 -20.44 7.82
C THR B 530 22.64 -20.73 6.93
N ILE B 531 22.77 -20.50 5.63
CA ILE B 531 21.65 -20.74 4.72
C ILE B 531 21.32 -22.22 4.64
N VAL B 532 22.34 -23.07 4.57
CA VAL B 532 22.10 -24.51 4.50
C VAL B 532 21.54 -25.02 5.82
N ALA B 533 22.00 -24.46 6.94
CA ALA B 533 21.55 -24.93 8.25
C ALA B 533 20.13 -24.50 8.55
N ALA B 534 19.67 -23.40 7.99
CA ALA B 534 18.33 -22.89 8.26
C ALA B 534 17.27 -23.43 7.30
N THR B 535 17.68 -24.15 6.26
CA THR B 535 16.70 -24.65 5.28
C THR B 535 15.71 -25.63 5.89
N PRO B 536 16.13 -26.65 6.65
CA PRO B 536 15.14 -27.58 7.21
C PRO B 536 14.11 -26.90 8.11
N PHE B 537 14.51 -25.88 8.86
CA PHE B 537 13.59 -25.20 9.77
C PHE B 537 12.68 -24.20 9.09
N LEU B 538 12.92 -23.89 7.80
CA LEU B 538 11.97 -23.03 7.10
C LEU B 538 10.60 -23.68 7.04
N PHE B 539 10.57 -25.00 6.81
CA PHE B 539 9.32 -25.73 6.71
C PHE B 539 8.67 -25.98 8.06
N VAL B 540 9.44 -25.95 9.15
CA VAL B 540 8.85 -26.00 10.49
C VAL B 540 8.05 -24.73 10.76
N VAL B 541 8.59 -23.57 10.38
CA VAL B 541 7.88 -22.32 10.60
C VAL B 541 6.63 -22.25 9.75
N ILE B 542 6.67 -22.83 8.55
CA ILE B 542 5.48 -22.85 7.70
C ILE B 542 4.40 -23.72 8.33
N GLY B 543 4.77 -24.91 8.81
CA GLY B 543 3.83 -25.76 9.50
C GLY B 543 3.42 -25.23 10.86
N LEU B 544 4.21 -24.31 11.42
CA LEU B 544 3.85 -23.67 12.68
C LEU B 544 2.71 -22.67 12.49
N MET B 545 2.52 -22.17 11.27
CA MET B 545 1.38 -21.30 10.99
C MET B 545 0.08 -22.09 10.97
N PHE B 546 0.09 -23.28 10.36
CA PHE B 546 -1.09 -24.11 10.33
C PHE B 546 -1.43 -24.63 11.72
N ALA B 547 -0.42 -25.05 12.48
CA ALA B 547 -0.66 -25.51 13.83
C ALA B 547 -1.20 -24.39 14.72
N LEU B 548 -0.69 -23.17 14.53
CA LEU B 548 -1.09 -22.07 15.39
C LEU B 548 -2.55 -21.71 15.18
N VAL B 549 -3.04 -21.75 13.95
CA VAL B 549 -4.45 -21.43 13.68
C VAL B 549 -5.36 -22.50 14.26
N LYS B 550 -4.98 -23.78 14.15
CA LYS B 550 -5.77 -24.83 14.77
C LYS B 550 -5.80 -24.67 16.28
N ASP B 551 -4.70 -24.31 16.90
CA ASP B 551 -4.71 -24.15 18.31
C ASP B 551 -5.60 -23.03 18.73
N LEU B 552 -5.49 -21.89 18.07
CA LEU B 552 -6.31 -20.75 18.46
C LEU B 552 -7.79 -21.00 18.18
N SER B 553 -8.10 -21.68 17.09
CA SER B 553 -9.49 -21.86 16.68
C SER B 553 -10.18 -22.94 17.52
N ASN B 554 -9.43 -23.93 17.99
CA ASN B 554 -10.05 -25.09 18.63
C ASN B 554 -10.45 -24.80 20.07
N ASP B 555 -9.48 -24.46 20.91
CA ASP B 555 -9.73 -24.42 22.35
C ASP B 555 -10.50 -23.16 22.74
N VAL B 556 -9.91 -21.99 22.51
CA VAL B 556 -10.40 -20.77 23.16
C VAL B 556 -11.81 -20.43 22.68
N ILE B 557 -12.07 -20.56 21.39
CA ILE B 557 -13.36 -20.11 20.85
C ILE B 557 -14.49 -20.91 21.46
N TYR B 558 -14.32 -22.22 21.60
CA TYR B 558 -15.35 -23.07 22.19
C TYR B 558 -15.43 -22.95 23.71
N LEU B 559 -14.43 -22.34 24.34
CA LEU B 559 -14.37 -22.32 25.80
C LEU B 559 -15.58 -21.61 26.40
N GLU B 560 -15.76 -20.34 26.07
CA GLU B 560 -16.73 -19.49 26.74
C GLU B 560 -17.88 -19.08 25.83
N TYR B 561 -17.59 -18.47 24.68
CA TYR B 561 -18.64 -17.91 23.85
C TYR B 561 -19.39 -19.00 23.09
N ARG B 562 -18.67 -19.74 22.26
CA ARG B 562 -19.33 -20.71 21.38
C ARG B 562 -20.06 -21.78 22.18
N GLU B 563 -19.44 -22.27 23.24
CA GLU B 563 -20.06 -23.29 24.09
C GLU B 563 -20.03 -22.89 25.56
N ALA C 64 -16.71 35.62 28.86
CA ALA C 64 -17.45 36.78 28.39
C ALA C 64 -16.55 38.01 28.37
N SER C 65 -15.74 38.16 29.41
CA SER C 65 -14.79 39.26 29.45
C SER C 65 -13.60 38.96 28.55
N LEU C 66 -12.82 40.00 28.25
CA LEU C 66 -11.68 39.87 27.36
C LEU C 66 -10.47 39.34 28.11
N ASN C 67 -9.78 38.38 27.52
CA ASN C 67 -8.56 37.82 28.10
C ASN C 67 -7.40 38.68 27.61
N TRP C 68 -7.15 39.78 28.31
CA TRP C 68 -6.06 40.67 27.94
C TRP C 68 -4.69 40.04 28.14
N SER C 69 -4.59 39.01 28.98
CA SER C 69 -3.31 38.33 29.13
C SER C 69 -2.95 37.51 27.89
N VAL C 70 -3.89 37.34 26.97
CA VAL C 70 -3.65 36.66 25.71
C VAL C 70 -3.60 37.64 24.54
N ILE C 71 -4.37 38.72 24.62
CA ILE C 71 -4.39 39.68 23.52
C ILE C 71 -3.08 40.44 23.44
N VAL C 72 -2.61 40.96 24.57
CA VAL C 72 -1.42 41.82 24.54
C VAL C 72 -0.18 41.06 24.08
N PRO C 73 0.15 39.88 24.62
CA PRO C 73 1.30 39.15 24.08
C PRO C 73 1.17 38.86 22.60
N ALA C 74 -0.04 38.56 22.12
CA ALA C 74 -0.24 38.30 20.70
C ALA C 74 -0.17 39.58 19.89
N LEU C 75 -0.79 40.66 20.39
CA LEU C 75 -0.80 41.92 19.66
C LEU C 75 0.60 42.53 19.58
N VAL C 76 1.38 42.39 20.65
CA VAL C 76 2.73 42.97 20.66
C VAL C 76 3.58 42.32 19.57
N ILE C 77 3.52 41.00 19.46
CA ILE C 77 4.27 40.30 18.42
C ILE C 77 3.76 40.71 17.03
N VAL C 78 2.45 40.82 16.88
CA VAL C 78 1.87 41.19 15.59
C VAL C 78 2.16 42.66 15.28
N LEU C 79 2.04 43.53 16.28
CA LEU C 79 2.14 44.96 16.05
C LEU C 79 3.59 45.43 16.00
N ALA C 80 4.31 45.31 17.13
CA ALA C 80 5.60 45.97 17.25
C ALA C 80 6.71 45.25 16.49
N THR C 81 6.61 43.93 16.35
CA THR C 81 7.68 43.16 15.72
C THR C 81 7.52 43.10 14.21
N VAL C 82 6.39 42.56 13.74
CA VAL C 82 6.29 42.21 12.32
C VAL C 82 5.86 43.41 11.49
N VAL C 83 4.79 44.10 11.92
CA VAL C 83 4.28 45.22 11.13
C VAL C 83 5.29 46.34 11.00
N TRP C 84 6.36 46.32 11.79
CA TRP C 84 7.54 47.15 11.50
C TRP C 84 8.51 46.41 10.58
N GLY C 85 7.95 45.85 9.51
CA GLY C 85 8.70 45.35 8.39
C GLY C 85 8.56 46.31 7.23
N ILE C 86 7.74 47.35 7.42
CA ILE C 86 7.69 48.47 6.49
C ILE C 86 8.73 49.52 6.81
N GLY C 87 9.19 49.59 8.06
CA GLY C 87 10.19 50.57 8.44
C GLY C 87 11.60 50.10 8.13
N PHE C 88 11.86 48.81 8.34
CA PHE C 88 13.16 48.20 8.05
C PHE C 88 12.91 46.95 7.20
N LYS C 89 12.79 47.14 5.89
CA LYS C 89 12.56 46.01 5.00
C LYS C 89 13.82 45.17 4.83
N ASP C 90 14.98 45.83 4.69
CA ASP C 90 16.22 45.08 4.53
C ASP C 90 16.50 44.23 5.75
N SER C 91 16.32 44.80 6.94
CA SER C 91 16.54 44.02 8.17
C SER C 91 15.53 42.88 8.28
N PHE C 92 14.26 43.15 7.97
CA PHE C 92 13.25 42.11 8.11
C PHE C 92 13.50 40.95 7.17
N THR C 93 13.85 41.24 5.91
CA THR C 93 14.04 40.18 4.93
C THR C 93 15.21 39.28 5.31
N ASN C 94 16.30 39.87 5.80
CA ASN C 94 17.46 39.07 6.19
C ASN C 94 17.13 38.13 7.34
N PHE C 95 16.39 38.61 8.33
CA PHE C 95 15.99 37.76 9.44
C PHE C 95 15.11 36.61 8.96
N ALA C 96 14.12 36.92 8.12
CA ALA C 96 13.22 35.89 7.62
C ALA C 96 13.98 34.85 6.80
N SER C 97 14.91 35.31 5.95
CA SER C 97 15.74 34.38 5.20
C SER C 97 16.61 33.55 6.13
N SER C 98 17.22 34.19 7.13
CA SER C 98 18.08 33.47 8.06
C SER C 98 17.25 32.57 8.98
N ALA C 99 16.11 33.05 9.46
CA ALA C 99 15.26 32.24 10.32
C ALA C 99 14.64 31.09 9.55
N LEU C 100 14.31 31.30 8.27
CA LEU C 100 13.76 30.22 7.46
C LEU C 100 14.77 29.10 7.30
N SER C 101 16.03 29.45 7.03
CA SER C 101 17.06 28.43 6.86
C SER C 101 17.27 27.66 8.16
N ALA C 102 17.19 28.34 9.30
CA ALA C 102 17.33 27.64 10.58
C ALA C 102 16.20 26.64 10.79
N VAL C 103 14.97 27.05 10.51
CA VAL C 103 13.82 26.17 10.73
C VAL C 103 13.84 25.01 9.73
N VAL C 104 14.00 25.31 8.45
CA VAL C 104 13.91 24.27 7.43
C VAL C 104 15.01 23.24 7.63
N ASP C 105 16.23 23.70 7.89
CA ASP C 105 17.34 22.77 8.06
C ASP C 105 17.21 21.98 9.36
N ASN C 106 17.00 22.67 10.48
CA ASN C 106 17.02 22.03 11.78
C ASN C 106 15.69 21.41 12.18
N LEU C 107 14.58 21.75 11.50
CA LEU C 107 13.29 21.22 11.87
C LEU C 107 12.47 20.72 10.68
N GLY C 108 13.06 20.63 9.49
CA GLY C 108 12.32 20.09 8.36
C GLY C 108 11.90 18.65 8.57
N TRP C 109 12.74 17.86 9.24
CA TRP C 109 12.41 16.48 9.54
C TRP C 109 11.14 16.40 10.40
N ALA C 110 11.00 17.33 11.34
CA ALA C 110 9.83 17.30 12.24
C ALA C 110 8.55 17.56 11.48
N PHE C 111 8.55 18.54 10.56
CA PHE C 111 7.38 18.77 9.73
C PHE C 111 7.08 17.56 8.86
N ILE C 112 8.10 16.99 8.23
CA ILE C 112 7.89 15.86 7.34
C ILE C 112 7.47 14.62 8.12
N LEU C 113 8.13 14.35 9.25
CA LEU C 113 7.83 13.14 10.00
C LEU C 113 6.41 13.18 10.57
N PHE C 114 6.05 14.28 11.23
CA PHE C 114 4.76 14.37 11.89
C PHE C 114 3.64 14.76 10.96
N GLY C 115 3.93 15.24 9.75
CA GLY C 115 2.88 15.42 8.77
C GLY C 115 2.21 14.11 8.41
N THR C 116 2.98 13.03 8.33
CA THR C 116 2.44 11.73 7.99
C THR C 116 1.89 11.00 9.20
N VAL C 117 2.41 11.29 10.40
CA VAL C 117 1.86 10.69 11.62
C VAL C 117 0.43 11.16 11.85
N PHE C 118 0.12 12.41 11.49
CA PHE C 118 -1.25 12.89 11.62
C PHE C 118 -2.21 12.07 10.77
N VAL C 119 -1.79 11.69 9.57
CA VAL C 119 -2.65 10.88 8.71
C VAL C 119 -2.87 9.50 9.32
N PHE C 120 -1.79 8.86 9.78
CA PHE C 120 -1.93 7.57 10.44
C PHE C 120 -2.76 7.68 11.70
N PHE C 121 -2.49 8.70 12.52
CA PHE C 121 -3.18 8.83 13.81
C PHE C 121 -4.67 9.00 13.61
N ILE C 122 -5.07 9.85 12.65
CA ILE C 122 -6.48 10.13 12.46
C ILE C 122 -7.20 8.93 11.87
N VAL C 123 -6.53 8.18 10.99
CA VAL C 123 -7.15 6.98 10.41
C VAL C 123 -7.34 5.92 11.49
N VAL C 124 -6.37 5.76 12.38
CA VAL C 124 -6.49 4.79 13.46
C VAL C 124 -7.61 5.17 14.42
N ILE C 125 -7.82 6.47 14.64
CA ILE C 125 -8.89 6.90 15.55
C ILE C 125 -10.25 6.48 15.00
N ALA C 126 -10.47 6.73 13.71
CA ALA C 126 -11.74 6.34 13.11
C ALA C 126 -11.91 4.83 13.08
N ALA C 127 -10.85 4.10 12.77
CA ALA C 127 -10.91 2.65 12.70
C ALA C 127 -11.01 1.99 14.06
N SER C 128 -10.80 2.74 15.14
CA SER C 128 -10.82 2.19 16.48
C SER C 128 -12.24 2.26 17.06
N LYS C 129 -12.37 1.81 18.31
CA LYS C 129 -13.68 1.87 18.97
C LYS C 129 -14.10 3.31 19.26
N PHE C 130 -13.17 4.26 19.18
CA PHE C 130 -13.52 5.66 19.40
C PHE C 130 -14.43 6.21 18.32
N GLY C 131 -14.42 5.61 17.13
CA GLY C 131 -15.24 6.12 16.04
C GLY C 131 -16.72 6.13 16.34
N THR C 132 -17.15 5.31 17.31
CA THR C 132 -18.56 5.23 17.67
C THR C 132 -18.98 6.33 18.63
N ILE C 133 -18.03 7.05 19.24
CA ILE C 133 -18.38 8.15 20.12
C ILE C 133 -19.04 9.27 19.32
N ARG C 134 -20.08 9.87 19.88
CA ARG C 134 -20.78 10.98 19.27
C ARG C 134 -20.23 12.28 19.85
N LEU C 135 -20.02 13.28 18.98
CA LEU C 135 -19.47 14.57 19.39
C LEU C 135 -20.61 15.40 20.00
N GLY C 136 -20.93 15.08 21.23
CA GLY C 136 -21.99 15.75 21.95
C GLY C 136 -22.65 14.79 22.93
N ARG C 137 -23.89 15.10 23.27
CA ARG C 137 -24.67 14.21 24.12
C ARG C 137 -24.84 12.87 23.44
N ILE C 138 -24.84 11.80 24.24
CA ILE C 138 -25.05 10.46 23.69
C ILE C 138 -26.37 10.44 22.93
N ASP C 139 -26.48 9.51 21.98
CA ASP C 139 -27.67 9.34 21.14
C ASP C 139 -28.30 10.69 20.78
N GLU C 140 -27.45 11.61 20.33
CA GLU C 140 -27.86 12.95 19.93
C GLU C 140 -27.66 13.10 18.42
N ALA C 141 -28.68 13.60 17.73
CA ALA C 141 -28.62 13.71 16.28
C ALA C 141 -27.79 14.92 15.85
N PRO C 142 -27.15 14.85 14.69
CA PRO C 142 -26.43 16.03 14.18
C PRO C 142 -27.37 17.20 13.96
N GLU C 143 -26.84 18.40 14.20
CA GLU C 143 -27.65 19.61 14.06
C GLU C 143 -27.94 19.91 12.59
N PHE C 144 -27.00 19.60 11.71
CA PHE C 144 -27.14 19.85 10.28
C PHE C 144 -27.32 18.53 9.53
N ARG C 145 -27.98 18.63 8.38
CA ARG C 145 -28.13 17.48 7.50
C ARG C 145 -26.77 17.08 6.93
N THR C 146 -26.64 15.81 6.57
CA THR C 146 -25.38 15.34 5.99
C THR C 146 -25.07 15.98 4.65
N VAL C 147 -26.03 16.61 4.00
CA VAL C 147 -25.79 17.37 2.79
C VAL C 147 -25.42 18.81 3.10
N SER C 148 -26.13 19.45 4.05
CA SER C 148 -25.71 20.76 4.51
C SER C 148 -24.34 20.68 5.17
N TRP C 149 -24.11 19.64 5.97
CA TRP C 149 -22.83 19.48 6.65
C TRP C 149 -21.69 19.33 5.65
N ILE C 150 -21.89 18.50 4.62
CA ILE C 150 -20.84 18.28 3.63
C ILE C 150 -20.60 19.53 2.80
N SER C 151 -21.66 20.24 2.43
CA SER C 151 -21.50 21.51 1.73
C SER C 151 -20.88 22.57 2.63
N MET C 152 -20.99 22.42 3.95
CA MET C 152 -20.40 23.38 4.88
C MET C 152 -18.89 23.26 4.95
N MET C 153 -18.32 22.12 4.59
CA MET C 153 -16.89 21.96 4.48
C MET C 153 -16.31 22.72 3.30
N PHE C 154 -17.14 23.05 2.31
CA PHE C 154 -16.69 23.82 1.17
C PHE C 154 -16.38 25.26 1.54
N ALA C 155 -16.86 25.72 2.70
CA ALA C 155 -16.32 26.90 3.34
C ALA C 155 -15.02 26.48 4.04
N ALA C 156 -14.42 27.37 4.83
CA ALA C 156 -13.07 27.11 5.35
C ALA C 156 -12.22 26.87 4.10
N GLY C 157 -11.43 25.81 4.04
CA GLY C 157 -10.75 25.50 2.79
C GLY C 157 -9.77 26.60 2.44
N GLU C 158 -8.92 26.37 1.45
CA GLU C 158 -7.98 27.41 1.07
C GLU C 158 -8.66 28.48 0.23
N GLY C 159 -9.27 28.08 -0.89
CA GLY C 159 -9.94 29.05 -1.74
C GLY C 159 -8.96 29.97 -2.43
N ILE C 160 -8.19 30.74 -1.66
CA ILE C 160 -7.14 31.56 -2.25
C ILE C 160 -5.91 30.75 -2.60
N GLY C 161 -5.64 29.68 -1.85
CA GLY C 161 -4.53 28.81 -2.18
C GLY C 161 -4.83 27.93 -3.37
N LEU C 162 -6.10 27.53 -3.51
CA LEU C 162 -6.46 26.67 -4.64
C LEU C 162 -6.39 27.44 -5.96
N MET C 163 -6.87 28.69 -5.98
CA MET C 163 -6.75 29.50 -7.19
C MET C 163 -5.30 29.86 -7.48
N PHE C 164 -4.53 30.17 -6.44
CA PHE C 164 -3.14 30.55 -6.65
C PHE C 164 -2.32 29.39 -7.18
N TYR C 165 -2.42 28.24 -6.53
CA TYR C 165 -1.63 27.06 -6.88
C TYR C 165 -2.41 26.05 -7.70
N GLY C 166 -3.62 26.39 -8.12
CA GLY C 166 -4.42 25.45 -8.90
C GLY C 166 -3.74 25.07 -10.20
N THR C 167 -3.14 26.06 -10.87
CA THR C 167 -2.48 25.86 -12.15
C THR C 167 -0.97 25.74 -12.02
N THR C 168 -0.34 26.52 -11.14
CA THR C 168 1.11 26.61 -11.14
C THR C 168 1.74 25.37 -10.57
N GLU C 169 1.24 24.89 -9.44
CA GLU C 169 1.88 23.76 -8.77
C GLU C 169 1.95 22.54 -9.66
N PRO C 170 0.85 22.04 -10.24
CA PRO C 170 0.97 20.91 -11.17
C PRO C 170 1.77 21.26 -12.41
N LEU C 171 1.76 22.51 -12.86
CA LEU C 171 2.49 22.88 -14.06
C LEU C 171 3.99 22.95 -13.81
N THR C 172 4.41 23.54 -12.68
CA THR C 172 5.84 23.60 -12.39
C THR C 172 6.43 22.22 -12.15
N PHE C 173 5.70 21.34 -11.47
CA PHE C 173 6.18 19.98 -11.27
C PHE C 173 6.31 19.25 -12.60
N TYR C 174 5.40 19.51 -13.55
CA TYR C 174 5.54 18.94 -14.87
C TYR C 174 6.72 19.55 -15.63
N ARG C 175 6.86 20.88 -15.59
CA ARG C 175 7.93 21.53 -16.33
C ARG C 175 9.30 21.16 -15.76
N ASN C 176 9.46 21.28 -14.44
CA ASN C 176 10.76 21.11 -13.82
C ASN C 176 10.97 19.73 -13.20
N GLY C 177 9.91 18.99 -12.94
CA GLY C 177 10.02 17.74 -12.22
C GLY C 177 10.10 17.96 -10.73
N VAL C 178 10.27 16.86 -10.01
CA VAL C 178 10.42 16.90 -8.56
C VAL C 178 11.62 16.04 -8.19
N PRO C 179 12.18 16.25 -7.00
CA PRO C 179 13.37 15.47 -6.62
C PRO C 179 13.12 13.98 -6.74
N GLY C 180 14.09 13.28 -7.34
CA GLY C 180 14.00 11.86 -7.57
C GLY C 180 13.25 11.45 -8.81
N HIS C 181 12.74 12.41 -9.59
CA HIS C 181 11.96 12.11 -10.78
C HIS C 181 12.35 13.06 -11.91
N ASP C 182 12.21 12.57 -13.14
CA ASP C 182 12.49 13.39 -14.31
C ASP C 182 11.27 14.21 -14.69
N GLU C 183 11.52 15.32 -15.37
CA GLU C 183 10.45 16.22 -15.76
C GLU C 183 9.53 15.55 -16.78
N HIS C 184 8.40 16.21 -17.03
CA HIS C 184 7.42 15.77 -18.02
C HIS C 184 6.76 14.45 -17.60
N ASN C 185 6.49 14.33 -16.30
CA ASN C 185 5.82 13.17 -15.74
C ASN C 185 4.46 13.63 -15.22
N VAL C 186 3.40 13.24 -15.91
CA VAL C 186 2.06 13.69 -15.54
C VAL C 186 1.61 13.04 -14.24
N GLY C 187 1.97 11.77 -14.03
CA GLY C 187 1.58 11.11 -12.80
C GLY C 187 2.23 11.70 -11.57
N VAL C 188 3.51 12.04 -11.68
CA VAL C 188 4.23 12.63 -10.55
C VAL C 188 3.80 14.08 -10.35
N ALA C 189 3.51 14.79 -11.43
CA ALA C 189 3.07 16.17 -11.31
C ALA C 189 1.75 16.28 -10.56
N MET C 190 0.84 15.33 -10.81
CA MET C 190 -0.48 15.37 -10.19
C MET C 190 -0.51 14.67 -8.84
N SER C 191 0.30 13.62 -8.66
CA SER C 191 0.39 12.98 -7.36
C SER C 191 1.04 13.90 -6.34
N THR C 192 2.07 14.65 -6.74
CA THR C 192 2.71 15.59 -5.83
C THR C 192 1.75 16.69 -5.40
N THR C 193 0.94 17.19 -6.33
CA THR C 193 -0.04 18.21 -5.98
C THR C 193 -1.07 17.68 -4.99
N MET C 194 -1.54 16.45 -5.21
CA MET C 194 -2.51 15.86 -4.29
C MET C 194 -1.90 15.60 -2.92
N PHE C 195 -0.58 15.41 -2.86
CA PHE C 195 0.07 15.17 -1.58
C PHE C 195 -0.07 16.37 -0.65
N HIS C 196 0.09 17.56 -1.20
CA HIS C 196 0.12 18.79 -0.41
C HIS C 196 -1.26 19.33 -0.09
N TRP C 197 -2.33 18.72 -0.60
CA TRP C 197 -3.63 19.35 -0.54
C TRP C 197 -4.79 18.47 -0.10
N THR C 198 -4.62 17.15 0.03
CA THR C 198 -5.77 16.28 0.25
C THR C 198 -5.81 15.63 1.63
N LEU C 199 -4.80 14.85 2.01
CA LEU C 199 -4.86 14.07 3.24
C LEU C 199 -4.03 14.66 4.36
N HIS C 200 -2.81 15.11 4.06
CA HIS C 200 -1.98 15.73 5.09
C HIS C 200 -2.61 16.99 5.66
N PRO C 201 -3.08 17.94 4.85
CA PRO C 201 -3.76 19.10 5.42
C PRO C 201 -4.96 18.75 6.28
N TRP C 202 -5.79 17.81 5.82
CA TRP C 202 -7.06 17.51 6.47
C TRP C 202 -6.96 16.48 7.57
N ALA C 203 -5.81 15.83 7.72
CA ALA C 203 -5.53 15.09 8.94
C ALA C 203 -5.14 16.04 10.07
N ILE C 204 -4.47 17.13 9.75
CA ILE C 204 -4.17 18.16 10.75
C ILE C 204 -5.44 18.83 11.22
N TYR C 205 -6.30 19.24 10.28
CA TYR C 205 -7.54 19.91 10.65
C TYR C 205 -8.45 18.99 11.44
N ALA C 206 -8.51 17.71 11.06
CA ALA C 206 -9.37 16.77 11.77
C ALA C 206 -8.91 16.57 13.20
N ILE C 207 -7.60 16.54 13.44
CA ILE C 207 -7.10 16.37 14.81
C ILE C 207 -7.48 17.57 15.67
N VAL C 208 -7.25 18.77 15.16
CA VAL C 208 -7.54 19.98 15.93
C VAL C 208 -9.05 20.17 16.06
N GLY C 209 -9.80 19.91 14.99
CA GLY C 209 -11.24 20.02 15.07
C GLY C 209 -11.85 18.97 15.97
N LEU C 210 -11.30 17.75 15.94
CA LEU C 210 -11.82 16.70 16.80
C LEU C 210 -11.53 16.99 18.27
N ALA C 211 -10.36 17.55 18.57
CA ALA C 211 -10.03 17.89 19.95
C ALA C 211 -10.95 18.98 20.48
N ILE C 212 -11.25 19.98 19.66
CA ILE C 212 -12.13 21.07 20.10
C ILE C 212 -13.57 20.57 20.20
N ALA C 213 -14.02 19.78 19.23
CA ALA C 213 -15.38 19.27 19.27
C ALA C 213 -15.61 18.37 20.46
N TYR C 214 -14.65 17.50 20.76
CA TYR C 214 -14.79 16.63 21.93
C TYR C 214 -14.82 17.40 23.24
N SER C 215 -13.94 18.38 23.40
CA SER C 215 -13.82 19.05 24.69
C SER C 215 -15.04 19.89 25.01
N THR C 216 -15.58 20.60 24.03
CA THR C 216 -16.65 21.56 24.28
C THR C 216 -18.04 20.97 24.11
N PHE C 217 -18.18 19.86 23.41
CA PHE C 217 -19.50 19.24 23.22
C PHE C 217 -19.72 18.06 24.15
N ARG C 218 -18.81 17.08 24.16
CA ARG C 218 -18.99 15.94 25.05
C ARG C 218 -18.64 16.27 26.49
N VAL C 219 -17.59 17.05 26.72
CA VAL C 219 -17.11 17.32 28.06
C VAL C 219 -17.54 18.67 28.61
N GLY C 220 -18.00 19.58 27.75
CA GLY C 220 -18.53 20.85 28.23
C GLY C 220 -17.50 21.88 28.60
N ARG C 221 -16.24 21.71 28.19
CA ARG C 221 -15.21 22.70 28.48
C ARG C 221 -15.41 23.93 27.61
N LYS C 222 -14.54 24.91 27.80
CA LYS C 222 -14.54 26.10 26.97
C LYS C 222 -13.99 25.78 25.58
N GLN C 223 -14.39 26.59 24.61
CA GLN C 223 -13.96 26.38 23.22
C GLN C 223 -12.64 27.10 23.02
N LEU C 224 -11.56 26.45 23.48
CA LEU C 224 -10.21 26.98 23.39
C LEU C 224 -9.26 25.82 23.15
N LEU C 225 -8.09 26.15 22.58
CA LEU C 225 -7.05 25.13 22.40
C LEU C 225 -6.53 24.64 23.75
N SER C 226 -6.33 25.56 24.70
CA SER C 226 -5.78 25.17 26.00
C SER C 226 -6.72 24.22 26.72
N SER C 227 -8.03 24.46 26.62
CA SER C 227 -9.00 23.59 27.28
C SER C 227 -8.95 22.18 26.74
N ALA C 228 -8.36 21.97 25.56
CA ALA C 228 -8.19 20.62 25.02
C ALA C 228 -6.98 19.91 25.61
N PHE C 229 -6.15 20.61 26.40
CA PHE C 229 -4.99 20.03 27.04
C PHE C 229 -5.19 19.71 28.51
N VAL C 230 -6.42 19.88 29.01
CA VAL C 230 -6.73 19.60 30.41
C VAL C 230 -6.31 18.17 30.75
N PRO C 231 -6.50 17.19 29.87
CA PRO C 231 -6.02 15.84 30.18
C PRO C 231 -4.54 15.76 30.49
N LEU C 232 -3.71 16.61 29.88
CA LEU C 232 -2.27 16.57 30.08
C LEU C 232 -1.78 17.54 31.15
N ILE C 233 -2.36 18.74 31.22
CA ILE C 233 -1.88 19.78 32.12
C ILE C 233 -2.86 20.08 33.24
N GLY C 234 -4.09 19.60 33.17
CA GLY C 234 -5.06 19.84 34.21
C GLY C 234 -5.65 21.24 34.14
N GLU C 235 -6.71 21.46 34.92
CA GLU C 235 -7.36 22.76 34.92
C GLU C 235 -6.45 23.84 35.48
N LYS C 236 -5.51 23.46 36.36
CA LYS C 236 -4.53 24.44 36.84
C LYS C 236 -3.66 24.96 35.71
N GLY C 237 -3.19 24.06 34.84
CA GLY C 237 -2.38 24.50 33.72
C GLY C 237 -3.17 25.29 32.69
N ALA C 238 -4.39 24.85 32.39
CA ALA C 238 -5.17 25.49 31.33
C ALA C 238 -5.42 26.96 31.64
N GLU C 239 -5.51 27.32 32.91
CA GLU C 239 -5.67 28.72 33.31
C GLU C 239 -4.35 29.36 33.73
N GLY C 240 -3.25 28.64 33.66
CA GLY C 240 -1.95 29.11 34.09
C GLY C 240 -1.11 29.62 32.93
N TRP C 241 0.21 29.65 33.15
CA TRP C 241 1.10 30.18 32.13
C TRP C 241 1.07 29.31 30.87
N LEU C 242 0.99 27.99 31.03
CA LEU C 242 1.01 27.10 29.87
C LEU C 242 -0.27 27.22 29.06
N GLY C 243 -1.42 27.31 29.73
CA GLY C 243 -2.66 27.46 29.02
C GLY C 243 -2.71 28.74 28.20
N LYS C 244 -2.20 29.83 28.76
CA LYS C 244 -2.15 31.09 28.02
C LYS C 244 -1.20 30.99 26.84
N LEU C 245 -0.06 30.34 27.02
CA LEU C 245 0.91 30.22 25.93
C LEU C 245 0.32 29.46 24.75
N ILE C 246 -0.41 28.38 25.02
CA ILE C 246 -1.04 27.62 23.93
C ILE C 246 -2.05 28.49 23.20
N ASP C 247 -2.78 29.33 23.95
CA ASP C 247 -3.77 30.19 23.31
C ASP C 247 -3.10 31.33 22.54
N ILE C 248 -2.00 31.85 23.07
CA ILE C 248 -1.27 32.90 22.36
C ILE C 248 -0.69 32.37 21.05
N LEU C 249 -0.07 31.18 21.12
CA LEU C 249 0.48 30.58 19.91
C LEU C 249 -0.62 30.28 18.91
N ALA C 250 -1.80 29.91 19.39
CA ALA C 250 -2.92 29.64 18.50
C ALA C 250 -3.35 30.89 17.76
N ILE C 251 -3.34 32.04 18.44
CA ILE C 251 -3.71 33.29 17.78
C ILE C 251 -2.63 33.72 16.78
N ILE C 252 -1.36 33.64 17.20
CA ILE C 252 -0.28 34.06 16.31
C ILE C 252 -0.24 33.19 15.06
N ALA C 253 -0.41 31.88 15.23
CA ALA C 253 -0.44 30.99 14.08
C ALA C 253 -1.58 31.37 13.12
N THR C 254 -2.77 31.62 13.67
CA THR C 254 -3.92 31.97 12.84
C THR C 254 -3.71 33.29 12.12
N VAL C 255 -3.05 34.25 12.76
CA VAL C 255 -2.82 35.54 12.12
C VAL C 255 -1.92 35.38 10.90
N PHE C 256 -0.83 34.63 11.05
CA PHE C 256 0.13 34.47 9.97
C PHE C 256 -0.34 33.44 8.94
N GLY C 257 -1.07 32.41 9.36
CA GLY C 257 -1.66 31.50 8.40
C GLY C 257 -2.67 32.19 7.51
N THR C 258 -3.47 33.09 8.09
CA THR C 258 -4.42 33.85 7.30
C THR C 258 -3.74 34.99 6.53
N ALA C 259 -2.72 35.60 7.11
CA ALA C 259 -2.00 36.66 6.41
C ALA C 259 -1.32 36.13 5.15
N CYS C 260 -0.88 34.87 5.17
CA CYS C 260 -0.33 34.26 3.96
C CYS C 260 -1.40 34.14 2.88
N SER C 261 -2.61 33.70 3.26
CA SER C 261 -3.69 33.61 2.28
C SER C 261 -4.07 34.97 1.74
N LEU C 262 -4.18 35.97 2.61
CA LEU C 262 -4.51 37.32 2.14
C LEU C 262 -3.42 37.86 1.23
N GLY C 263 -2.15 37.58 1.55
CA GLY C 263 -1.07 38.02 0.69
C GLY C 263 -1.13 37.39 -0.69
N LEU C 264 -1.39 36.08 -0.75
CA LEU C 264 -1.53 35.42 -2.05
C LEU C 264 -2.73 35.98 -2.82
N GLY C 265 -3.83 36.22 -2.12
CA GLY C 265 -4.99 36.78 -2.79
C GLY C 265 -4.74 38.16 -3.37
N ALA C 266 -3.99 38.99 -2.64
CA ALA C 266 -3.67 40.33 -3.14
C ALA C 266 -2.67 40.25 -4.30
N LEU C 267 -1.71 39.34 -4.23
CA LEU C 267 -0.78 39.18 -5.34
C LEU C 267 -1.51 38.76 -6.62
N GLN C 268 -2.42 37.79 -6.50
CA GLN C 268 -3.12 37.29 -7.68
C GLN C 268 -4.06 38.34 -8.25
N ILE C 269 -4.72 39.13 -7.40
CA ILE C 269 -5.57 40.19 -7.90
C ILE C 269 -4.74 41.24 -8.63
N GLY C 270 -3.54 41.51 -8.13
CA GLY C 270 -2.64 42.41 -8.85
C GLY C 270 -2.25 41.85 -10.21
N ALA C 271 -1.93 40.56 -10.27
CA ALA C 271 -1.63 39.93 -11.55
C ALA C 271 -2.86 39.91 -12.45
N GLY C 272 -4.03 39.66 -11.88
CA GLY C 272 -5.23 39.63 -12.67
C GLY C 272 -5.54 40.97 -13.32
N LEU C 273 -5.34 42.06 -12.56
CA LEU C 273 -5.65 43.38 -13.09
C LEU C 273 -4.75 43.72 -14.27
N SER C 274 -3.46 43.42 -14.17
CA SER C 274 -2.55 43.68 -15.29
C SER C 274 -2.90 42.80 -16.48
N ALA C 275 -3.25 41.53 -16.23
CA ALA C 275 -3.63 40.64 -17.33
C ALA C 275 -4.88 41.13 -18.04
N ALA C 276 -5.74 41.85 -17.34
CA ALA C 276 -6.95 42.42 -17.94
C ALA C 276 -6.71 43.80 -18.54
N ASN C 277 -5.47 44.29 -18.50
CA ASN C 277 -5.08 45.58 -19.07
C ASN C 277 -5.70 46.76 -18.34
N ILE C 278 -6.31 46.53 -17.17
CA ILE C 278 -6.88 47.64 -16.40
C ILE C 278 -5.77 48.52 -15.86
N ILE C 279 -4.65 47.90 -15.47
CA ILE C 279 -3.51 48.61 -14.91
C ILE C 279 -2.25 48.10 -15.60
N GLU C 280 -1.15 48.82 -15.40
CA GLU C 280 0.15 48.38 -15.88
C GLU C 280 0.65 47.28 -14.94
N ASP C 281 1.92 46.92 -15.04
CA ASP C 281 2.47 45.94 -14.12
C ASP C 281 2.23 46.44 -12.69
N PRO C 282 1.65 45.61 -11.81
CA PRO C 282 1.24 46.12 -10.49
C PRO C 282 2.44 46.56 -9.68
N SER C 283 2.36 47.77 -9.13
CA SER C 283 3.39 48.32 -8.27
C SER C 283 3.04 48.05 -6.81
N ASP C 284 3.89 48.54 -5.91
CA ASP C 284 3.63 48.35 -4.49
C ASP C 284 2.38 49.12 -4.06
N TRP C 285 2.18 50.32 -4.62
CA TRP C 285 1.02 51.11 -4.24
C TRP C 285 -0.28 50.44 -4.66
N THR C 286 -0.27 49.77 -5.82
CA THR C 286 -1.47 49.05 -6.26
C THR C 286 -1.82 47.93 -5.30
N ILE C 287 -0.81 47.22 -4.79
CA ILE C 287 -1.07 46.14 -3.83
C ILE C 287 -1.66 46.72 -2.55
N VAL C 288 -1.21 47.90 -2.15
CA VAL C 288 -1.76 48.54 -0.97
C VAL C 288 -3.25 48.81 -1.16
N GLY C 289 -3.62 49.32 -2.34
CA GLY C 289 -5.01 49.63 -2.59
C GLY C 289 -5.90 48.40 -2.54
N ILE C 290 -5.42 47.27 -3.03
CA ILE C 290 -6.22 46.04 -3.01
C ILE C 290 -6.48 45.61 -1.58
N VAL C 291 -5.42 45.54 -0.76
CA VAL C 291 -5.57 45.10 0.62
C VAL C 291 -6.33 46.14 1.43
N SER C 292 -6.09 47.43 1.16
CA SER C 292 -6.82 48.47 1.86
C SER C 292 -8.29 48.49 1.47
N VAL C 293 -8.59 48.30 0.19
CA VAL C 293 -9.99 48.31 -0.25
C VAL C 293 -10.71 47.08 0.28
N LEU C 294 -10.10 45.89 0.14
CA LEU C 294 -10.77 44.67 0.53
C LEU C 294 -10.99 44.60 2.04
N THR C 295 -9.98 45.03 2.82
CA THR C 295 -10.15 45.02 4.27
C THR C 295 -11.23 46.00 4.71
N LEU C 296 -11.35 47.14 4.04
CA LEU C 296 -12.42 48.07 4.35
C LEU C 296 -13.79 47.43 4.12
N ALA C 297 -13.93 46.70 3.01
CA ALA C 297 -15.17 45.98 2.76
C ALA C 297 -15.42 44.94 3.84
N PHE C 298 -14.36 44.30 4.32
CA PHE C 298 -14.52 43.35 5.43
C PHE C 298 -15.01 44.07 6.68
N ILE C 299 -14.46 45.24 6.99
CA ILE C 299 -14.84 45.97 8.19
C ILE C 299 -16.30 46.38 8.13
N PHE C 300 -16.74 46.91 6.98
CA PHE C 300 -18.10 47.39 6.86
C PHE C 300 -19.11 46.30 7.17
N SER C 301 -18.87 45.08 6.68
CA SER C 301 -19.77 43.98 6.98
C SER C 301 -19.77 43.67 8.48
N ALA C 302 -18.59 43.66 9.10
CA ALA C 302 -18.50 43.25 10.51
C ALA C 302 -19.10 44.30 11.44
N ILE C 303 -18.80 45.59 11.20
CA ILE C 303 -19.25 46.63 12.11
C ILE C 303 -20.71 47.00 11.91
N SER C 304 -21.28 46.69 10.74
CA SER C 304 -22.70 46.97 10.53
C SER C 304 -23.60 46.10 11.39
N GLY C 305 -23.06 45.07 12.03
CA GLY C 305 -23.83 44.16 12.86
C GLY C 305 -23.86 42.76 12.27
N VAL C 306 -24.89 42.01 12.63
CA VAL C 306 -25.13 40.69 12.06
C VAL C 306 -25.69 40.93 10.66
N GLY C 307 -24.83 40.88 9.65
CA GLY C 307 -25.19 41.24 8.29
C GLY C 307 -25.47 40.02 7.43
N LYS C 308 -26.34 40.20 6.45
CA LYS C 308 -26.58 39.17 5.45
C LYS C 308 -25.47 39.12 4.40
N GLY C 309 -24.52 40.06 4.44
CA GLY C 309 -23.53 40.15 3.38
C GLY C 309 -22.60 38.95 3.33
N ILE C 310 -22.12 38.49 4.49
CA ILE C 310 -21.11 37.44 4.50
C ILE C 310 -21.67 36.16 3.90
N GLN C 311 -22.88 35.76 4.30
CA GLN C 311 -23.47 34.56 3.70
C GLN C 311 -23.73 34.77 2.21
N TYR C 312 -24.10 35.99 1.82
CA TYR C 312 -24.19 36.30 0.40
C TYR C 312 -22.85 36.12 -0.29
N LEU C 313 -21.76 36.49 0.39
CA LEU C 313 -20.43 36.29 -0.18
C LEU C 313 -20.01 34.82 -0.10
N SER C 314 -20.39 34.13 0.98
CA SER C 314 -20.03 32.72 1.11
C SER C 314 -20.71 31.89 0.04
N ASN C 315 -21.99 32.18 -0.25
CA ASN C 315 -22.66 31.48 -1.35
C ASN C 315 -22.06 31.84 -2.69
N ALA C 316 -21.78 33.13 -2.91
CA ALA C 316 -21.18 33.55 -4.18
C ALA C 316 -19.86 32.83 -4.42
N ASN C 317 -19.15 32.46 -3.36
CA ASN C 317 -17.91 31.72 -3.52
C ASN C 317 -18.16 30.32 -4.09
N MET C 318 -19.23 29.67 -3.65
CA MET C 318 -19.56 28.34 -4.17
C MET C 318 -19.97 28.42 -5.63
N VAL C 319 -20.84 29.36 -5.99
CA VAL C 319 -21.31 29.47 -7.36
C VAL C 319 -20.18 29.90 -8.29
N LEU C 320 -19.42 30.92 -7.89
CA LEU C 320 -18.35 31.42 -8.74
C LEU C 320 -17.22 30.41 -8.87
N ALA C 321 -16.89 29.71 -7.79
CA ALA C 321 -15.84 28.70 -7.87
C ALA C 321 -16.27 27.53 -8.74
N ALA C 322 -17.53 27.10 -8.65
CA ALA C 322 -18.03 26.03 -9.49
C ALA C 322 -18.18 26.47 -10.93
N LEU C 323 -18.62 27.71 -11.14
CA LEU C 323 -18.73 28.25 -12.50
C LEU C 323 -17.37 28.27 -13.18
N LEU C 324 -16.31 28.60 -12.43
CA LEU C 324 -14.98 28.65 -13.01
C LEU C 324 -14.47 27.25 -13.34
N ALA C 325 -14.77 26.27 -12.49
CA ALA C 325 -14.32 24.90 -12.75
C ALA C 325 -15.09 24.27 -13.89
N ILE C 326 -16.38 24.59 -14.02
CA ILE C 326 -17.15 24.04 -15.13
C ILE C 326 -16.70 24.63 -16.46
N PHE C 327 -16.39 25.93 -16.48
CA PHE C 327 -15.99 26.56 -17.73
C PHE C 327 -14.72 25.92 -18.28
N VAL C 328 -13.70 25.75 -17.43
CA VAL C 328 -12.45 25.16 -17.89
C VAL C 328 -12.66 23.71 -18.27
N PHE C 329 -13.53 23.00 -17.53
CA PHE C 329 -13.81 21.61 -17.84
C PHE C 329 -14.47 21.47 -19.21
N VAL C 330 -15.55 22.23 -19.43
CA VAL C 330 -16.29 22.13 -20.69
C VAL C 330 -15.49 22.70 -21.84
N VAL C 331 -14.79 23.81 -21.60
CA VAL C 331 -14.03 24.46 -22.68
C VAL C 331 -12.61 23.94 -22.80
N GLY C 332 -12.05 23.38 -21.73
CA GLY C 332 -10.74 22.78 -21.78
C GLY C 332 -10.80 21.37 -22.31
N PRO C 333 -9.70 20.64 -22.21
CA PRO C 333 -9.71 19.24 -22.69
C PRO C 333 -10.46 18.31 -21.76
N THR C 334 -11.78 18.25 -21.91
CA THR C 334 -12.62 17.47 -21.00
C THR C 334 -12.09 16.05 -20.87
N VAL C 335 -11.84 15.38 -22.00
CA VAL C 335 -11.43 13.98 -21.96
C VAL C 335 -10.09 13.85 -21.23
N SER C 336 -9.16 14.75 -21.51
CA SER C 336 -7.87 14.70 -20.83
C SER C 336 -8.01 14.98 -19.34
N ILE C 337 -8.88 15.92 -18.97
CA ILE C 337 -9.14 16.19 -17.55
C ILE C 337 -9.72 14.95 -16.88
N LEU C 338 -10.69 14.31 -17.53
CA LEU C 338 -11.31 13.11 -16.97
C LEU C 338 -10.29 11.99 -16.84
N ASN C 339 -9.41 11.84 -17.83
CA ASN C 339 -8.35 10.83 -17.72
C ASN C 339 -7.51 11.06 -16.48
N LEU C 340 -7.36 12.30 -16.04
CA LEU C 340 -6.51 12.62 -14.90
C LEU C 340 -7.17 12.31 -13.58
N LEU C 341 -8.49 12.12 -13.54
CA LEU C 341 -9.13 11.75 -12.29
C LEU C 341 -8.68 10.38 -11.80
N PRO C 342 -8.72 9.31 -12.61
CA PRO C 342 -8.05 8.08 -12.19
C PRO C 342 -6.54 8.25 -12.07
N GLY C 343 -5.94 9.06 -12.93
CA GLY C 343 -4.50 9.23 -12.89
C GLY C 343 -4.01 9.93 -11.64
N SER C 344 -4.75 10.96 -11.20
CA SER C 344 -4.36 11.66 -9.98
C SER C 344 -4.55 10.78 -8.76
N ILE C 345 -5.67 10.06 -8.67
CA ILE C 345 -5.94 9.24 -7.49
C ILE C 345 -5.06 8.00 -7.47
N GLY C 346 -4.89 7.34 -8.61
CA GLY C 346 -4.09 6.13 -8.67
C GLY C 346 -2.62 6.40 -8.42
N ASN C 347 -2.09 7.46 -9.01
CA ASN C 347 -0.69 7.81 -8.81
C ASN C 347 -0.45 8.43 -7.44
N TYR C 348 -1.48 9.03 -6.84
CA TYR C 348 -1.34 9.56 -5.48
C TYR C 348 -1.14 8.43 -4.48
N LEU C 349 -1.95 7.38 -4.59
CA LEU C 349 -1.81 6.22 -3.73
C LEU C 349 -0.57 5.40 -4.04
N SER C 350 -0.08 5.46 -5.29
CA SER C 350 1.14 4.76 -5.65
C SER C 350 2.36 5.42 -5.00
N ASN C 351 2.43 6.75 -5.03
CA ASN C 351 3.60 7.48 -4.57
C ASN C 351 3.43 8.06 -3.17
N PHE C 352 2.35 7.72 -2.46
CA PHE C 352 2.07 8.38 -1.19
C PHE C 352 3.26 8.30 -0.24
N PHE C 353 3.76 7.08 0.00
CA PHE C 353 4.85 6.91 0.96
C PHE C 353 6.20 7.33 0.39
N GLN C 354 6.36 7.26 -0.93
CA GLN C 354 7.59 7.77 -1.53
C GLN C 354 7.71 9.27 -1.32
N MET C 355 6.59 9.99 -1.40
CA MET C 355 6.60 11.43 -1.14
C MET C 355 6.71 11.72 0.34
N ALA C 356 6.03 10.92 1.18
CA ALA C 356 6.13 11.09 2.62
C ALA C 356 7.54 10.84 3.14
N GLY C 357 8.35 10.08 2.40
CA GLY C 357 9.72 9.82 2.80
C GLY C 357 10.73 10.71 2.12
N ARG C 358 10.28 11.82 1.55
CA ARG C 358 11.17 12.78 0.88
C ARG C 358 11.64 13.81 1.90
N THR C 359 12.94 13.84 2.15
CA THR C 359 13.54 14.70 3.15
C THR C 359 14.64 15.53 2.49
N ALA C 360 15.29 16.36 3.32
CA ALA C 360 16.31 17.26 2.79
C ALA C 360 17.48 16.50 2.19
N MET C 361 17.63 15.21 2.49
CA MET C 361 18.71 14.42 1.92
C MET C 361 18.19 13.32 0.99
N SER C 362 17.10 13.61 0.29
CA SER C 362 16.67 12.81 -0.85
C SER C 362 17.32 13.36 -2.12
N ALA C 363 17.28 12.55 -3.18
CA ALA C 363 17.94 12.90 -4.43
C ALA C 363 19.43 13.14 -4.22
N ASP C 364 20.04 12.38 -3.30
CA ASP C 364 21.46 12.50 -2.99
C ASP C 364 21.78 13.86 -2.40
N GLY C 365 20.98 14.27 -1.41
CA GLY C 365 21.20 15.55 -0.74
C GLY C 365 20.94 16.74 -1.62
N THR C 366 19.85 16.70 -2.39
CA THR C 366 19.48 17.81 -3.28
C THR C 366 18.04 18.25 -3.15
N ALA C 367 17.22 17.59 -2.33
CA ALA C 367 15.82 17.96 -2.18
C ALA C 367 15.60 19.06 -1.15
N GLY C 368 16.65 19.52 -0.47
CA GLY C 368 16.47 20.49 0.60
C GLY C 368 15.91 21.81 0.12
N GLU C 369 16.44 22.33 -0.98
CA GLU C 369 15.94 23.60 -1.51
C GLU C 369 14.50 23.47 -1.98
N TRP C 370 14.18 22.38 -2.67
CA TRP C 370 12.82 22.16 -3.15
C TRP C 370 11.84 22.03 -2.00
N LEU C 371 12.22 21.31 -0.93
CA LEU C 371 11.30 21.08 0.17
C LEU C 371 10.94 22.37 0.88
N GLY C 372 11.93 23.25 1.11
CA GLY C 372 11.64 24.51 1.76
C GLY C 372 10.65 25.36 1.00
N SER C 373 10.67 25.26 -0.33
CA SER C 373 9.77 26.07 -1.15
C SER C 373 8.39 25.42 -1.29
N TRP C 374 8.33 24.09 -1.31
CA TRP C 374 7.09 23.39 -1.65
C TRP C 374 6.51 22.60 -0.49
N THR C 375 7.23 21.63 0.06
CA THR C 375 6.59 20.73 1.02
C THR C 375 6.55 21.34 2.41
N ILE C 376 7.70 21.79 2.92
CA ILE C 376 7.73 22.30 4.28
C ILE C 376 6.93 23.59 4.40
N PHE C 377 6.79 24.34 3.31
CA PHE C 377 5.93 25.51 3.36
C PHE C 377 4.47 25.12 3.58
N TYR C 378 4.01 24.07 2.90
CA TYR C 378 2.61 23.66 3.01
C TYR C 378 2.30 23.10 4.39
N TRP C 379 3.15 22.26 4.93
CA TRP C 379 2.97 21.71 6.23
C TRP C 379 2.93 22.78 7.26
N ALA C 380 3.80 23.77 7.20
CA ALA C 380 3.74 24.93 8.09
C ALA C 380 2.49 25.75 7.83
N TRP C 381 2.11 25.89 6.56
CA TRP C 381 0.89 26.64 6.23
C TRP C 381 -0.35 25.96 6.81
N TRP C 382 -0.45 24.64 6.70
CA TRP C 382 -1.61 23.95 7.22
C TRP C 382 -1.63 23.98 8.75
N ILE C 383 -0.45 23.87 9.38
CA ILE C 383 -0.40 23.89 10.84
C ILE C 383 -0.82 25.24 11.38
N SER C 384 -0.47 26.31 10.67
CA SER C 384 -0.93 27.63 11.08
C SER C 384 -2.42 27.83 10.81
N TRP C 385 -2.96 27.14 9.82
CA TRP C 385 -4.40 27.21 9.54
C TRP C 385 -5.21 26.37 10.50
N SER C 386 -4.59 25.41 11.19
CA SER C 386 -5.37 24.43 11.94
C SER C 386 -6.28 25.03 13.00
N PRO C 387 -5.87 26.03 13.79
CA PRO C 387 -6.79 26.56 14.80
C PRO C 387 -8.08 27.09 14.22
N PHE C 388 -8.03 27.75 13.06
CA PHE C 388 -9.25 28.27 12.46
C PHE C 388 -10.12 27.15 11.90
N VAL C 389 -9.52 26.24 11.13
CA VAL C 389 -10.29 25.17 10.51
C VAL C 389 -10.73 24.17 11.58
N GLY C 390 -9.92 23.98 12.61
CA GLY C 390 -10.34 23.13 13.72
C GLY C 390 -11.58 23.67 14.41
N MET C 391 -11.59 24.97 14.73
CA MET C 391 -12.78 25.56 15.34
C MET C 391 -13.95 25.55 14.37
N PHE C 392 -13.71 25.86 13.10
CA PHE C 392 -14.79 25.88 12.12
C PHE C 392 -15.42 24.49 11.98
N LEU C 393 -14.59 23.44 11.94
CA LEU C 393 -15.13 22.09 11.80
C LEU C 393 -15.90 21.67 13.05
N ALA C 394 -15.45 22.12 14.23
CA ALA C 394 -16.13 21.75 15.46
C ALA C 394 -17.56 22.27 15.47
N ARG C 395 -17.75 23.52 15.07
CA ARG C 395 -19.07 24.14 15.16
C ARG C 395 -20.09 23.39 14.32
N ILE C 396 -19.71 22.98 13.11
CA ILE C 396 -20.65 22.41 12.16
C ILE C 396 -20.77 20.89 12.29
N SER C 397 -20.11 20.28 13.28
CA SER C 397 -20.06 18.83 13.40
C SER C 397 -20.54 18.37 14.78
N ARG C 398 -21.43 19.13 15.40
CA ARG C 398 -22.00 18.72 16.68
C ARG C 398 -23.03 17.61 16.45
N GLY C 399 -22.94 16.56 17.26
CA GLY C 399 -23.82 15.42 17.15
C GLY C 399 -23.31 14.32 16.24
N ARG C 400 -22.24 14.55 15.50
CA ARG C 400 -21.70 13.54 14.61
C ARG C 400 -20.83 12.56 15.39
N SER C 401 -20.58 11.41 14.77
CA SER C 401 -19.66 10.43 15.34
C SER C 401 -18.23 10.75 14.91
N ILE C 402 -17.28 10.23 15.66
CA ILE C 402 -15.88 10.47 15.34
C ILE C 402 -15.51 9.80 14.01
N ARG C 403 -16.11 8.64 13.73
CA ARG C 403 -15.81 7.94 12.48
C ARG C 403 -16.37 8.71 11.28
N GLU C 404 -17.62 9.15 11.38
CA GLU C 404 -18.22 9.86 10.25
C GLU C 404 -17.69 11.28 10.14
N PHE C 405 -17.31 11.90 11.26
CA PHE C 405 -16.66 13.21 11.19
C PHE C 405 -15.31 13.12 10.49
N ILE C 406 -14.50 12.12 10.85
CA ILE C 406 -13.17 12.00 10.27
C ILE C 406 -13.27 11.65 8.78
N LEU C 407 -14.09 10.65 8.45
CA LEU C 407 -14.19 10.22 7.06
C LEU C 407 -14.75 11.33 6.17
N GLY C 408 -15.73 12.08 6.66
CA GLY C 408 -16.23 13.20 5.88
C GLY C 408 -15.20 14.30 5.71
N VAL C 409 -14.48 14.63 6.77
CA VAL C 409 -13.49 15.70 6.71
C VAL C 409 -12.31 15.31 5.84
N LEU C 410 -11.90 14.04 5.89
CA LEU C 410 -10.75 13.60 5.11
C LEU C 410 -11.08 13.49 3.64
N LEU C 411 -12.22 12.88 3.30
CA LEU C 411 -12.47 12.46 1.94
C LEU C 411 -13.20 13.47 1.08
N VAL C 412 -14.12 14.25 1.64
CA VAL C 412 -14.86 15.21 0.82
C VAL C 412 -13.90 16.26 0.27
N PRO C 413 -13.06 16.89 1.08
CA PRO C 413 -12.06 17.81 0.51
C PRO C 413 -11.05 17.13 -0.38
N ALA C 414 -10.71 15.86 -0.13
CA ALA C 414 -9.78 15.15 -1.01
C ALA C 414 -10.36 15.01 -2.41
N GLY C 415 -11.66 14.73 -2.51
CA GLY C 415 -12.30 14.62 -3.81
C GLY C 415 -12.47 15.95 -4.50
N VAL C 416 -12.72 17.01 -3.74
CA VAL C 416 -12.85 18.34 -4.33
C VAL C 416 -11.50 18.84 -4.83
N SER C 417 -10.45 18.65 -4.04
CA SER C 417 -9.11 19.06 -4.47
C SER C 417 -8.64 18.25 -5.65
N THR C 418 -8.91 16.94 -5.67
CA THR C 418 -8.51 16.11 -6.79
C THR C 418 -9.15 16.58 -8.08
N VAL C 419 -10.45 16.88 -8.04
CA VAL C 419 -11.15 17.37 -9.21
C VAL C 419 -10.70 18.77 -9.60
N TRP C 420 -10.39 19.62 -8.63
CA TRP C 420 -10.03 21.00 -8.93
C TRP C 420 -8.69 21.07 -9.65
N PHE C 421 -7.70 20.34 -9.14
CA PHE C 421 -6.38 20.37 -9.76
C PHE C 421 -6.36 19.65 -11.10
N SER C 422 -7.25 18.68 -11.30
CA SER C 422 -7.35 18.03 -12.61
C SER C 422 -7.84 19.01 -13.66
N ILE C 423 -8.80 19.87 -13.32
CA ILE C 423 -9.33 20.82 -14.28
C ILE C 423 -8.30 21.89 -14.61
N PHE C 424 -7.58 22.39 -13.60
CA PHE C 424 -6.64 23.49 -13.78
C PHE C 424 -5.21 23.01 -13.95
N GLY C 425 -4.78 22.03 -13.16
CA GLY C 425 -3.50 21.42 -13.41
C GLY C 425 -3.45 20.65 -14.71
N GLY C 426 -4.51 19.89 -14.99
CA GLY C 426 -4.55 19.11 -16.22
C GLY C 426 -4.60 19.98 -17.46
N THR C 427 -5.42 21.03 -17.44
CA THR C 427 -5.53 21.90 -18.60
C THR C 427 -4.21 22.58 -18.90
N ALA C 428 -3.48 23.00 -17.88
CA ALA C 428 -2.19 23.65 -18.09
C ALA C 428 -1.16 22.65 -18.61
N ILE C 429 -1.19 21.42 -18.11
CA ILE C 429 -0.26 20.40 -18.60
C ILE C 429 -0.58 20.02 -20.05
N VAL C 430 -1.87 19.98 -20.40
CA VAL C 430 -2.25 19.64 -21.77
C VAL C 430 -1.73 20.69 -22.74
N PHE C 431 -1.81 21.97 -22.37
CA PHE C 431 -1.24 23.01 -23.21
C PHE C 431 0.25 22.81 -23.39
N GLU C 432 0.97 22.41 -22.34
CA GLU C 432 2.39 22.18 -22.47
C GLU C 432 2.69 21.07 -23.48
N GLN C 433 1.92 19.98 -23.43
CA GLN C 433 2.15 18.88 -24.35
C GLN C 433 1.85 19.28 -25.79
N ASN C 434 0.74 19.99 -26.00
CA ASN C 434 0.31 20.31 -27.37
C ASN C 434 1.31 21.22 -28.07
N GLY C 435 1.87 22.19 -27.35
CA GLY C 435 2.77 23.14 -27.96
C GLY C 435 2.51 24.54 -27.45
N GLU C 436 1.28 24.82 -27.06
CA GLU C 436 0.98 26.06 -26.35
C GLU C 436 1.66 26.04 -24.99
N SER C 437 1.56 27.16 -24.29
CA SER C 437 2.15 27.26 -22.96
C SER C 437 1.69 28.51 -22.25
N ILE C 438 1.25 28.36 -21.01
CA ILE C 438 0.80 29.48 -20.20
C ILE C 438 1.86 29.91 -19.19
N TRP C 439 3.06 29.33 -19.26
CA TRP C 439 4.11 29.68 -18.32
C TRP C 439 4.42 31.17 -18.36
N GLY C 440 4.49 31.74 -19.56
CA GLY C 440 4.83 33.15 -19.65
C GLY C 440 6.23 33.39 -19.14
N ASP C 441 6.37 34.29 -18.18
CA ASP C 441 7.64 34.61 -17.56
C ASP C 441 7.93 33.79 -16.31
N GLY C 442 7.04 32.88 -15.93
CA GLY C 442 7.25 32.02 -14.79
C GLY C 442 6.65 32.50 -13.49
N ALA C 443 6.09 33.71 -13.45
CA ALA C 443 5.46 34.20 -12.24
C ALA C 443 4.26 33.33 -11.89
N ALA C 444 4.14 32.98 -10.60
CA ALA C 444 3.10 32.06 -10.16
C ALA C 444 1.73 32.70 -10.05
N GLU C 445 1.66 34.03 -10.00
CA GLU C 445 0.38 34.69 -9.83
C GLU C 445 -0.34 34.96 -11.15
N GLU C 446 0.37 34.90 -12.27
CA GLU C 446 -0.21 35.20 -13.57
C GLU C 446 -0.56 33.96 -14.37
N GLN C 447 -0.38 32.77 -13.80
CA GLN C 447 -0.59 31.54 -14.58
C GLN C 447 -2.06 31.24 -14.76
N LEU C 448 -2.88 31.50 -13.74
CA LEU C 448 -4.31 31.23 -13.84
C LEU C 448 -4.93 32.07 -14.95
N PHE C 449 -4.52 33.33 -15.06
CA PHE C 449 -5.05 34.20 -16.09
C PHE C 449 -4.42 33.93 -17.45
N GLY C 450 -3.22 33.35 -17.48
CA GLY C 450 -2.70 32.82 -18.74
C GLY C 450 -3.52 31.65 -19.22
N LEU C 451 -3.91 30.76 -18.31
CA LEU C 451 -4.78 29.65 -18.67
C LEU C 451 -6.13 30.15 -19.16
N LEU C 452 -6.73 31.09 -18.44
CA LEU C 452 -8.06 31.56 -18.79
C LEU C 452 -8.06 32.28 -20.14
N HIS C 453 -7.08 33.15 -20.37
CA HIS C 453 -7.03 33.87 -21.64
C HIS C 453 -6.69 32.98 -22.83
N ALA C 454 -6.26 31.74 -22.58
CA ALA C 454 -5.98 30.80 -23.65
C ALA C 454 -7.22 30.05 -24.12
N LEU C 455 -8.40 30.35 -23.58
CA LEU C 455 -9.62 29.66 -23.95
C LEU C 455 -10.68 30.66 -24.39
N PRO C 456 -11.60 30.28 -25.27
CA PRO C 456 -12.64 31.20 -25.70
C PRO C 456 -13.49 31.66 -24.52
N GLY C 457 -13.86 32.94 -24.53
CA GLY C 457 -14.49 33.53 -23.36
C GLY C 457 -13.56 33.66 -22.18
N GLY C 458 -12.26 33.66 -22.41
CA GLY C 458 -11.31 33.78 -21.31
C GLY C 458 -11.33 35.16 -20.66
N GLN C 459 -11.53 36.21 -21.46
CA GLN C 459 -11.53 37.55 -20.91
C GLN C 459 -12.61 37.73 -19.86
N ILE C 460 -13.82 37.22 -20.13
CA ILE C 460 -14.90 37.34 -19.16
C ILE C 460 -14.60 36.53 -17.92
N MET C 461 -14.07 35.31 -18.10
CA MET C 461 -13.84 34.44 -16.96
C MET C 461 -12.62 34.88 -16.16
N GLY C 462 -11.70 35.62 -16.78
CA GLY C 462 -10.60 36.19 -16.03
C GLY C 462 -11.07 37.21 -15.00
N ILE C 463 -12.06 38.03 -15.37
CA ILE C 463 -12.63 38.99 -14.43
C ILE C 463 -13.28 38.25 -13.27
N ILE C 464 -14.01 37.18 -13.56
CA ILE C 464 -14.70 36.43 -12.51
C ILE C 464 -13.71 35.85 -11.52
N ALA C 465 -12.55 35.40 -12.02
CA ALA C 465 -11.53 34.89 -11.10
C ALA C 465 -11.06 35.96 -10.14
N MET C 466 -10.89 37.20 -10.63
CA MET C 466 -10.55 38.29 -9.73
C MET C 466 -11.66 38.55 -8.73
N ILE C 467 -12.91 38.53 -9.19
CA ILE C 467 -14.03 38.70 -8.27
C ILE C 467 -14.05 37.57 -7.25
N LEU C 468 -13.82 36.34 -7.71
CA LEU C 468 -13.81 35.21 -6.80
C LEU C 468 -12.72 35.34 -5.76
N LEU C 469 -11.53 35.80 -6.15
CA LEU C 469 -10.46 36.04 -5.19
C LEU C 469 -10.84 37.13 -4.20
N GLY C 470 -11.47 38.20 -4.68
CA GLY C 470 -11.87 39.28 -3.79
C GLY C 470 -12.83 38.82 -2.72
N THR C 471 -13.80 37.97 -3.08
CA THR C 471 -14.74 37.47 -2.09
C THR C 471 -14.08 36.50 -1.12
N PHE C 472 -13.12 35.69 -1.60
CA PHE C 472 -12.40 34.81 -0.67
C PHE C 472 -11.61 35.62 0.34
N PHE C 473 -11.12 36.79 -0.05
CA PHE C 473 -10.40 37.66 0.87
C PHE C 473 -11.29 38.05 2.05
N ILE C 474 -12.49 38.54 1.77
CA ILE C 474 -13.39 38.95 2.84
C ILE C 474 -13.90 37.75 3.61
N THR C 475 -14.22 36.67 2.91
CA THR C 475 -14.71 35.47 3.57
C THR C 475 -13.65 34.83 4.44
N SER C 476 -12.39 34.84 3.99
CA SER C 476 -11.32 34.25 4.79
C SER C 476 -10.95 35.15 5.96
N ALA C 477 -10.91 36.47 5.75
CA ALA C 477 -10.60 37.38 6.84
C ALA C 477 -11.66 37.32 7.92
N ASP C 478 -12.93 37.27 7.54
CA ASP C 478 -14.00 37.28 8.53
C ASP C 478 -14.08 35.95 9.26
N SER C 479 -13.97 34.83 8.54
CA SER C 479 -14.08 33.53 9.19
C SER C 479 -12.97 33.34 10.20
N ALA C 480 -11.76 33.78 9.87
CA ALA C 480 -10.63 33.65 10.80
C ALA C 480 -10.72 34.64 11.94
N SER C 481 -11.11 35.89 11.64
CA SER C 481 -11.23 36.90 12.70
C SER C 481 -12.28 36.50 13.72
N THR C 482 -13.29 35.74 13.31
CA THR C 482 -14.28 35.25 14.26
C THR C 482 -13.65 34.28 15.26
N VAL C 483 -12.74 33.43 14.78
CA VAL C 483 -12.12 32.45 15.66
C VAL C 483 -11.15 33.13 16.63
N MET C 484 -10.39 34.12 16.15
CA MET C 484 -9.49 34.84 17.05
C MET C 484 -10.27 35.60 18.12
N GLY C 485 -11.42 36.17 17.75
CA GLY C 485 -12.26 36.79 18.75
C GLY C 485 -12.72 35.82 19.82
N THR C 486 -13.06 34.60 19.41
CA THR C 486 -13.44 33.57 20.39
C THR C 486 -12.27 33.22 21.30
N MET C 487 -11.06 33.15 20.73
CA MET C 487 -9.89 32.80 21.54
C MET C 487 -9.56 33.88 22.56
N SER C 488 -9.89 35.14 22.27
CA SER C 488 -9.60 36.24 23.18
C SER C 488 -10.74 36.54 24.15
N GLN C 489 -11.83 35.78 24.10
CA GLN C 489 -12.99 36.01 24.97
C GLN C 489 -13.36 34.75 25.73
N HIS C 490 -12.37 33.94 26.09
CA HIS C 490 -12.57 32.78 26.95
C HIS C 490 -13.55 31.79 26.31
N GLY C 491 -13.51 31.69 24.98
CA GLY C 491 -14.37 30.78 24.27
C GLY C 491 -15.77 31.26 23.99
N GLN C 492 -16.00 32.56 24.00
CA GLN C 492 -17.32 33.10 23.70
C GLN C 492 -17.63 32.95 22.22
N LEU C 493 -18.74 32.25 21.90
CA LEU C 493 -19.11 32.07 20.51
C LEU C 493 -19.52 33.38 19.87
N GLU C 494 -20.35 34.17 20.56
CA GLU C 494 -20.81 35.46 20.05
C GLU C 494 -19.83 36.54 20.50
N ALA C 495 -18.68 36.55 19.84
CA ALA C 495 -17.62 37.48 20.22
C ALA C 495 -17.99 38.91 19.82
N ASN C 496 -17.41 39.87 20.54
CA ASN C 496 -17.65 41.27 20.26
C ASN C 496 -17.22 41.61 18.85
N LYS C 497 -18.03 42.43 18.17
CA LYS C 497 -17.72 42.79 16.79
C LYS C 497 -16.45 43.64 16.71
N TRP C 498 -16.18 44.45 17.74
CA TRP C 498 -15.01 45.31 17.73
C TRP C 498 -13.72 44.50 17.75
N VAL C 499 -13.66 43.46 18.59
CA VAL C 499 -12.48 42.63 18.65
C VAL C 499 -12.30 41.87 17.34
N THR C 500 -13.40 41.43 16.73
CA THR C 500 -13.30 40.72 15.46
C THR C 500 -12.71 41.60 14.37
N ALA C 501 -13.13 42.86 14.30
CA ALA C 501 -12.59 43.76 13.30
C ALA C 501 -11.12 44.04 13.57
N ALA C 502 -10.72 44.13 14.83
CA ALA C 502 -9.33 44.41 15.16
C ALA C 502 -8.41 43.29 14.70
N TRP C 503 -8.82 42.04 14.88
CA TRP C 503 -7.99 40.91 14.46
C TRP C 503 -7.91 40.81 12.94
N GLY C 504 -9.00 41.15 12.24
CA GLY C 504 -8.95 41.14 10.80
C GLY C 504 -8.05 42.21 10.23
N VAL C 505 -8.06 43.40 10.84
CA VAL C 505 -7.18 44.47 10.37
C VAL C 505 -5.72 44.09 10.54
N ALA C 506 -5.38 43.50 11.68
CA ALA C 506 -4.00 43.10 11.92
C ALA C 506 -3.55 42.03 10.93
N THR C 507 -4.44 41.09 10.62
CA THR C 507 -4.09 40.03 9.67
C THR C 507 -3.80 40.62 8.29
N ALA C 508 -4.63 41.56 7.84
CA ALA C 508 -4.39 42.19 6.54
C ALA C 508 -3.17 43.09 6.58
N ALA C 509 -2.92 43.72 7.73
CA ALA C 509 -1.70 44.53 7.87
C ALA C 509 -0.47 43.65 7.80
N ILE C 510 -0.51 42.46 8.40
CA ILE C 510 0.62 41.55 8.35
C ILE C 510 0.85 41.07 6.92
N GLY C 511 -0.23 40.69 6.24
CA GLY C 511 -0.10 40.22 4.87
C GLY C 511 0.49 41.28 3.95
N LEU C 512 0.04 42.52 4.09
CA LEU C 512 0.57 43.60 3.27
C LEU C 512 2.05 43.82 3.57
N THR C 513 2.44 43.72 4.84
CA THR C 513 3.84 43.91 5.21
C THR C 513 4.73 42.86 4.54
N LEU C 514 4.29 41.60 4.52
CA LEU C 514 5.09 40.55 3.88
C LEU C 514 5.26 40.84 2.40
N LEU C 515 4.21 41.29 1.74
CA LEU C 515 4.31 41.62 0.31
C LEU C 515 5.22 42.81 0.08
N LEU C 516 5.02 43.89 0.85
CA LEU C 516 5.85 45.07 0.67
C LEU C 516 7.31 44.80 0.97
N SER C 517 7.57 44.05 2.05
CA SER C 517 8.96 43.79 2.43
C SER C 517 9.67 42.99 1.35
N GLY C 518 9.02 41.96 0.81
CA GLY C 518 9.69 41.09 -0.14
C GLY C 518 10.10 41.82 -1.40
N GLY C 519 9.22 42.67 -1.92
CA GLY C 519 9.50 43.37 -3.17
C GLY C 519 9.41 42.45 -4.36
N ASP C 520 10.54 42.23 -5.04
CA ASP C 520 10.55 41.31 -6.17
C ASP C 520 10.23 39.89 -5.72
N ASN C 521 10.84 39.46 -4.62
CA ASN C 521 10.59 38.13 -4.06
C ASN C 521 9.49 38.19 -3.01
N ALA C 522 8.32 38.67 -3.44
CA ALA C 522 7.19 38.80 -2.53
C ALA C 522 6.70 37.44 -2.05
N LEU C 523 6.64 36.45 -2.95
CA LEU C 523 6.21 35.12 -2.55
C LEU C 523 7.18 34.50 -1.56
N SER C 524 8.49 34.68 -1.78
CA SER C 524 9.46 34.08 -0.88
C SER C 524 9.31 34.61 0.54
N ASN C 525 8.98 35.89 0.72
CA ASN C 525 8.82 36.44 2.05
C ASN C 525 7.53 35.96 2.67
N LEU C 526 6.48 35.73 1.90
CA LEU C 526 5.28 35.16 2.48
C LEU C 526 5.54 33.75 3.01
N GLN C 527 6.31 32.96 2.25
CA GLN C 527 6.53 31.57 2.65
C GLN C 527 7.54 31.47 3.79
N ASN C 528 8.54 32.36 3.82
CA ASN C 528 9.55 32.31 4.86
C ASN C 528 8.94 32.62 6.23
N VAL C 529 8.14 33.69 6.32
CA VAL C 529 7.57 34.09 7.60
C VAL C 529 6.54 33.08 8.07
N THR C 530 5.80 32.48 7.12
CA THR C 530 4.79 31.49 7.50
C THR C 530 5.43 30.26 8.13
N ILE C 531 6.57 29.82 7.61
CA ILE C 531 7.25 28.67 8.20
C ILE C 531 7.75 28.99 9.59
N VAL C 532 8.21 30.23 9.80
CA VAL C 532 8.69 30.63 11.12
C VAL C 532 7.53 30.74 12.11
N ALA C 533 6.41 31.31 11.66
CA ALA C 533 5.27 31.51 12.56
C ALA C 533 4.67 30.20 13.01
N ALA C 534 4.66 29.19 12.13
CA ALA C 534 4.00 27.93 12.40
C ALA C 534 4.86 26.95 13.17
N THR C 535 6.16 27.21 13.30
CA THR C 535 7.03 26.26 13.99
C THR C 535 6.66 26.07 15.45
N PRO C 536 6.42 27.12 16.24
CA PRO C 536 5.99 26.88 17.63
C PRO C 536 4.72 26.07 17.75
N PHE C 537 3.77 26.26 16.84
CA PHE C 537 2.50 25.54 16.91
C PHE C 537 2.58 24.12 16.39
N LEU C 538 3.70 23.72 15.78
CA LEU C 538 3.86 22.34 15.35
C LEU C 538 3.84 21.40 16.56
N PHE C 539 4.44 21.83 17.66
CA PHE C 539 4.50 21.01 18.86
C PHE C 539 3.21 21.03 19.67
N VAL C 540 2.38 22.07 19.50
CA VAL C 540 1.04 22.04 20.08
C VAL C 540 0.20 20.95 19.43
N VAL C 541 0.27 20.84 18.10
CA VAL C 541 -0.52 19.83 17.39
C VAL C 541 0.00 18.43 17.73
N ILE C 542 1.31 18.28 17.91
CA ILE C 542 1.85 17.00 18.33
C ILE C 542 1.32 16.63 19.71
N GLY C 543 1.31 17.59 20.63
CA GLY C 543 0.74 17.36 21.94
C GLY C 543 -0.76 17.22 21.93
N LEU C 544 -1.43 17.74 20.91
CA LEU C 544 -2.88 17.60 20.83
C LEU C 544 -3.28 16.17 20.55
N MET C 545 -2.39 15.38 19.95
CA MET C 545 -2.67 13.97 19.75
C MET C 545 -2.67 13.20 21.07
N PHE C 546 -1.71 13.50 21.94
CA PHE C 546 -1.67 12.85 23.24
C PHE C 546 -2.82 13.31 24.13
N ALA C 547 -3.15 14.60 24.09
CA ALA C 547 -4.28 15.11 24.87
C ALA C 547 -5.58 14.50 24.39
N LEU C 548 -5.75 14.37 23.07
CA LEU C 548 -6.99 13.84 22.53
C LEU C 548 -7.18 12.38 22.91
N VAL C 549 -6.12 11.58 22.84
CA VAL C 549 -6.24 10.16 23.16
C VAL C 549 -6.58 9.97 24.64
N LYS C 550 -5.93 10.75 25.52
CA LYS C 550 -6.26 10.67 26.94
C LYS C 550 -7.70 11.10 27.18
N ASP C 551 -8.17 12.11 26.51
CA ASP C 551 -9.52 12.54 26.67
C ASP C 551 -10.46 11.50 26.19
N LEU C 552 -10.22 10.94 25.01
CA LEU C 552 -11.12 9.93 24.47
C LEU C 552 -11.15 8.69 25.35
N SER C 553 -9.99 8.28 25.87
CA SER C 553 -9.95 7.08 26.71
C SER C 553 -10.77 7.25 27.97
N ASN C 554 -10.66 8.39 28.63
CA ASN C 554 -11.39 8.64 29.87
C ASN C 554 -12.78 9.18 29.60
N ASP C 555 -13.54 8.47 28.76
CA ASP C 555 -14.92 8.84 28.50
C ASP C 555 -15.82 8.31 29.61
N VAL C 556 -17.07 8.79 29.62
CA VAL C 556 -17.99 8.34 30.66
C VAL C 556 -18.30 6.86 30.51
N ILE C 557 -18.41 6.37 29.28
CA ILE C 557 -18.74 4.96 29.06
C ILE C 557 -17.67 4.06 29.69
N TYR C 558 -16.41 4.39 29.49
CA TYR C 558 -15.31 3.67 30.13
C TYR C 558 -14.26 4.68 30.57
N LEU C 559 -13.72 4.47 31.77
CA LEU C 559 -12.67 5.35 32.30
C LEU C 559 -11.38 5.18 31.52
#